data_1OVK
# 
_entry.id   1OVK 
# 
_audit_conform.dict_name       mmcif_pdbx.dic 
_audit_conform.dict_version    5.376 
_audit_conform.dict_location   http://mmcif.pdb.org/dictionaries/ascii/mmcif_pdbx.dic 
# 
loop_
_database_2.database_id 
_database_2.database_code 
_database_2.pdbx_database_accession 
_database_2.pdbx_DOI 
PDB   1OVK         pdb_00001ovk 10.2210/pdb1ovk/pdb 
RCSB  RCSB018708   ?            ?                   
WWPDB D_1000018708 ?            ?                   
# 
loop_
_pdbx_database_related.db_name 
_pdbx_database_related.db_id 
_pdbx_database_related.details 
_pdbx_database_related.content_type 
PDB 1LGU 'T4 Lysozyme Mutant L99A/M102Q'                                             unspecified 
PDB 1LGW 'T4 Lysozyme Mutant L99A/M102Q Bound By 2-Fluoroaniline'                    unspecified 
PDB 1LGX 'T4 Lysozyme Mutant L99A/M102Q Bound By 3,5-Difluoroaniline'                unspecified 
PDB 1LI2 'T4 Lysozyme Mutant L99A/M102Q Bound By Phenol'                             unspecified 
PDB 1LI3 'T4 Lysozyme Mutant L99A/M102Q Bound By 3-Chlorophenol'                     unspecified 
PDB 1LI6 'T4 Lysozyme Mutant L99A/M102Q Bound By 5-Methylpyrrole'                    unspecified 
PDB 1OV5 'T4 Lysozyme Cavity Mutant L99a/M102Q Bound With 2-Allylphenol'             unspecified 
PDB 1OV7 'T4 Lysozyme Cavity Mutant L99A/M102Q Bound with 2-Allyl-6-Methyl-Phenol'   unspecified 
PDB 1OVH 'T4 Lysozyme Cavity Mutant L99A/M102Q Bound With 2-Chloro-6-Methyl-Aniline' unspecified 
PDB 1OVJ 'T4 Lysozyme Cavity Mutant L99A/M102Q Bound with 3-Fluoro-2-Methyl_Aniline' unspecified 
# 
_pdbx_database_status.status_code                     REL 
_pdbx_database_status.entry_id                        1OVK 
_pdbx_database_status.recvd_initial_deposition_date   2003-03-26 
_pdbx_database_status.deposit_site                    RCSB 
_pdbx_database_status.process_site                    RCSB 
_pdbx_database_status.status_code_sf                  REL 
_pdbx_database_status.SG_entry                        . 
_pdbx_database_status.pdb_format_compatible           Y 
_pdbx_database_status.status_code_mr                  ? 
_pdbx_database_status.status_code_cs                  ? 
_pdbx_database_status.methods_development_category    ? 
_pdbx_database_status.status_code_nmr_data            ? 
# 
loop_
_audit_author.name 
_audit_author.pdbx_ordinal 
'Wei, B.Q.'      1 
'Baase, W.A.'    2 
'Weaver, L.H.'   3 
'Matthews, B.W.' 4 
'Shoichet, B.K.' 5 
# 
loop_
_citation.id 
_citation.title 
_citation.journal_abbrev 
_citation.journal_volume 
_citation.page_first 
_citation.page_last 
_citation.year 
_citation.journal_id_ASTM 
_citation.country 
_citation.journal_id_ISSN 
_citation.journal_id_CSD 
_citation.book_publisher 
_citation.pdbx_database_id_PubMed 
_citation.pdbx_database_id_DOI 
primary 'Testing a Flexible-receptor Docking Algorithm in a Model Binding Site' J.Mol.Biol. 337 1161 1182 2004 JMOBAK UK 0022-2836 
0070 ? 15046985 10.1016/j.jmb.2004.02.015       
1       
;A Model Binding Site for  
                                Testing Scoring Functions in  
                                Molecular Docking
;
J.Mol.Biol. 322 339  355  2002 JMOBAK UK 0022-2836 0070 ? ?        '10.1016/S0022-2836(02)00777-5' 
# 
loop_
_citation_author.citation_id 
_citation_author.name 
_citation_author.ordinal 
_citation_author.identifier_ORCID 
primary 'Wei, B.Q.'      1  ? 
primary 'Weaver, L.H.'   2  ? 
primary 'Ferrari, A.M.'  3  ? 
primary 'Matthews, B.W.' 4  ? 
primary 'Shoichet, B.K.' 5  ? 
1       'Wei, B.Q.'      6  ? 
1       'Baase, W.A.'    7  ? 
1       'Weaver, L.H.'   8  ? 
1       'Matthews, B.W.' 9  ? 
1       'Shoichet, B.K.' 10 ? 
# 
_cell.entry_id           1OVK 
_cell.length_a           60.800 
_cell.length_b           60.800 
_cell.length_c           97.2 
_cell.angle_alpha        90.00 
_cell.angle_beta         90.00 
_cell.angle_gamma        120.00 
_cell.Z_PDB              6 
_cell.pdbx_unique_axis   ? 
# 
_symmetry.entry_id                         1OVK 
_symmetry.space_group_name_H-M             'P 32 2 1' 
_symmetry.pdbx_full_space_group_name_H-M   ? 
_symmetry.Int_Tables_number                154 
_symmetry.cell_setting                     ? 
# 
loop_
_entity.id 
_entity.type 
_entity.src_method 
_entity.pdbx_description 
_entity.formula_weight 
_entity.pdbx_number_of_molecules 
_entity.pdbx_ec 
_entity.pdbx_mutation 
_entity.pdbx_fragment 
_entity.details 
1 polymer     man Lysozyme             18617.320 1  3.2.1.17 'L99A, M102Q' ? ? 
2 non-polymer syn 'CHLORIDE ION'       35.453    2  ?        ?             ? ? 
3 non-polymer syn BETA-MERCAPTOETHANOL 78.133    3  ?        ?             ? ? 
4 non-polymer syn N-ALLYL-ANILINE      133.190   1  ?        ?             ? ? 
5 water       nat water                18.015    61 ?        ?             ? ? 
# 
_entity_name_com.entity_id   1 
_entity_name_com.name        'Lysis protein, Muramidase, Endolysin' 
# 
_entity_poly.entity_id                      1 
_entity_poly.type                           'polypeptide(L)' 
_entity_poly.nstd_linkage                   no 
_entity_poly.nstd_monomer                   no 
_entity_poly.pdbx_seq_one_letter_code       
;MNIFEMLRIDEGLRLKIYKDTEGYYTIGIGHLLTKSPSLNAAKSELDKAIGRNCNGVITKDEAEKLFNQDVDAAVRGILR
NAKLKPVYDSLDAVRRCAAINQVFQMGETGVAGFTNSLRMLQQKRWDEAAVNLAKSRWYNQTPNRAKRVITTFRTGTWDA
YKNL
;
_entity_poly.pdbx_seq_one_letter_code_can   
;MNIFEMLRIDEGLRLKIYKDTEGYYTIGIGHLLTKSPSLNAAKSELDKAIGRNCNGVITKDEAEKLFNQDVDAAVRGILR
NAKLKPVYDSLDAVRRCAAINQVFQMGETGVAGFTNSLRMLQQKRWDEAAVNLAKSRWYNQTPNRAKRVITTFRTGTWDA
YKNL
;
_entity_poly.pdbx_strand_id                 A 
_entity_poly.pdbx_target_identifier         ? 
# 
loop_
_entity_poly_seq.entity_id 
_entity_poly_seq.num 
_entity_poly_seq.mon_id 
_entity_poly_seq.hetero 
1 1   MET n 
1 2   ASN n 
1 3   ILE n 
1 4   PHE n 
1 5   GLU n 
1 6   MET n 
1 7   LEU n 
1 8   ARG n 
1 9   ILE n 
1 10  ASP n 
1 11  GLU n 
1 12  GLY n 
1 13  LEU n 
1 14  ARG n 
1 15  LEU n 
1 16  LYS n 
1 17  ILE n 
1 18  TYR n 
1 19  LYS n 
1 20  ASP n 
1 21  THR n 
1 22  GLU n 
1 23  GLY n 
1 24  TYR n 
1 25  TYR n 
1 26  THR n 
1 27  ILE n 
1 28  GLY n 
1 29  ILE n 
1 30  GLY n 
1 31  HIS n 
1 32  LEU n 
1 33  LEU n 
1 34  THR n 
1 35  LYS n 
1 36  SER n 
1 37  PRO n 
1 38  SER n 
1 39  LEU n 
1 40  ASN n 
1 41  ALA n 
1 42  ALA n 
1 43  LYS n 
1 44  SER n 
1 45  GLU n 
1 46  LEU n 
1 47  ASP n 
1 48  LYS n 
1 49  ALA n 
1 50  ILE n 
1 51  GLY n 
1 52  ARG n 
1 53  ASN n 
1 54  CYS n 
1 55  ASN n 
1 56  GLY n 
1 57  VAL n 
1 58  ILE n 
1 59  THR n 
1 60  LYS n 
1 61  ASP n 
1 62  GLU n 
1 63  ALA n 
1 64  GLU n 
1 65  LYS n 
1 66  LEU n 
1 67  PHE n 
1 68  ASN n 
1 69  GLN n 
1 70  ASP n 
1 71  VAL n 
1 72  ASP n 
1 73  ALA n 
1 74  ALA n 
1 75  VAL n 
1 76  ARG n 
1 77  GLY n 
1 78  ILE n 
1 79  LEU n 
1 80  ARG n 
1 81  ASN n 
1 82  ALA n 
1 83  LYS n 
1 84  LEU n 
1 85  LYS n 
1 86  PRO n 
1 87  VAL n 
1 88  TYR n 
1 89  ASP n 
1 90  SER n 
1 91  LEU n 
1 92  ASP n 
1 93  ALA n 
1 94  VAL n 
1 95  ARG n 
1 96  ARG n 
1 97  CYS n 
1 98  ALA n 
1 99  ALA n 
1 100 ILE n 
1 101 ASN n 
1 102 GLN n 
1 103 VAL n 
1 104 PHE n 
1 105 GLN n 
1 106 MET n 
1 107 GLY n 
1 108 GLU n 
1 109 THR n 
1 110 GLY n 
1 111 VAL n 
1 112 ALA n 
1 113 GLY n 
1 114 PHE n 
1 115 THR n 
1 116 ASN n 
1 117 SER n 
1 118 LEU n 
1 119 ARG n 
1 120 MET n 
1 121 LEU n 
1 122 GLN n 
1 123 GLN n 
1 124 LYS n 
1 125 ARG n 
1 126 TRP n 
1 127 ASP n 
1 128 GLU n 
1 129 ALA n 
1 130 ALA n 
1 131 VAL n 
1 132 ASN n 
1 133 LEU n 
1 134 ALA n 
1 135 LYS n 
1 136 SER n 
1 137 ARG n 
1 138 TRP n 
1 139 TYR n 
1 140 ASN n 
1 141 GLN n 
1 142 THR n 
1 143 PRO n 
1 144 ASN n 
1 145 ARG n 
1 146 ALA n 
1 147 LYS n 
1 148 ARG n 
1 149 VAL n 
1 150 ILE n 
1 151 THR n 
1 152 THR n 
1 153 PHE n 
1 154 ARG n 
1 155 THR n 
1 156 GLY n 
1 157 THR n 
1 158 TRP n 
1 159 ASP n 
1 160 ALA n 
1 161 TYR n 
1 162 LYS n 
1 163 ASN n 
1 164 LEU n 
# 
_entity_src_gen.entity_id                          1 
_entity_src_gen.pdbx_src_id                        1 
_entity_src_gen.pdbx_alt_source_flag               sample 
_entity_src_gen.pdbx_seq_type                      ? 
_entity_src_gen.pdbx_beg_seq_num                   ? 
_entity_src_gen.pdbx_end_seq_num                   ? 
_entity_src_gen.gene_src_common_name               ? 
_entity_src_gen.gene_src_genus                     'T4-like viruses' 
_entity_src_gen.pdbx_gene_src_gene                 ? 
_entity_src_gen.gene_src_species                   'Enterobacteria phage T4 sensu lato' 
_entity_src_gen.gene_src_strain                    ? 
_entity_src_gen.gene_src_tissue                    ? 
_entity_src_gen.gene_src_tissue_fraction           ? 
_entity_src_gen.gene_src_details                   ? 
_entity_src_gen.pdbx_gene_src_fragment             ? 
_entity_src_gen.pdbx_gene_src_scientific_name      'Enterobacteria phage T4' 
_entity_src_gen.pdbx_gene_src_ncbi_taxonomy_id     10665 
_entity_src_gen.pdbx_gene_src_variant              ? 
_entity_src_gen.pdbx_gene_src_cell_line            ? 
_entity_src_gen.pdbx_gene_src_atcc                 ? 
_entity_src_gen.pdbx_gene_src_organ                ? 
_entity_src_gen.pdbx_gene_src_organelle            ? 
_entity_src_gen.pdbx_gene_src_cell                 ? 
_entity_src_gen.pdbx_gene_src_cellular_location    ? 
_entity_src_gen.host_org_common_name               ? 
_entity_src_gen.pdbx_host_org_scientific_name      'Escherichia coli' 
_entity_src_gen.pdbx_host_org_ncbi_taxonomy_id     562 
_entity_src_gen.host_org_genus                     Escherichia 
_entity_src_gen.pdbx_host_org_gene                 ? 
_entity_src_gen.pdbx_host_org_organ                ? 
_entity_src_gen.host_org_species                   ? 
_entity_src_gen.pdbx_host_org_tissue               ? 
_entity_src_gen.pdbx_host_org_tissue_fraction      ? 
_entity_src_gen.pdbx_host_org_strain               ? 
_entity_src_gen.pdbx_host_org_variant              ? 
_entity_src_gen.pdbx_host_org_cell_line            ? 
_entity_src_gen.pdbx_host_org_atcc                 ? 
_entity_src_gen.pdbx_host_org_culture_collection   ? 
_entity_src_gen.pdbx_host_org_cell                 ? 
_entity_src_gen.pdbx_host_org_organelle            ? 
_entity_src_gen.pdbx_host_org_cellular_location    ? 
_entity_src_gen.pdbx_host_org_vector_type          ? 
_entity_src_gen.pdbx_host_org_vector               ? 
_entity_src_gen.host_org_details                   ? 
_entity_src_gen.expression_system_id               ? 
_entity_src_gen.plasmid_name                       ? 
_entity_src_gen.plasmid_details                    ? 
_entity_src_gen.pdbx_description                   ? 
# 
_struct_ref.id                         1 
_struct_ref.db_name                    UNP 
_struct_ref.db_code                    LYS_BPT4 
_struct_ref.entity_id                  1 
_struct_ref.pdbx_seq_one_letter_code   
;MNIFEMLRIDEGLRLKIYKDTEGYYTIGIGHLLTKSPSLNAAKSELDKAIGRNCNGVITKDEAEKLFNQDVDAAVRGILR
NAKLKPVYDSLDAVRRCALINMVFQMGETGVAGFTNSLRMLQQKRWDEAAVNLAKSRWYNQTPNRAKRVITTFRTGTWDA
YKNL
;
_struct_ref.pdbx_align_begin           1 
_struct_ref.pdbx_db_accession          P00720 
_struct_ref.pdbx_db_isoform            ? 
# 
_struct_ref_seq.align_id                      1 
_struct_ref_seq.ref_id                        1 
_struct_ref_seq.pdbx_PDB_id_code              1OVK 
_struct_ref_seq.pdbx_strand_id                A 
_struct_ref_seq.seq_align_beg                 1 
_struct_ref_seq.pdbx_seq_align_beg_ins_code   ? 
_struct_ref_seq.seq_align_end                 164 
_struct_ref_seq.pdbx_seq_align_end_ins_code   ? 
_struct_ref_seq.pdbx_db_accession             P00720 
_struct_ref_seq.db_align_beg                  1 
_struct_ref_seq.pdbx_db_align_beg_ins_code    ? 
_struct_ref_seq.db_align_end                  164 
_struct_ref_seq.pdbx_db_align_end_ins_code    ? 
_struct_ref_seq.pdbx_auth_seq_align_beg       1 
_struct_ref_seq.pdbx_auth_seq_align_end       164 
# 
loop_
_struct_ref_seq_dif.align_id 
_struct_ref_seq_dif.pdbx_pdb_id_code 
_struct_ref_seq_dif.mon_id 
_struct_ref_seq_dif.pdbx_pdb_strand_id 
_struct_ref_seq_dif.seq_num 
_struct_ref_seq_dif.pdbx_pdb_ins_code 
_struct_ref_seq_dif.pdbx_seq_db_name 
_struct_ref_seq_dif.pdbx_seq_db_accession_code 
_struct_ref_seq_dif.db_mon_id 
_struct_ref_seq_dif.pdbx_seq_db_seq_num 
_struct_ref_seq_dif.details 
_struct_ref_seq_dif.pdbx_auth_seq_num 
_struct_ref_seq_dif.pdbx_ordinal 
1 1OVK ALA A 99  ? UNP P00720 LEU 99  'engineered mutation' 99  1 
1 1OVK GLN A 102 ? UNP P00720 MET 102 'engineered mutation' 102 2 
# 
loop_
_chem_comp.id 
_chem_comp.type 
_chem_comp.mon_nstd_flag 
_chem_comp.name 
_chem_comp.pdbx_synonyms 
_chem_comp.formula 
_chem_comp.formula_weight 
ALA 'L-peptide linking' y ALANINE              ? 'C3 H7 N O2'     89.093  
ARG 'L-peptide linking' y ARGININE             ? 'C6 H15 N4 O2 1' 175.209 
ASN 'L-peptide linking' y ASPARAGINE           ? 'C4 H8 N2 O3'    132.118 
ASP 'L-peptide linking' y 'ASPARTIC ACID'      ? 'C4 H7 N O4'     133.103 
BME non-polymer         . BETA-MERCAPTOETHANOL ? 'C2 H6 O S'      78.133  
CL  non-polymer         . 'CHLORIDE ION'       ? 'Cl -1'          35.453  
CYS 'L-peptide linking' y CYSTEINE             ? 'C3 H7 N O2 S'   121.158 
GLN 'L-peptide linking' y GLUTAMINE            ? 'C5 H10 N2 O3'   146.144 
GLU 'L-peptide linking' y 'GLUTAMIC ACID'      ? 'C5 H9 N O4'     147.129 
GLY 'peptide linking'   y GLYCINE              ? 'C2 H5 N O2'     75.067  
HIS 'L-peptide linking' y HISTIDINE            ? 'C6 H10 N3 O2 1' 156.162 
HOH non-polymer         . WATER                ? 'H2 O'           18.015  
ILE 'L-peptide linking' y ISOLEUCINE           ? 'C6 H13 N O2'    131.173 
LEU 'L-peptide linking' y LEUCINE              ? 'C6 H13 N O2'    131.173 
LYS 'L-peptide linking' y LYSINE               ? 'C6 H15 N2 O2 1' 147.195 
MET 'L-peptide linking' y METHIONINE           ? 'C5 H11 N O2 S'  149.211 
NYL non-polymer         . N-ALLYL-ANILINE      ? 'C9 H11 N'       133.190 
PHE 'L-peptide linking' y PHENYLALANINE        ? 'C9 H11 N O2'    165.189 
PRO 'L-peptide linking' y PROLINE              ? 'C5 H9 N O2'     115.130 
SER 'L-peptide linking' y SERINE               ? 'C3 H7 N O3'     105.093 
THR 'L-peptide linking' y THREONINE            ? 'C4 H9 N O3'     119.119 
TRP 'L-peptide linking' y TRYPTOPHAN           ? 'C11 H12 N2 O2'  204.225 
TYR 'L-peptide linking' y TYROSINE             ? 'C9 H11 N O3'    181.189 
VAL 'L-peptide linking' y VALINE               ? 'C5 H11 N O2'    117.146 
# 
_exptl.entry_id          1OVK 
_exptl.method            'X-RAY DIFFRACTION' 
_exptl.crystals_number   1 
# 
_exptl_crystal.id                    1 
_exptl_crystal.density_meas          ? 
_exptl_crystal.density_Matthews      2.69 
_exptl_crystal.density_percent_sol   53.92 
_exptl_crystal.description           ? 
# 
_diffrn.id                     1 
_diffrn.ambient_temp           298 
_diffrn.ambient_temp_details   ? 
_diffrn.crystal_id             1 
# 
_diffrn_detector.diffrn_id              1 
_diffrn_detector.detector               'AREA DETECTOR' 
_diffrn_detector.type                   'UCSD MARK II' 
_diffrn_detector.pdbx_collection_date   ? 
_diffrn_detector.details                ? 
# 
_diffrn_radiation.diffrn_id                        1 
_diffrn_radiation.wavelength_id                    1 
_diffrn_radiation.pdbx_monochromatic_or_laue_m_l   M 
_diffrn_radiation.monochromator                    graphite 
_diffrn_radiation.pdbx_diffrn_protocol             'SINGLE WAVELENGTH' 
_diffrn_radiation.pdbx_scattering_type             x-ray 
# 
_diffrn_radiation_wavelength.id           1 
_diffrn_radiation_wavelength.wavelength   1.5418 
_diffrn_radiation_wavelength.wt           1.0 
# 
_diffrn_source.diffrn_id                   1 
_diffrn_source.source                      'ROTATING ANODE' 
_diffrn_source.type                        'RIGAKU RU200' 
_diffrn_source.pdbx_synchrotron_site       ? 
_diffrn_source.pdbx_synchrotron_beamline   ? 
_diffrn_source.pdbx_wavelength             ? 
_diffrn_source.pdbx_wavelength_list        1.5418 
# 
_reflns.entry_id                     1OVK 
_reflns.observed_criterion_sigma_F   0 
_reflns.observed_criterion_sigma_I   0 
_reflns.d_resolution_high            2.1 
_reflns.d_resolution_low             13. 
_reflns.number_all                   11599 
_reflns.number_obs                   11599 
_reflns.percent_possible_obs         92 
_reflns.pdbx_Rmerge_I_obs            0.095 
_reflns.pdbx_Rsym_value              ? 
_reflns.pdbx_netI_over_sigmaI        8.4 
_reflns.B_iso_Wilson_estimate        ? 
_reflns.pdbx_redundancy              ? 
_reflns.R_free_details               ? 
_reflns.limit_h_max                  ? 
_reflns.limit_h_min                  ? 
_reflns.limit_k_max                  ? 
_reflns.limit_k_min                  ? 
_reflns.limit_l_max                  ? 
_reflns.limit_l_min                  ? 
_reflns.observed_criterion_F_max     ? 
_reflns.observed_criterion_F_min     ? 
_reflns.pdbx_diffrn_id               1 
_reflns.pdbx_ordinal                 1 
# 
_reflns_shell.d_res_high             2.1 
_reflns_shell.d_res_low              2.26 
_reflns_shell.percent_possible_all   76 
_reflns_shell.Rmerge_I_obs           0.198 
_reflns_shell.pdbx_Rsym_value        ? 
_reflns_shell.meanI_over_sigI_obs    1.8 
_reflns_shell.pdbx_redundancy        ? 
_reflns_shell.percent_possible_obs   ? 
_reflns_shell.number_unique_all      1893 
_reflns_shell.pdbx_diffrn_id         ? 
_reflns_shell.pdbx_ordinal           1 
# 
_refine.entry_id                                 1OVK 
_refine.ls_d_res_high                            2.1 
_refine.ls_d_res_low                             13. 
_refine.pdbx_ls_sigma_F                          0 
_refine.pdbx_ls_sigma_I                          0 
_refine.ls_number_reflns_all                     11535 
_refine.ls_number_reflns_obs                     11535 
_refine.ls_number_reflns_R_free                  ? 
_refine.ls_percent_reflns_obs                    88 
_refine.ls_R_factor_all                          ? 
_refine.ls_R_factor_obs                          0.183 
_refine.ls_R_factor_R_work                       ? 
_refine.ls_R_factor_R_free                       ? 
_refine.ls_redundancy_reflns_obs                 ? 
_refine.pdbx_data_cutoff_high_absF               ? 
_refine.pdbx_data_cutoff_low_absF                ? 
_refine.ls_number_parameters                     ? 
_refine.ls_number_restraints                     ? 
_refine.ls_percent_reflns_R_free                 ? 
_refine.ls_R_factor_R_free_error                 ? 
_refine.ls_R_factor_R_free_error_details         ? 
_refine.pdbx_method_to_determine_struct          'MOLECULAR REPLACEMENT' 
_refine.pdbx_starting_model                      'PDB entry 1LGU' 
_refine.pdbx_ls_cross_valid_method               ? 
_refine.pdbx_R_Free_selection_details            ? 
_refine.pdbx_stereochem_target_val_spec_case     ? 
_refine.pdbx_stereochemistry_target_values       'Engh & Huber' 
_refine.solvent_model_details                    ? 
_refine.solvent_model_param_bsol                 ? 
_refine.solvent_model_param_ksol                 ? 
_refine.occupancy_max                            ? 
_refine.occupancy_min                            ? 
_refine.pdbx_isotropic_thermal_model             isotropic 
_refine.B_iso_mean                               ? 
_refine.aniso_B[1][1]                            ? 
_refine.aniso_B[1][2]                            ? 
_refine.aniso_B[1][3]                            ? 
_refine.aniso_B[2][2]                            ? 
_refine.aniso_B[2][3]                            ? 
_refine.aniso_B[3][3]                            ? 
_refine.details                                  ? 
_refine.B_iso_min                                ? 
_refine.B_iso_max                                ? 
_refine.correlation_coeff_Fo_to_Fc               ? 
_refine.correlation_coeff_Fo_to_Fc_free          ? 
_refine.pdbx_solvent_vdw_probe_radii             ? 
_refine.pdbx_solvent_ion_probe_radii             ? 
_refine.pdbx_solvent_shrinkage_radii             ? 
_refine.overall_SU_R_Cruickshank_DPI             ? 
_refine.overall_SU_R_free                        ? 
_refine.overall_SU_B                             ? 
_refine.overall_SU_ML                            ? 
_refine.pdbx_overall_ESU_R                       ? 
_refine.pdbx_overall_ESU_R_Free                  ? 
_refine.pdbx_data_cutoff_high_rms_absF           ? 
_refine.pdbx_refine_id                           'X-RAY DIFFRACTION' 
_refine.pdbx_diffrn_id                           1 
_refine.pdbx_TLS_residual_ADP_flag               ? 
_refine.pdbx_overall_phase_error                 ? 
_refine.pdbx_overall_SU_R_free_Cruickshank_DPI   ? 
_refine.pdbx_overall_SU_R_Blow_DPI               ? 
_refine.pdbx_overall_SU_R_free_Blow_DPI          ? 
# 
_refine_hist.pdbx_refine_id                   'X-RAY DIFFRACTION' 
_refine_hist.cycle_id                         LAST 
_refine_hist.pdbx_number_atoms_protein        1290 
_refine_hist.pdbx_number_atoms_nucleic_acid   0 
_refine_hist.pdbx_number_atoms_ligand         24 
_refine_hist.number_atoms_solvent             63 
_refine_hist.number_atoms_total               1377 
_refine_hist.d_res_high                       2.1 
_refine_hist.d_res_low                        13. 
# 
loop_
_refine_ls_restr.type 
_refine_ls_restr.dev_ideal 
_refine_ls_restr.dev_ideal_target 
_refine_ls_restr.weight 
_refine_ls_restr.number 
_refine_ls_restr.pdbx_refine_id 
_refine_ls_restr.pdbx_restraint_function 
t_bond_d    0.017 ? ? ? 'X-RAY DIFFRACTION' ? 
t_angle_deg 2.8   ? ? ? 'X-RAY DIFFRACTION' ? 
# 
_struct.entry_id                  1OVK 
_struct.title                     'T4 Lysozyme Cavity Mutant L99A/M102Q Bound with N-Allyl-Aniline' 
_struct.pdbx_model_details        ? 
_struct.pdbx_CASP_flag            ? 
_struct.pdbx_model_type_details   ? 
# 
_struct_keywords.entry_id        1OVK 
_struct_keywords.pdbx_keywords   HYDROLASE 
_struct_keywords.text            'GLYCOSIDASE, BACTERIOLYTIC ENZYME, HYDROLASE' 
# 
loop_
_struct_asym.id 
_struct_asym.pdbx_blank_PDB_chainid_flag 
_struct_asym.pdbx_modified 
_struct_asym.entity_id 
_struct_asym.details 
A N N 1 ? 
B N N 2 ? 
C N N 2 ? 
D N N 3 ? 
E N N 3 ? 
F N N 3 ? 
G N N 4 ? 
H N N 5 ? 
# 
_struct_biol.id                    1 
_struct_biol.pdbx_parent_biol_id   ? 
_struct_biol.details               ? 
# 
loop_
_struct_conf.conf_type_id 
_struct_conf.id 
_struct_conf.pdbx_PDB_helix_id 
_struct_conf.beg_label_comp_id 
_struct_conf.beg_label_asym_id 
_struct_conf.beg_label_seq_id 
_struct_conf.pdbx_beg_PDB_ins_code 
_struct_conf.end_label_comp_id 
_struct_conf.end_label_asym_id 
_struct_conf.end_label_seq_id 
_struct_conf.pdbx_end_PDB_ins_code 
_struct_conf.beg_auth_comp_id 
_struct_conf.beg_auth_asym_id 
_struct_conf.beg_auth_seq_id 
_struct_conf.end_auth_comp_id 
_struct_conf.end_auth_asym_id 
_struct_conf.end_auth_seq_id 
_struct_conf.pdbx_PDB_helix_class 
_struct_conf.details 
_struct_conf.pdbx_PDB_helix_length 
HELX_P HELX_P1  1  ASN A 2   ? GLY A 12  ? ASN A 2   GLY A 12  1 ? 11 
HELX_P HELX_P2  2  SER A 38  ? GLY A 51  ? SER A 38  GLY A 51  1 ? 14 
HELX_P HELX_P3  3  THR A 59  ? ASN A 81  ? THR A 59  ASN A 81  1 ? 23 
HELX_P HELX_P4  4  LEU A 84  ? LEU A 91  ? LEU A 84  LEU A 91  1 ? 8  
HELX_P HELX_P5  5  ASP A 92  ? GLY A 113 ? ASP A 92  GLY A 113 1 ? 22 
HELX_P HELX_P6  6  PHE A 114 ? GLN A 123 ? PHE A 114 GLN A 123 1 ? 10 
HELX_P HELX_P7  7  ARG A 125 ? LYS A 135 ? ARG A 125 LYS A 135 1 ? 11 
HELX_P HELX_P8  8  SER A 136 ? THR A 142 ? SER A 136 THR A 142 1 ? 7  
HELX_P HELX_P9  9  THR A 142 ? GLY A 156 ? THR A 142 GLY A 156 1 ? 15 
HELX_P HELX_P10 10 TRP A 158 ? LYS A 162 ? TRP A 158 LYS A 162 5 ? 5  
# 
_struct_conf_type.id          HELX_P 
_struct_conf_type.criteria    ? 
_struct_conf_type.reference   ? 
# 
_struct_sheet.id               A 
_struct_sheet.type             ? 
_struct_sheet.number_strands   3 
_struct_sheet.details          ? 
# 
loop_
_struct_sheet_order.sheet_id 
_struct_sheet_order.range_id_1 
_struct_sheet_order.range_id_2 
_struct_sheet_order.offset 
_struct_sheet_order.sense 
A 1 2 ? anti-parallel 
A 2 3 ? anti-parallel 
# 
loop_
_struct_sheet_range.sheet_id 
_struct_sheet_range.id 
_struct_sheet_range.beg_label_comp_id 
_struct_sheet_range.beg_label_asym_id 
_struct_sheet_range.beg_label_seq_id 
_struct_sheet_range.pdbx_beg_PDB_ins_code 
_struct_sheet_range.end_label_comp_id 
_struct_sheet_range.end_label_asym_id 
_struct_sheet_range.end_label_seq_id 
_struct_sheet_range.pdbx_end_PDB_ins_code 
_struct_sheet_range.beg_auth_comp_id 
_struct_sheet_range.beg_auth_asym_id 
_struct_sheet_range.beg_auth_seq_id 
_struct_sheet_range.end_auth_comp_id 
_struct_sheet_range.end_auth_asym_id 
_struct_sheet_range.end_auth_seq_id 
A 1 ARG A 14 ? LYS A 19 ? ARG A 14 LYS A 19 
A 2 TYR A 25 ? GLY A 28 ? TYR A 25 GLY A 28 
A 3 HIS A 31 ? THR A 34 ? HIS A 31 THR A 34 
# 
loop_
_pdbx_struct_sheet_hbond.sheet_id 
_pdbx_struct_sheet_hbond.range_id_1 
_pdbx_struct_sheet_hbond.range_id_2 
_pdbx_struct_sheet_hbond.range_1_label_atom_id 
_pdbx_struct_sheet_hbond.range_1_label_comp_id 
_pdbx_struct_sheet_hbond.range_1_label_asym_id 
_pdbx_struct_sheet_hbond.range_1_label_seq_id 
_pdbx_struct_sheet_hbond.range_1_PDB_ins_code 
_pdbx_struct_sheet_hbond.range_1_auth_atom_id 
_pdbx_struct_sheet_hbond.range_1_auth_comp_id 
_pdbx_struct_sheet_hbond.range_1_auth_asym_id 
_pdbx_struct_sheet_hbond.range_1_auth_seq_id 
_pdbx_struct_sheet_hbond.range_2_label_atom_id 
_pdbx_struct_sheet_hbond.range_2_label_comp_id 
_pdbx_struct_sheet_hbond.range_2_label_asym_id 
_pdbx_struct_sheet_hbond.range_2_label_seq_id 
_pdbx_struct_sheet_hbond.range_2_PDB_ins_code 
_pdbx_struct_sheet_hbond.range_2_auth_atom_id 
_pdbx_struct_sheet_hbond.range_2_auth_comp_id 
_pdbx_struct_sheet_hbond.range_2_auth_asym_id 
_pdbx_struct_sheet_hbond.range_2_auth_seq_id 
A 1 2 N TYR A 18 ? N TYR A 18 O THR A 26 ? O THR A 26 
A 2 3 N TYR A 25 ? N TYR A 25 O LEU A 33 ? O LEU A 33 
# 
loop_
_struct_site.id 
_struct_site.pdbx_evidence_code 
_struct_site.pdbx_auth_asym_id 
_struct_site.pdbx_auth_comp_id 
_struct_site.pdbx_auth_seq_id 
_struct_site.pdbx_auth_ins_code 
_struct_site.pdbx_num_residues 
_struct_site.details 
AC1 Software A CL  173 ? 3 'BINDING SITE FOR RESIDUE CL A 173'  
AC2 Software A CL  178 ? 6 'BINDING SITE FOR RESIDUE CL A 178'  
AC3 Software A BME 168 ? 6 'BINDING SITE FOR RESIDUE BME A 168' 
AC4 Software A BME 169 ? 4 'BINDING SITE FOR RESIDUE BME A 169' 
AC5 Software A BME 170 ? 3 'BINDING SITE FOR RESIDUE BME A 170' 
AC6 Software A NYL 405 ? 9 'BINDING SITE FOR RESIDUE NYL A 405' 
# 
loop_
_struct_site_gen.id 
_struct_site_gen.site_id 
_struct_site_gen.pdbx_num_res 
_struct_site_gen.label_comp_id 
_struct_site_gen.label_asym_id 
_struct_site_gen.label_seq_id 
_struct_site_gen.pdbx_auth_ins_code 
_struct_site_gen.auth_comp_id 
_struct_site_gen.auth_asym_id 
_struct_site_gen.auth_seq_id 
_struct_site_gen.label_atom_id 
_struct_site_gen.label_alt_id 
_struct_site_gen.symmetry 
_struct_site_gen.details 
1  AC1 3 ASN A 144 ? ASN A 144 . ? 1_555 ? 
2  AC1 3 ARG A 145 ? ARG A 145 . ? 1_555 ? 
3  AC1 3 HOH H .   ? HOH A 291 . ? 4_655 ? 
4  AC2 6 ALA A 49  ? ALA A 49  . ? 1_555 ? 
5  AC2 6 GLN A 69  ? GLN A 69  . ? 1_555 ? 
6  AC2 6 SER A 136 ? SER A 136 . ? 3_665 ? 
7  AC2 6 ARG A 137 ? ARG A 137 . ? 3_665 ? 
8  AC2 6 ASN A 140 ? ASN A 140 . ? 3_665 ? 
9  AC2 6 HOH H .   ? HOH A 282 . ? 1_555 ? 
10 AC3 6 ASP A 72  ? ASP A 72  . ? 1_555 ? 
11 AC3 6 VAL A 75  ? VAL A 75  . ? 1_555 ? 
12 AC3 6 ARG A 76  ? ARG A 76  . ? 1_555 ? 
13 AC3 6 LEU A 79  ? LEU A 79  . ? 1_555 ? 
14 AC3 6 TYR A 88  ? TYR A 88  . ? 5_555 ? 
15 AC3 6 BME F .   ? BME A 170 . ? 5_555 ? 
16 AC4 4 GLY A 30  ? GLY A 30  . ? 1_555 ? 
17 AC4 4 PHE A 104 ? PHE A 104 . ? 1_555 ? 
18 AC4 4 HOH H .   ? HOH A 256 . ? 1_555 ? 
19 AC4 4 HOH H .   ? HOH A 274 . ? 1_555 ? 
20 AC5 3 ASP A 72  ? ASP A 72  . ? 5_555 ? 
21 AC5 3 BME D .   ? BME A 168 . ? 5_555 ? 
22 AC5 3 HOH H .   ? HOH A 199 . ? 1_555 ? 
23 AC6 9 TYR A 88  ? TYR A 88  . ? 1_555 ? 
24 AC6 9 ALA A 99  ? ALA A 99  . ? 1_555 ? 
25 AC6 9 GLN A 102 ? GLN A 102 . ? 1_555 ? 
26 AC6 9 VAL A 103 ? VAL A 103 . ? 1_555 ? 
27 AC6 9 VAL A 111 ? VAL A 111 . ? 1_555 ? 
28 AC6 9 SER A 117 ? SER A 117 . ? 1_555 ? 
29 AC6 9 LEU A 118 ? LEU A 118 . ? 1_555 ? 
30 AC6 9 LEU A 121 ? LEU A 121 . ? 1_555 ? 
31 AC6 9 PHE A 153 ? PHE A 153 . ? 1_555 ? 
# 
_atom_sites.entry_id                    1OVK 
_atom_sites.fract_transf_matrix[1][1]   -0.00575590 
_atom_sites.fract_transf_matrix[1][2]   0.00850404 
_atom_sites.fract_transf_matrix[1][3]   -0.01597588 
_atom_sites.fract_transf_matrix[2][1]   -0.00307491 
_atom_sites.fract_transf_matrix[2][2]   0.01874030 
_atom_sites.fract_transf_matrix[2][3]   -0.00020537 
_atom_sites.fract_transf_matrix[3][1]   0.00982335 
_atom_sites.fract_transf_matrix[3][2]   0.00158226 
_atom_sites.fract_transf_matrix[3][3]   -0.00269698 
_atom_sites.fract_transf_vector[1]      0.682186 
_atom_sites.fract_transf_vector[2]      0.220637 
_atom_sites.fract_transf_vector[3]      0.100568 
# 
loop_
_atom_type.symbol 
C  
CL 
N  
O  
S  
# 
loop_
_atom_site.group_PDB 
_atom_site.id 
_atom_site.type_symbol 
_atom_site.label_atom_id 
_atom_site.label_alt_id 
_atom_site.label_comp_id 
_atom_site.label_asym_id 
_atom_site.label_entity_id 
_atom_site.label_seq_id 
_atom_site.pdbx_PDB_ins_code 
_atom_site.Cartn_x 
_atom_site.Cartn_y 
_atom_site.Cartn_z 
_atom_site.occupancy 
_atom_site.B_iso_or_equiv 
_atom_site.pdbx_formal_charge 
_atom_site.auth_seq_id 
_atom_site.auth_comp_id 
_atom_site.auth_asym_id 
_atom_site.auth_atom_id 
_atom_site.pdbx_PDB_model_num 
ATOM   1    N  N   . MET A 1 1   ? -0.709  -15.275 -8.529  1.00 17.99  ? 1   MET A N   1 
ATOM   2    C  CA  . MET A 1 1   ? -0.747  -13.961 -7.971  1.00 8.99   ? 1   MET A CA  1 
ATOM   3    C  C   . MET A 1 1   ? 0.157   -13.801 -6.740  1.00 18.70  ? 1   MET A C   1 
ATOM   4    O  O   . MET A 1 1   ? 0.262   -14.701 -5.931  1.00 18.54  ? 1   MET A O   1 
ATOM   5    C  CB  . MET A 1 1   ? -2.212  -13.510 -7.810  1.00 14.08  ? 1   MET A CB  1 
ATOM   6    C  CG  . MET A 1 1   ? -2.329  -12.170 -7.122  1.00 35.25  ? 1   MET A CG  1 
ATOM   7    S  SD  . MET A 1 1   ? -2.647  -10.836 -8.302  1.00 34.85  ? 1   MET A SD  1 
ATOM   8    C  CE  . MET A 1 1   ? -3.605  -11.761 -9.495  1.00 31.77  ? 1   MET A CE  1 
ATOM   9    N  N   . ASN A 1 2   ? 0.808   -12.660 -6.610  1.00 13.44  ? 2   ASN A N   1 
ATOM   10   C  CA  . ASN A 1 2   ? 1.653   -12.386 -5.453  1.00 12.44  ? 2   ASN A CA  1 
ATOM   11   C  C   . ASN A 1 2   ? 1.504   -10.903 -5.148  1.00 22.02  ? 2   ASN A C   1 
ATOM   12   O  O   . ASN A 1 2   ? 0.845   -10.165 -5.854  1.00 2.49   ? 2   ASN A O   1 
ATOM   13   C  CB  . ASN A 1 2   ? 3.145   -12.801 -5.688  1.00 1.00   ? 2   ASN A CB  1 
ATOM   14   C  CG  . ASN A 1 2   ? 3.717   -12.137 -6.904  1.00 24.91  ? 2   ASN A CG  1 
ATOM   15   O  OD1 . ASN A 1 2   ? 3.746   -10.918 -7.002  1.00 8.50   ? 2   ASN A OD1 1 
ATOM   16   N  ND2 . ASN A 1 2   ? 4.154   -12.930 -7.849  1.00 11.02  ? 2   ASN A ND2 1 
ATOM   17   N  N   . ILE A 1 3   ? 2.196   -10.459 -4.130  1.00 10.45  ? 3   ILE A N   1 
ATOM   18   C  CA  . ILE A 1 3   ? 2.107   -9.086  -3.665  1.00 6.07   ? 3   ILE A CA  1 
ATOM   19   C  C   . ILE A 1 3   ? 2.444   -8.024  -4.723  1.00 12.82  ? 3   ILE A C   1 
ATOM   20   O  O   . ILE A 1 3   ? 1.798   -6.965  -4.830  1.00 4.90   ? 3   ILE A O   1 
ATOM   21   C  CB  . ILE A 1 3   ? 2.966   -8.930  -2.385  1.00 13.60  ? 3   ILE A CB  1 
ATOM   22   C  CG1 . ILE A 1 3   ? 2.762   -7.583  -1.662  1.00 1.29   ? 3   ILE A CG1 1 
ATOM   23   C  CG2 . ILE A 1 3   ? 4.455   -9.176  -2.713  1.00 4.40   ? 3   ILE A CG2 1 
ATOM   24   C  CD1 . ILE A 1 3   ? 1.314   -7.095  -1.708  1.00 16.99  ? 3   ILE A CD1 1 
ATOM   25   N  N   . PHE A 1 4   ? 3.497   -8.333  -5.495  1.00 11.27  ? 4   PHE A N   1 
ATOM   26   C  CA  . PHE A 1 4   ? 3.992   -7.427  -6.503  1.00 2.48   ? 4   PHE A CA  1 
ATOM   27   C  C   . PHE A 1 4   ? 3.012   -7.170  -7.608  1.00 7.93   ? 4   PHE A C   1 
ATOM   28   O  O   . PHE A 1 4   ? 2.799   -6.037  -8.119  1.00 9.56   ? 4   PHE A O   1 
ATOM   29   C  CB  . PHE A 1 4   ? 5.304   -7.996  -7.078  1.00 1.00   ? 4   PHE A CB  1 
ATOM   30   C  CG  . PHE A 1 4   ? 6.421   -7.736  -6.083  1.00 11.35  ? 4   PHE A CG  1 
ATOM   31   C  CD1 . PHE A 1 4   ? 6.952   -8.804  -5.372  1.00 20.70  ? 4   PHE A CD1 1 
ATOM   32   C  CD2 . PHE A 1 4   ? 6.935   -6.470  -5.822  1.00 10.03  ? 4   PHE A CD2 1 
ATOM   33   C  CE1 . PHE A 1 4   ? 7.948   -8.630  -4.415  1.00 8.94   ? 4   PHE A CE1 1 
ATOM   34   C  CE2 . PHE A 1 4   ? 7.969   -6.273  -4.909  1.00 16.31  ? 4   PHE A CE2 1 
ATOM   35   C  CZ  . PHE A 1 4   ? 8.457   -7.353  -4.180  1.00 13.49  ? 4   PHE A CZ  1 
ATOM   36   N  N   . GLU A 1 5   ? 2.426   -8.302  -7.986  1.00 5.75   ? 5   GLU A N   1 
ATOM   37   C  CA  . GLU A 1 5   ? 1.460   -8.266  -9.081  1.00 7.14   ? 5   GLU A CA  1 
ATOM   38   C  C   . GLU A 1 5   ? 0.253   -7.523  -8.575  1.00 20.39  ? 5   GLU A C   1 
ATOM   39   O  O   . GLU A 1 5   ? -0.356  -6.689  -9.244  1.00 13.65  ? 5   GLU A O   1 
ATOM   40   C  CB  . GLU A 1 5   ? 0.968   -9.668  -9.510  1.00 10.67  ? 5   GLU A CB  1 
ATOM   41   C  CG  . GLU A 1 5   ? 2.032   -10.537 -10.213 1.00 38.88  ? 5   GLU A CG  1 
ATOM   42   C  CD  . GLU A 1 5   ? 1.684   -11.996 -10.348 1.00 44.00  ? 5   GLU A CD  1 
ATOM   43   O  OE1 . GLU A 1 5   ? 0.998   -12.568 -9.540  1.00 53.74  ? 5   GLU A OE1 1 
ATOM   44   O  OE2 . GLU A 1 5   ? 2.142   -12.571 -11.438 1.00 100.00 ? 5   GLU A OE2 1 
ATOM   45   N  N   . MET A 1 6   ? -0.079  -7.858  -7.349  1.00 9.71   ? 6   MET A N   1 
ATOM   46   C  CA  . MET A 1 6   ? -1.216  -7.241  -6.759  1.00 1.00   ? 6   MET A CA  1 
ATOM   47   C  C   . MET A 1 6   ? -1.085  -5.747  -6.696  1.00 14.13  ? 6   MET A C   1 
ATOM   48   O  O   . MET A 1 6   ? -1.951  -4.964  -7.097  1.00 18.92  ? 6   MET A O   1 
ATOM   49   C  CB  . MET A 1 6   ? -1.435  -7.852  -5.365  1.00 6.61   ? 6   MET A CB  1 
ATOM   50   C  CG  . MET A 1 6   ? -2.620  -7.222  -4.625  1.00 12.47  ? 6   MET A CG  1 
ATOM   51   S  SD  . MET A 1 6   ? -2.594  -7.566  -2.787  1.00 15.17  ? 6   MET A SD  1 
ATOM   52   C  CE  . MET A 1 6   ? -4.358  -7.431  -2.356  1.00 23.19  ? 6   MET A CE  1 
ATOM   53   N  N   . LEU A 1 7   ? -0.002  -5.360  -6.100  1.00 10.31  ? 7   LEU A N   1 
ATOM   54   C  CA  . LEU A 1 7   ? 0.119   -3.944  -5.993  1.00 10.33  ? 7   LEU A CA  1 
ATOM   55   C  C   . LEU A 1 7   ? 0.345   -3.354  -7.347  1.00 23.57  ? 7   LEU A C   1 
ATOM   56   O  O   . LEU A 1 7   ? -0.010  -2.198  -7.527  1.00 5.58   ? 7   LEU A O   1 
ATOM   57   C  CB  . LEU A 1 7   ? 1.270   -3.550  -5.093  1.00 5.05   ? 7   LEU A CB  1 
ATOM   58   C  CG  . LEU A 1 7   ? 0.967   -3.650  -3.607  1.00 19.04  ? 7   LEU A CG  1 
ATOM   59   C  CD1 . LEU A 1 7   ? 2.264   -3.876  -2.847  1.00 20.27  ? 7   LEU A CD1 1 
ATOM   60   C  CD2 . LEU A 1 7   ? 0.290   -2.361  -3.178  1.00 8.23   ? 7   LEU A CD2 1 
ATOM   61   N  N   . ARG A 1 8   ? 0.966   -4.098  -8.267  1.00 9.05   ? 8   ARG A N   1 
ATOM   62   C  CA  . ARG A 1 8   ? 1.171   -3.421  -9.534  1.00 17.37  ? 8   ARG A CA  1 
ATOM   63   C  C   . ARG A 1 8   ? -0.143  -3.051  -10.167 1.00 17.77  ? 8   ARG A C   1 
ATOM   64   O  O   . ARG A 1 8   ? -0.239  -2.080  -10.888 1.00 18.04  ? 8   ARG A O   1 
ATOM   65   C  CB  . ARG A 1 8   ? 1.995   -4.174  -10.575 1.00 17.35  ? 8   ARG A CB  1 
ATOM   66   C  CG  . ARG A 1 8   ? 1.883   -3.561  -11.987 1.00 16.30  ? 8   ARG A CG  1 
ATOM   67   C  CD  . ARG A 1 8   ? 3.169   -2.950  -12.545 1.00 35.17  ? 8   ARG A CD  1 
ATOM   68   N  NE  . ARG A 1 8   ? 3.131   -2.449  -13.953 1.00 26.22  ? 8   ARG A NE  1 
ATOM   69   C  CZ  . ARG A 1 8   ? 2.068   -1.911  -14.614 1.00 100.00 ? 8   ARG A CZ  1 
ATOM   70   N  NH1 . ARG A 1 8   ? 0.841   -1.787  -14.087 1.00 27.35  ? 8   ARG A NH1 1 
ATOM   71   N  NH2 . ARG A 1 8   ? 2.223   -1.490  -15.878 1.00 44.47  ? 8   ARG A NH2 1 
ATOM   72   N  N   . ILE A 1 9   ? -1.134  -3.862  -9.877  1.00 7.10   ? 9   ILE A N   1 
ATOM   73   C  CA  . ILE A 1 9   ? -2.449  -3.665  -10.350 1.00 17.73  ? 9   ILE A CA  1 
ATOM   74   C  C   . ILE A 1 9   ? -3.096  -2.462  -9.642  1.00 15.69  ? 9   ILE A C   1 
ATOM   75   O  O   . ILE A 1 9   ? -3.672  -1.604  -10.307 1.00 16.75  ? 9   ILE A O   1 
ATOM   76   C  CB  . ILE A 1 9   ? -3.305  -4.961  -10.257 1.00 9.46   ? 9   ILE A CB  1 
ATOM   77   C  CG1 . ILE A 1 9   ? -2.996  -5.988  -11.356 1.00 13.70  ? 9   ILE A CG1 1 
ATOM   78   C  CG2 . ILE A 1 9   ? -4.804  -4.629  -10.324 1.00 8.44   ? 9   ILE A CG2 1 
ATOM   79   C  CD1 . ILE A 1 9   ? -3.606  -7.359  -11.047 1.00 28.36  ? 9   ILE A CD1 1 
ATOM   80   N  N   . ASP A 1 10  ? -3.016  -2.402  -8.323  1.00 15.34  ? 10  ASP A N   1 
ATOM   81   C  CA  . ASP A 1 10  ? -3.648  -1.310  -7.620  1.00 19.30  ? 10  ASP A CA  1 
ATOM   82   C  C   . ASP A 1 10  ? -3.023  0.051   -7.818  1.00 25.59  ? 10  ASP A C   1 
ATOM   83   O  O   . ASP A 1 10  ? -3.763  1.035   -7.773  1.00 14.05  ? 10  ASP A O   1 
ATOM   84   C  CB  . ASP A 1 10  ? -3.786  -1.585  -6.125  1.00 1.00   ? 10  ASP A CB  1 
ATOM   85   C  CG  . ASP A 1 10  ? -4.811  -2.607  -5.773  1.00 14.03  ? 10  ASP A CG  1 
ATOM   86   O  OD1 . ASP A 1 10  ? -5.827  -2.748  -6.436  1.00 12.09  ? 10  ASP A OD1 1 
ATOM   87   O  OD2 . ASP A 1 10  ? -4.412  -3.403  -4.796  1.00 10.40  ? 10  ASP A OD2 1 
ATOM   88   N  N   . GLU A 1 11  ? -1.694  0.140   -7.967  1.00 12.53  ? 11  GLU A N   1 
ATOM   89   C  CA  . GLU A 1 11  ? -1.082  1.475   -8.084  1.00 11.71  ? 11  GLU A CA  1 
ATOM   90   C  C   . GLU A 1 11  ? -0.744  1.875   -9.512  1.00 10.38  ? 11  GLU A C   1 
ATOM   91   O  O   . GLU A 1 11  ? -0.356  3.018   -9.774  1.00 19.08  ? 11  GLU A O   1 
ATOM   92   C  CB  . GLU A 1 11  ? 0.246   1.462   -7.349  1.00 6.38   ? 11  GLU A CB  1 
ATOM   93   C  CG  . GLU A 1 11  ? 0.110   1.085   -5.896  1.00 10.42  ? 11  GLU A CG  1 
ATOM   94   C  CD  . GLU A 1 11  ? -0.476  2.231   -5.128  1.00 20.08  ? 11  GLU A CD  1 
ATOM   95   O  OE1 . GLU A 1 11  ? -0.539  3.348   -5.557  1.00 11.64  ? 11  GLU A OE1 1 
ATOM   96   O  OE2 . GLU A 1 11  ? -0.861  1.914   -3.938  1.00 10.80  ? 11  GLU A OE2 1 
ATOM   97   N  N   . GLY A 1 12  ? -0.748  0.889   -10.407 1.00 18.68  ? 12  GLY A N   1 
ATOM   98   C  CA  . GLY A 1 12  ? -0.341  1.120   -11.810 1.00 17.18  ? 12  GLY A CA  1 
ATOM   99   C  C   . GLY A 1 12  ? 1.144   1.503   -11.909 1.00 21.25  ? 12  GLY A C   1 
ATOM   100  O  O   . GLY A 1 12  ? 1.838   1.433   -10.891 1.00 8.49   ? 12  GLY A O   1 
ATOM   101  N  N   . LEU A 1 13  ? 1.628   1.928   -13.101 1.00 22.40  ? 13  LEU A N   1 
ATOM   102  C  CA  . LEU A 1 13  ? 3.018   2.334   -13.310 1.00 23.47  ? 13  LEU A CA  1 
ATOM   103  C  C   . LEU A 1 13  ? 3.210   3.642   -14.110 1.00 12.91  ? 13  LEU A C   1 
ATOM   104  O  O   . LEU A 1 13  ? 2.797   3.703   -15.233 1.00 20.70  ? 13  LEU A O   1 
ATOM   105  C  CB  . LEU A 1 13  ? 3.738   1.169   -14.003 1.00 22.15  ? 13  LEU A CB  1 
ATOM   106  C  CG  . LEU A 1 13  ? 5.127   1.609   -14.482 1.00 38.29  ? 13  LEU A CG  1 
ATOM   107  C  CD1 . LEU A 1 13  ? 5.920   2.071   -13.292 1.00 28.70  ? 13  LEU A CD1 1 
ATOM   108  C  CD2 . LEU A 1 13  ? 5.905   0.450   -15.091 1.00 39.84  ? 13  LEU A CD2 1 
ATOM   109  N  N   . ARG A 1 14  ? 3.852   4.686   -13.563 1.00 24.53  ? 14  ARG A N   1 
ATOM   110  C  CA  . ARG A 1 14  ? 4.057   5.964   -14.274 1.00 9.10   ? 14  ARG A CA  1 
ATOM   111  C  C   . ARG A 1 14  ? 5.484   6.407   -14.180 1.00 17.63  ? 14  ARG A C   1 
ATOM   112  O  O   . ARG A 1 14  ? 6.088   6.377   -13.111 1.00 8.19   ? 14  ARG A O   1 
ATOM   113  C  CB  . ARG A 1 14  ? 3.234   7.057   -13.664 1.00 17.11  ? 14  ARG A CB  1 
ATOM   114  C  CG  . ARG A 1 14  ? 1.823   6.603   -13.454 1.00 27.45  ? 14  ARG A CG  1 
ATOM   115  C  CD  . ARG A 1 14  ? 0.850   7.371   -14.347 1.00 20.24  ? 14  ARG A CD  1 
ATOM   116  N  NE  . ARG A 1 14  ? 1.307   8.674   -14.786 1.00 100.00 ? 14  ARG A NE  1 
ATOM   117  C  CZ  . ARG A 1 14  ? 0.602   9.784   -14.570 1.00 100.00 ? 14  ARG A CZ  1 
ATOM   118  N  NH1 . ARG A 1 14  ? -0.576  9.764   -13.910 1.00 72.19  ? 14  ARG A NH1 1 
ATOM   119  N  NH2 . ARG A 1 14  ? 1.103   10.947  -15.013 1.00 100.00 ? 14  ARG A NH2 1 
ATOM   120  N  N   . LEU A 1 15  ? 6.019   6.751   -15.330 1.00 19.58  ? 15  LEU A N   1 
ATOM   121  C  CA  . LEU A 1 15  ? 7.401   7.119   -15.435 1.00 16.75  ? 15  LEU A CA  1 
ATOM   122  C  C   . LEU A 1 15  ? 7.744   8.571   -15.188 1.00 21.81  ? 15  LEU A C   1 
ATOM   123  O  O   . LEU A 1 15  ? 8.933   8.901   -15.060 1.00 27.87  ? 15  LEU A O   1 
ATOM   124  C  CB  . LEU A 1 15  ? 7.990   6.516   -16.718 1.00 10.99  ? 15  LEU A CB  1 
ATOM   125  C  CG  . LEU A 1 15  ? 7.991   4.996   -16.510 1.00 22.25  ? 15  LEU A CG  1 
ATOM   126  C  CD1 . LEU A 1 15  ? 8.781   4.246   -17.565 1.00 24.38  ? 15  LEU A CD1 1 
ATOM   127  C  CD2 . LEU A 1 15  ? 8.613   4.708   -15.153 1.00 37.26  ? 15  LEU A CD2 1 
ATOM   128  N  N   . LYS A 1 16  ? 6.700   9.410   -15.116 1.00 16.58  ? 16  LYS A N   1 
ATOM   129  C  CA  . LYS A 1 16  ? 6.884   10.842  -14.906 1.00 20.58  ? 16  LYS A CA  1 
ATOM   130  C  C   . LYS A 1 16  ? 6.231   11.217  -13.614 1.00 20.37  ? 16  LYS A C   1 
ATOM   131  O  O   . LYS A 1 16  ? 5.281   10.540  -13.247 1.00 22.19  ? 16  LYS A O   1 
ATOM   132  C  CB  . LYS A 1 16  ? 6.194   11.692  -15.977 1.00 28.63  ? 16  LYS A CB  1 
ATOM   133  C  CG  . LYS A 1 16  ? 5.183   12.647  -15.350 1.00 100.00 ? 16  LYS A CG  1 
ATOM   134  C  CD  . LYS A 1 16  ? 5.427   14.141  -15.622 1.00 100.00 ? 16  LYS A CD  1 
ATOM   135  C  CE  . LYS A 1 16  ? 6.291   14.889  -14.596 1.00 100.00 ? 16  LYS A CE  1 
ATOM   136  N  NZ  . LYS A 1 16  ? 5.601   16.007  -13.922 1.00 83.35  ? 16  LYS A NZ  1 
ATOM   137  N  N   . ILE A 1 17  ? 6.729   12.245  -12.929 1.00 13.44  ? 17  ILE A N   1 
ATOM   138  C  CA  . ILE A 1 17  ? 6.072   12.603  -11.693 1.00 10.64  ? 17  ILE A CA  1 
ATOM   139  C  C   . ILE A 1 17  ? 4.559   12.772  -11.829 1.00 21.98  ? 17  ILE A C   1 
ATOM   140  O  O   . ILE A 1 17  ? 4.045   13.263  -12.837 1.00 23.11  ? 17  ILE A O   1 
ATOM   141  C  CB  . ILE A 1 17  ? 6.640   13.864  -11.116 1.00 9.44   ? 17  ILE A CB  1 
ATOM   142  C  CG1 . ILE A 1 17  ? 8.076   13.617  -10.686 1.00 9.14   ? 17  ILE A CG1 1 
ATOM   143  C  CG2 . ILE A 1 17  ? 5.720   14.438  -10.008 1.00 10.34  ? 17  ILE A CG2 1 
ATOM   144  C  CD1 . ILE A 1 17  ? 8.580   14.709  -9.693  1.00 12.38  ? 17  ILE A CD1 1 
ATOM   145  N  N   . TYR A 1 18  ? 3.849   12.325  -10.795 1.00 10.63  ? 18  TYR A N   1 
ATOM   146  C  CA  . TYR A 1 18  ? 2.469   12.490  -10.869 1.00 11.47  ? 18  TYR A CA  1 
ATOM   147  C  C   . TYR A 1 18  ? 1.858   12.821  -9.549  1.00 27.96  ? 18  TYR A C   1 
ATOM   148  O  O   . TYR A 1 18  ? 2.541   12.715  -8.513  1.00 19.75  ? 18  TYR A O   1 
ATOM   149  C  CB  . TYR A 1 18  ? 1.782   11.384  -11.654 1.00 15.59  ? 18  TYR A CB  1 
ATOM   150  C  CG  . TYR A 1 18  ? 1.724   10.089  -10.886 1.00 33.40  ? 18  TYR A CG  1 
ATOM   151  C  CD1 . TYR A 1 18  ? 0.618   9.754   -10.096 1.00 21.76  ? 18  TYR A CD1 1 
ATOM   152  C  CD2 . TYR A 1 18  ? 2.776   9.175   -10.982 1.00 24.04  ? 18  TYR A CD2 1 
ATOM   153  C  CE1 . TYR A 1 18  ? 0.531   8.527   -9.421  1.00 10.11  ? 18  TYR A CE1 1 
ATOM   154  C  CE2 . TYR A 1 18  ? 2.726   7.966   -10.291 1.00 36.03  ? 18  TYR A CE2 1 
ATOM   155  C  CZ  . TYR A 1 18  ? 1.618   7.654   -9.493  1.00 15.03  ? 18  TYR A CZ  1 
ATOM   156  O  OH  . TYR A 1 18  ? 1.621   6.424   -8.888  1.00 35.91  ? 18  TYR A OH  1 
ATOM   157  N  N   . LYS A 1 19  ? 0.581   13.212  -9.648  1.00 7.05   ? 19  LYS A N   1 
ATOM   158  C  CA  . LYS A 1 19  ? -0.154  13.522  -8.438  1.00 18.11  ? 19  LYS A CA  1 
ATOM   159  C  C   . LYS A 1 19  ? -1.044  12.334  -8.043  1.00 31.57  ? 19  LYS A C   1 
ATOM   160  O  O   . LYS A 1 19  ? -1.775  11.752  -8.857  1.00 15.58  ? 19  LYS A O   1 
ATOM   161  C  CB  . LYS A 1 19  ? -0.901  14.832  -8.444  1.00 19.28  ? 19  LYS A CB  1 
ATOM   162  C  CG  . LYS A 1 19  ? -0.024  16.040  -8.118  1.00 32.65  ? 19  LYS A CG  1 
ATOM   163  C  CD  . LYS A 1 19  ? -0.700  17.168  -7.326  1.00 34.46  ? 19  LYS A CD  1 
ATOM   164  C  CE  . LYS A 1 19  ? -0.711  18.533  -8.051  1.00 25.03  ? 19  LYS A CE  1 
ATOM   165  N  NZ  . LYS A 1 19  ? -1.235  19.702  -7.291  1.00 56.46  ? 19  LYS A NZ  1 
ATOM   166  N  N   . ASP A 1 20  ? -0.969  11.913  -6.790  1.00 19.22  ? 20  ASP A N   1 
ATOM   167  C  CA  . ASP A 1 20  ? -1.789  10.774  -6.440  1.00 12.19  ? 20  ASP A CA  1 
ATOM   168  C  C   . ASP A 1 20  ? -3.217  11.187  -6.211  1.00 19.78  ? 20  ASP A C   1 
ATOM   169  O  O   . ASP A 1 20  ? -3.606  12.357  -6.398  1.00 19.83  ? 20  ASP A O   1 
ATOM   170  C  CB  . ASP A 1 20  ? -1.150  9.920   -5.326  1.00 6.38   ? 20  ASP A CB  1 
ATOM   171  C  CG  . ASP A 1 20  ? -1.237  10.640  -4.012  1.00 26.52  ? 20  ASP A CG  1 
ATOM   172  O  OD1 . ASP A 1 20  ? -1.617  11.795  -3.933  1.00 32.67  ? 20  ASP A OD1 1 
ATOM   173  O  OD2 . ASP A 1 20  ? -0.983  9.887   -2.980  1.00 18.67  ? 20  ASP A OD2 1 
ATOM   174  N  N   . THR A 1 21  ? -3.982  10.209  -5.760  1.00 11.90  ? 21  THR A N   1 
ATOM   175  C  CA  . THR A 1 21  ? -5.391  10.412  -5.496  1.00 23.35  ? 21  THR A CA  1 
ATOM   176  C  C   . THR A 1 21  ? -5.620  11.450  -4.406  1.00 34.15  ? 21  THR A C   1 
ATOM   177  O  O   . THR A 1 21  ? -6.709  11.996  -4.334  1.00 18.29  ? 21  THR A O   1 
ATOM   178  C  CB  . THR A 1 21  ? -6.090  9.078   -5.169  1.00 49.72  ? 21  THR A CB  1 
ATOM   179  O  OG1 . THR A 1 21  ? -5.771  8.853   -3.826  1.00 38.92  ? 21  THR A OG1 1 
ATOM   180  C  CG2 . THR A 1 21  ? -5.556  7.894   -6.001  1.00 50.25  ? 21  THR A CG2 1 
ATOM   181  N  N   . GLU A 1 22  ? -4.599  11.725  -3.561  1.00 32.34  ? 22  GLU A N   1 
ATOM   182  C  CA  . GLU A 1 22  ? -4.691  12.766  -2.489  1.00 13.63  ? 22  GLU A CA  1 
ATOM   183  C  C   . GLU A 1 22  ? -4.054  14.093  -2.869  1.00 10.57  ? 22  GLU A C   1 
ATOM   184  O  O   . GLU A 1 22  ? -4.146  15.034  -2.076  1.00 19.82  ? 22  GLU A O   1 
ATOM   185  C  CB  . GLU A 1 22  ? -4.199  12.364  -1.112  1.00 6.49   ? 22  GLU A CB  1 
ATOM   186  C  CG  . GLU A 1 22  ? -4.803  10.992  -0.705  1.00 36.67  ? 22  GLU A CG  1 
ATOM   187  C  CD  . GLU A 1 22  ? -5.887  11.073  0.327   1.00 21.12  ? 22  GLU A CD  1 
ATOM   188  O  OE1 . GLU A 1 22  ? -6.253  12.138  0.824   1.00 58.80  ? 22  GLU A OE1 1 
ATOM   189  O  OE2 . GLU A 1 22  ? -6.252  9.881   0.757   1.00 100.00 ? 22  GLU A OE2 1 
ATOM   190  N  N   . GLY A 1 23  ? -3.441  14.122  -4.096  1.00 8.12   ? 23  GLY A N   1 
ATOM   191  C  CA  . GLY A 1 23  ? -2.782  15.288  -4.703  1.00 9.70   ? 23  GLY A CA  1 
ATOM   192  C  C   . GLY A 1 23  ? -1.304  15.362  -4.423  1.00 22.17  ? 23  GLY A C   1 
ATOM   193  O  O   . GLY A 1 23  ? -0.696  16.402  -4.569  1.00 24.42  ? 23  GLY A O   1 
ATOM   194  N  N   . TYR A 1 24  ? -0.694  14.245  -4.050  1.00 11.89  ? 24  TYR A N   1 
ATOM   195  C  CA  . TYR A 1 24  ? 0.705   14.336  -3.767  1.00 9.36   ? 24  TYR A CA  1 
ATOM   196  C  C   . TYR A 1 24  ? 1.555   13.738  -4.790  1.00 19.78  ? 24  TYR A C   1 
ATOM   197  O  O   . TYR A 1 24  ? 1.191   12.748  -5.396  1.00 14.64  ? 24  TYR A O   1 
ATOM   198  C  CB  . TYR A 1 24  ? 1.089   13.603  -2.510  1.00 19.30  ? 24  TYR A CB  1 
ATOM   199  C  CG  . TYR A 1 24  ? 0.275   13.919  -1.309  1.00 19.82  ? 24  TYR A CG  1 
ATOM   200  C  CD1 . TYR A 1 24  ? -0.169  12.908  -0.457  1.00 18.59  ? 24  TYR A CD1 1 
ATOM   201  C  CD2 . TYR A 1 24  ? 0.124   15.241  -0.903  1.00 25.72  ? 24  TYR A CD2 1 
ATOM   202  C  CE1 . TYR A 1 24  ? -0.878  13.181  0.711   1.00 24.78  ? 24  TYR A CE1 1 
ATOM   203  C  CE2 . TYR A 1 24  ? -0.610  15.523  0.252   1.00 41.79  ? 24  TYR A CE2 1 
ATOM   204  C  CZ  . TYR A 1 24  ? -1.105  14.507  1.072   1.00 28.60  ? 24  TYR A CZ  1 
ATOM   205  O  OH  . TYR A 1 24  ? -1.792  14.807  2.246   1.00 52.79  ? 24  TYR A OH  1 
ATOM   206  N  N   . TYR A 1 25  ? 2.723   14.348  -4.853  1.00 16.10  ? 25  TYR A N   1 
ATOM   207  C  CA  . TYR A 1 25  ? 3.767   13.962  -5.753  1.00 21.23  ? 25  TYR A CA  1 
ATOM   208  C  C   . TYR A 1 25  ? 4.238   12.536  -5.528  1.00 19.11  ? 25  TYR A C   1 
ATOM   209  O  O   . TYR A 1 25  ? 4.730   12.123  -4.465  1.00 15.54  ? 25  TYR A O   1 
ATOM   210  C  CB  . TYR A 1 25  ? 4.898   14.992  -5.648  1.00 10.08  ? 25  TYR A CB  1 
ATOM   211  C  CG  . TYR A 1 25  ? 4.437   16.248  -6.334  1.00 23.36  ? 25  TYR A CG  1 
ATOM   212  C  CD1 . TYR A 1 25  ? 4.744   17.474  -5.747  1.00 20.66  ? 25  TYR A CD1 1 
ATOM   213  C  CD2 . TYR A 1 25  ? 3.673   16.216  -7.504  1.00 24.99  ? 25  TYR A CD2 1 
ATOM   214  C  CE1 . TYR A 1 25  ? 4.315   18.674  -6.309  1.00 18.96  ? 25  TYR A CE1 1 
ATOM   215  C  CE2 . TYR A 1 25  ? 3.235   17.412  -8.076  1.00 37.11  ? 25  TYR A CE2 1 
ATOM   216  C  CZ  . TYR A 1 25  ? 3.573   18.636  -7.488  1.00 43.14  ? 25  TYR A CZ  1 
ATOM   217  O  OH  . TYR A 1 25  ? 3.185   19.819  -8.057  1.00 30.20  ? 25  TYR A OH  1 
ATOM   218  N  N   . THR A 1 26  ? 4.099   11.798  -6.598  1.00 13.23  ? 26  THR A N   1 
ATOM   219  C  CA  . THR A 1 26  ? 4.407   10.392  -6.562  1.00 25.03  ? 26  THR A CA  1 
ATOM   220  C  C   . THR A 1 26  ? 4.994   9.945   -7.887  1.00 11.07  ? 26  THR A C   1 
ATOM   221  O  O   . THR A 1 26  ? 4.846   10.610  -8.909  1.00 12.06  ? 26  THR A O   1 
ATOM   222  C  CB  . THR A 1 26  ? 3.025   9.672   -6.426  1.00 20.29  ? 26  THR A CB  1 
ATOM   223  O  OG1 . THR A 1 26  ? 2.293   10.075  -5.259  1.00 9.52   ? 26  THR A OG1 1 
ATOM   224  C  CG2 . THR A 1 26  ? 3.128   8.149   -6.525  1.00 15.13  ? 26  THR A CG2 1 
ATOM   225  N  N   . ILE A 1 27  ? 5.609   8.759   -7.887  1.00 23.62  ? 27  ILE A N   1 
ATOM   226  C  CA  . ILE A 1 27  ? 6.171   8.270   -9.124  1.00 23.81  ? 27  ILE A CA  1 
ATOM   227  C  C   . ILE A 1 27  ? 6.277   6.770   -9.174  1.00 7.11   ? 27  ILE A C   1 
ATOM   228  O  O   . ILE A 1 27  ? 6.210   6.053   -8.186  1.00 14.16  ? 27  ILE A O   1 
ATOM   229  C  CB  . ILE A 1 27  ? 7.542   8.897   -9.432  1.00 30.12  ? 27  ILE A CB  1 
ATOM   230  C  CG1 . ILE A 1 27  ? 7.975   8.567   -10.869 1.00 24.23  ? 27  ILE A CG1 1 
ATOM   231  C  CG2 . ILE A 1 27  ? 8.578   8.359   -8.433  1.00 43.31  ? 27  ILE A CG2 1 
ATOM   232  C  CD1 . ILE A 1 27  ? 9.065   9.484   -11.359 1.00 20.01  ? 27  ILE A CD1 1 
ATOM   233  N  N   . GLY A 1 28  ? 6.452   6.281   -10.389 1.00 3.50   ? 28  GLY A N   1 
ATOM   234  C  CA  . GLY A 1 28  ? 6.672   4.848   -10.506 1.00 9.91   ? 28  GLY A CA  1 
ATOM   235  C  C   . GLY A 1 28  ? 5.453   4.041   -10.117 1.00 6.85   ? 28  GLY A C   1 
ATOM   236  O  O   . GLY A 1 28  ? 4.321   4.224   -10.633 1.00 7.27   ? 28  GLY A O   1 
ATOM   237  N  N   . ILE A 1 29  ? 5.705   3.116   -9.204  1.00 11.78  ? 29  ILE A N   1 
ATOM   238  C  CA  . ILE A 1 29  ? 4.656   2.253   -8.708  1.00 10.48  ? 29  ILE A CA  1 
ATOM   239  C  C   . ILE A 1 29  ? 4.203   2.665   -7.331  1.00 5.31   ? 29  ILE A C   1 
ATOM   240  O  O   . ILE A 1 29  ? 4.533   2.034   -6.321  1.00 15.17  ? 29  ILE A O   1 
ATOM   241  C  CB  . ILE A 1 29  ? 4.912   0.751   -8.739  1.00 25.30  ? 29  ILE A CB  1 
ATOM   242  C  CG1 . ILE A 1 29  ? 4.966   0.211   -10.142 1.00 15.88  ? 29  ILE A CG1 1 
ATOM   243  C  CG2 . ILE A 1 29  ? 3.761   0.043   -8.066  1.00 9.48   ? 29  ILE A CG2 1 
ATOM   244  C  CD1 . ILE A 1 29  ? 6.352   -0.346  -10.358 1.00 8.83   ? 29  ILE A CD1 1 
ATOM   245  N  N   . GLY A 1 30  ? 3.423   3.735   -7.355  1.00 9.49   ? 30  GLY A N   1 
ATOM   246  C  CA  . GLY A 1 30  ? 2.873   4.339   -6.168  1.00 1.00   ? 30  GLY A CA  1 
ATOM   247  C  C   . GLY A 1 30  ? 3.977   4.856   -5.263  1.00 18.69  ? 30  GLY A C   1 
ATOM   248  O  O   . GLY A 1 30  ? 3.834   4.975   -4.092  1.00 6.55   ? 30  GLY A O   1 
ATOM   249  N  N   . HIS A 1 31  ? 5.121   5.201   -5.750  1.00 7.59   ? 31  HIS A N   1 
ATOM   250  C  CA  . HIS A 1 31  ? 6.082   5.649   -4.765  1.00 1.00   ? 31  HIS A CA  1 
ATOM   251  C  C   . HIS A 1 31  ? 5.924   7.123   -4.385  1.00 14.18  ? 31  HIS A C   1 
ATOM   252  O  O   . HIS A 1 31  ? 6.139   8.080   -5.175  1.00 9.79   ? 31  HIS A O   1 
ATOM   253  C  CB  . HIS A 1 31  ? 7.501   5.467   -5.372  1.00 1.17   ? 31  HIS A CB  1 
ATOM   254  C  CG  . HIS A 1 31  ? 8.558   5.941   -4.424  1.00 12.04  ? 31  HIS A CG  1 
ATOM   255  N  ND1 . HIS A 1 31  ? 9.070   5.088   -3.458  1.00 10.10  ? 31  HIS A ND1 1 
ATOM   256  C  CD2 . HIS A 1 31  ? 9.214   7.120   -4.324  1.00 10.31  ? 31  HIS A CD2 1 
ATOM   257  C  CE1 . HIS A 1 31  ? 9.977   5.773   -2.717  1.00 6.60   ? 31  HIS A CE1 1 
ATOM   258  N  NE2 . HIS A 1 31  ? 10.085  7.010   -3.216  1.00 7.32   ? 31  HIS A NE2 1 
ATOM   259  N  N   . LEU A 1 32  ? 5.593   7.332   -3.124  1.00 9.82   ? 32  LEU A N   1 
ATOM   260  C  CA  . LEU A 1 32  ? 5.402   8.721   -2.678  1.00 21.61  ? 32  LEU A CA  1 
ATOM   261  C  C   . LEU A 1 32  ? 6.658   9.573   -2.571  1.00 17.71  ? 32  LEU A C   1 
ATOM   262  O  O   . LEU A 1 32  ? 7.612   9.244   -1.892  1.00 9.44   ? 32  LEU A O   1 
ATOM   263  C  CB  . LEU A 1 32  ? 4.479   8.965   -1.463  1.00 23.11  ? 32  LEU A CB  1 
ATOM   264  C  CG  . LEU A 1 32  ? 4.573   10.412  -0.938  1.00 44.86  ? 32  LEU A CG  1 
ATOM   265  C  CD1 . LEU A 1 32  ? 3.696   11.412  -1.713  1.00 42.73  ? 32  LEU A CD1 1 
ATOM   266  C  CD2 . LEU A 1 32  ? 4.210   10.459  0.537   1.00 11.61  ? 32  LEU A CD2 1 
ATOM   267  N  N   . LEU A 1 33  ? 6.630   10.715  -3.195  1.00 3.49   ? 33  LEU A N   1 
ATOM   268  C  CA  . LEU A 1 33  ? 7.815   11.511  -3.111  1.00 12.31  ? 33  LEU A CA  1 
ATOM   269  C  C   . LEU A 1 33  ? 7.716   12.517  -1.992  1.00 24.73  ? 33  LEU A C   1 
ATOM   270  O  O   . LEU A 1 33  ? 8.614   12.619  -1.161  1.00 19.66  ? 33  LEU A O   1 
ATOM   271  C  CB  . LEU A 1 33  ? 8.115   12.222  -4.435  1.00 16.29  ? 33  LEU A CB  1 
ATOM   272  C  CG  . LEU A 1 33  ? 8.505   11.258  -5.563  1.00 18.36  ? 33  LEU A CG  1 
ATOM   273  C  CD1 . LEU A 1 33  ? 8.540   12.015  -6.862  1.00 1.32   ? 33  LEU A CD1 1 
ATOM   274  C  CD2 . LEU A 1 33  ? 9.949   10.847  -5.363  1.00 17.92  ? 33  LEU A CD2 1 
ATOM   275  N  N   . THR A 1 34  ? 6.601   13.244  -1.960  1.00 16.27  ? 34  THR A N   1 
ATOM   276  C  CA  . THR A 1 34  ? 6.469   14.228  -0.935  1.00 16.52  ? 34  THR A CA  1 
ATOM   277  C  C   . THR A 1 34  ? 5.088   14.740  -0.752  1.00 31.10  ? 34  THR A C   1 
ATOM   278  O  O   . THR A 1 34  ? 4.305   14.812  -1.708  1.00 28.62  ? 34  THR A O   1 
ATOM   279  C  CB  . THR A 1 34  ? 7.292   15.474  -1.298  1.00 45.99  ? 34  THR A CB  1 
ATOM   280  O  OG1 . THR A 1 34  ? 7.217   16.390  -0.196  1.00 28.05  ? 34  THR A OG1 1 
ATOM   281  C  CG2 . THR A 1 34  ? 6.738   16.114  -2.603  1.00 25.38  ? 34  THR A CG2 1 
ATOM   282  N  N   . LYS A 1 35  ? 4.840   15.192  0.486   1.00 28.56  ? 35  LYS A N   1 
ATOM   283  C  CA  . LYS A 1 35  ? 3.535   15.763  0.730   1.00 35.98  ? 35  LYS A CA  1 
ATOM   284  C  C   . LYS A 1 35  ? 3.530   17.208  0.368   1.00 32.95  ? 35  LYS A C   1 
ATOM   285  O  O   . LYS A 1 35  ? 2.498   17.826  0.230   1.00 27.39  ? 35  LYS A O   1 
ATOM   286  C  CB  . LYS A 1 35  ? 2.948   15.566  2.104   1.00 26.10  ? 35  LYS A CB  1 
ATOM   287  C  CG  . LYS A 1 35  ? 2.645   14.089  2.330   1.00 66.98  ? 35  LYS A CG  1 
ATOM   288  C  CD  . LYS A 1 35  ? 1.664   13.828  3.460   1.00 23.36  ? 35  LYS A CD  1 
ATOM   289  C  CE  . LYS A 1 35  ? 2.028   12.674  4.408   1.00 100.00 ? 35  LYS A CE  1 
ATOM   290  N  NZ  . LYS A 1 35  ? 1.493   12.832  5.831   1.00 100.00 ? 35  LYS A NZ  1 
ATOM   291  N  N   . SER A 1 36  ? 4.684   17.773  0.197   1.00 45.89  ? 36  SER A N   1 
ATOM   292  C  CA  . SER A 1 36  ? 4.679   19.171  -0.148  1.00 39.33  ? 36  SER A CA  1 
ATOM   293  C  C   . SER A 1 36  ? 4.144   19.365  -1.568  1.00 41.73  ? 36  SER A C   1 
ATOM   294  O  O   . SER A 1 36  ? 4.165   18.471  -2.425  1.00 35.25  ? 36  SER A O   1 
ATOM   295  C  CB  . SER A 1 36  ? 6.004   19.837  0.230   1.00 34.55  ? 36  SER A CB  1 
ATOM   296  O  OG  . SER A 1 36  ? 6.398   20.897  -0.634  1.00 61.97  ? 36  SER A OG  1 
ATOM   297  N  N   . PRO A 1 37  ? 3.617   20.550  -1.799  1.00 52.93  ? 37  PRO A N   1 
ATOM   298  C  CA  . PRO A 1 37  ? 3.057   20.964  -3.082  1.00 40.41  ? 37  PRO A CA  1 
ATOM   299  C  C   . PRO A 1 37  ? 4.079   21.622  -4.032  1.00 53.63  ? 37  PRO A C   1 
ATOM   300  O  O   . PRO A 1 37  ? 3.718   21.975  -5.161  1.00 63.17  ? 37  PRO A O   1 
ATOM   301  C  CB  . PRO A 1 37  ? 1.981   21.938  -2.714  1.00 42.78  ? 37  PRO A CB  1 
ATOM   302  C  CG  . PRO A 1 37  ? 2.377   22.487  -1.356  1.00 35.46  ? 37  PRO A CG  1 
ATOM   303  C  CD  . PRO A 1 37  ? 3.177   21.410  -0.677  1.00 31.17  ? 37  PRO A CD  1 
ATOM   304  N  N   . SER A 1 38  ? 5.349   21.776  -3.587  1.00 46.52  ? 38  SER A N   1 
ATOM   305  C  CA  . SER A 1 38  ? 6.404   22.304  -4.451  1.00 46.86  ? 38  SER A CA  1 
ATOM   306  C  C   . SER A 1 38  ? 6.935   21.174  -5.351  1.00 24.16  ? 38  SER A C   1 
ATOM   307  O  O   . SER A 1 38  ? 7.579   20.218  -4.879  1.00 30.84  ? 38  SER A O   1 
ATOM   308  C  CB  . SER A 1 38  ? 7.525   23.164  -3.797  1.00 51.11  ? 38  SER A CB  1 
ATOM   309  O  OG  . SER A 1 38  ? 8.449   23.669  -4.781  1.00 39.37  ? 38  SER A OG  1 
ATOM   310  N  N   . LEU A 1 39  ? 6.658   21.282  -6.652  1.00 19.92  ? 39  LEU A N   1 
ATOM   311  C  CA  . LEU A 1 39  ? 7.105   20.306  -7.606  1.00 35.72  ? 39  LEU A CA  1 
ATOM   312  C  C   . LEU A 1 39  ? 8.610   20.137  -7.516  1.00 31.65  ? 39  LEU A C   1 
ATOM   313  O  O   . LEU A 1 39  ? 9.200   19.103  -7.820  1.00 22.21  ? 39  LEU A O   1 
ATOM   314  C  CB  . LEU A 1 39  ? 6.649   20.629  -9.063  1.00 26.40  ? 39  LEU A CB  1 
ATOM   315  C  CG  . LEU A 1 39  ? 7.307   19.776  -10.147 1.00 23.23  ? 39  LEU A CG  1 
ATOM   316  C  CD1 . LEU A 1 39  ? 6.983   18.310  -9.968  1.00 27.72  ? 39  LEU A CD1 1 
ATOM   317  C  CD2 . LEU A 1 39  ? 6.731   20.050  -11.493 1.00 30.43  ? 39  LEU A CD2 1 
ATOM   318  N  N   . ASN A 1 40  ? 9.242   21.183  -7.083  1.00 26.44  ? 40  ASN A N   1 
ATOM   319  C  CA  . ASN A 1 40  ? 10.667  21.128  -7.026  1.00 21.17  ? 40  ASN A CA  1 
ATOM   320  C  C   . ASN A 1 40  ? 11.138  20.284  -5.862  1.00 19.16  ? 40  ASN A C   1 
ATOM   321  O  O   . ASN A 1 40  ? 12.097  19.536  -5.961  1.00 39.90  ? 40  ASN A O   1 
ATOM   322  C  CB  . ASN A 1 40  ? 11.257  22.531  -7.191  1.00 53.15  ? 40  ASN A CB  1 
ATOM   323  C  CG  . ASN A 1 40  ? 11.075  23.018  -8.629  1.00 100.00 ? 40  ASN A CG  1 
ATOM   324  O  OD1 . ASN A 1 40  ? 11.800  22.618  -9.556  1.00 100.00 ? 40  ASN A OD1 1 
ATOM   325  N  ND2 . ASN A 1 40  ? 10.054  23.843  -8.820  1.00 100.00 ? 40  ASN A ND2 1 
ATOM   326  N  N   . ALA A 1 41  ? 10.458  20.456  -4.740  1.00 21.73  ? 41  ALA A N   1 
ATOM   327  C  CA  . ALA A 1 41  ? 10.697  19.677  -3.564  1.00 19.11  ? 41  ALA A CA  1 
ATOM   328  C  C   . ALA A 1 41  ? 10.560  18.263  -4.051  1.00 29.61  ? 41  ALA A C   1 
ATOM   329  O  O   . ALA A 1 41  ? 11.392  17.425  -3.762  1.00 31.61  ? 41  ALA A O   1 
ATOM   330  C  CB  . ALA A 1 41  ? 9.610   19.890  -2.528  1.00 18.24  ? 41  ALA A CB  1 
ATOM   331  N  N   . ALA A 1 42  ? 9.576   18.024  -4.922  1.00 19.36  ? 42  ALA A N   1 
ATOM   332  C  CA  . ALA A 1 42  ? 9.408   16.702  -5.494  1.00 14.46  ? 42  ALA A CA  1 
ATOM   333  C  C   . ALA A 1 42  ? 10.592  16.211  -6.356  1.00 8.64   ? 42  ALA A C   1 
ATOM   334  O  O   . ALA A 1 42  ? 11.135  15.059  -6.263  1.00 18.62  ? 42  ALA A O   1 
ATOM   335  C  CB  . ALA A 1 42  ? 8.072   16.649  -6.211  1.00 23.05  ? 42  ALA A CB  1 
ATOM   336  N  N   . LYS A 1 43  ? 11.063  17.051  -7.248  1.00 14.40  ? 43  LYS A N   1 
ATOM   337  C  CA  . LYS A 1 43  ? 12.174  16.589  -8.065  1.00 3.57   ? 43  LYS A CA  1 
ATOM   338  C  C   . LYS A 1 43  ? 13.418  16.353  -7.227  1.00 8.05   ? 43  LYS A C   1 
ATOM   339  O  O   . LYS A 1 43  ? 14.181  15.417  -7.434  1.00 17.76  ? 43  LYS A O   1 
ATOM   340  C  CB  . LYS A 1 43  ? 12.482  17.592  -9.153  1.00 16.02  ? 43  LYS A CB  1 
ATOM   341  C  CG  . LYS A 1 43  ? 11.326  17.628  -10.113 1.00 23.91  ? 43  LYS A CG  1 
ATOM   342  C  CD  . LYS A 1 43  ? 11.078  18.997  -10.739 1.00 32.30  ? 43  LYS A CD  1 
ATOM   343  C  CE  . LYS A 1 43  ? 11.094  18.954  -12.262 1.00 45.93  ? 43  LYS A CE  1 
ATOM   344  N  NZ  . LYS A 1 43  ? 12.346  19.476  -12.846 1.00 83.43  ? 43  LYS A NZ  1 
ATOM   345  N  N   . SER A 1 44  ? 13.606  17.167  -6.233  1.00 16.94  ? 44  SER A N   1 
ATOM   346  C  CA  . SER A 1 44  ? 14.771  16.961  -5.386  1.00 17.41  ? 44  SER A CA  1 
ATOM   347  C  C   . SER A 1 44  ? 14.744  15.545  -4.746  1.00 12.77  ? 44  SER A C   1 
ATOM   348  O  O   . SER A 1 44  ? 15.682  14.711  -4.808  1.00 10.04  ? 44  SER A O   1 
ATOM   349  C  CB  . SER A 1 44  ? 15.009  18.132  -4.424  1.00 10.31  ? 44  SER A CB  1 
ATOM   350  O  OG  . SER A 1 44  ? 15.952  17.764  -3.432  1.00 99.87  ? 44  SER A OG  1 
ATOM   351  N  N   . GLU A 1 45  ? 13.599  15.298  -4.158  1.00 8.03   ? 45  GLU A N   1 
ATOM   352  C  CA  . GLU A 1 45  ? 13.313  14.011  -3.565  1.00 18.60  ? 45  GLU A CA  1 
ATOM   353  C  C   . GLU A 1 45  ? 13.505  12.891  -4.574  1.00 9.27   ? 45  GLU A C   1 
ATOM   354  O  O   . GLU A 1 45  ? 14.169  11.880  -4.264  1.00 8.17   ? 45  GLU A O   1 
ATOM   355  C  CB  . GLU A 1 45  ? 11.898  13.949  -2.980  1.00 24.18  ? 45  GLU A CB  1 
ATOM   356  C  CG  . GLU A 1 45  ? 11.678  14.769  -1.674  1.00 12.59  ? 45  GLU A CG  1 
ATOM   357  C  CD  . GLU A 1 45  ? 12.612  14.421  -0.525  1.00 100.00 ? 45  GLU A CD  1 
ATOM   358  O  OE1 . GLU A 1 45  ? 12.837  13.291  -0.159  1.00 21.79  ? 45  GLU A OE1 1 
ATOM   359  O  OE2 . GLU A 1 45  ? 13.107  15.445  0.128   1.00 24.49  ? 45  GLU A OE2 1 
ATOM   360  N  N   . LEU A 1 46  ? 13.009  13.095  -5.789  1.00 6.65   ? 46  LEU A N   1 
ATOM   361  C  CA  . LEU A 1 46  ? 13.194  12.056  -6.802  1.00 9.36   ? 46  LEU A CA  1 
ATOM   362  C  C   . LEU A 1 46  ? 14.664  11.791  -7.053  1.00 13.10  ? 46  LEU A C   1 
ATOM   363  O  O   . LEU A 1 46  ? 15.121  10.662  -6.997  1.00 12.25  ? 46  LEU A O   1 
ATOM   364  C  CB  . LEU A 1 46  ? 12.545  12.365  -8.156  1.00 5.59   ? 46  LEU A CB  1 
ATOM   365  C  CG  . LEU A 1 46  ? 12.752  11.239  -9.161  1.00 13.65  ? 46  LEU A CG  1 
ATOM   366  C  CD1 . LEU A 1 46  ? 12.119  9.936   -8.656  1.00 13.67  ? 46  LEU A CD1 1 
ATOM   367  C  CD2 . LEU A 1 46  ? 12.079  11.606  -10.464 1.00 17.49  ? 46  LEU A CD2 1 
ATOM   368  N  N   . ASP A 1 47  ? 15.414  12.844  -7.313  1.00 11.37  ? 47  ASP A N   1 
ATOM   369  C  CA  . ASP A 1 47  ? 16.827  12.694  -7.535  1.00 23.09  ? 47  ASP A CA  1 
ATOM   370  C  C   . ASP A 1 47  ? 17.575  12.025  -6.425  1.00 23.09  ? 47  ASP A C   1 
ATOM   371  O  O   . ASP A 1 47  ? 18.470  11.220  -6.664  1.00 13.03  ? 47  ASP A O   1 
ATOM   372  C  CB  . ASP A 1 47  ? 17.467  14.024  -7.830  1.00 24.79  ? 47  ASP A CB  1 
ATOM   373  C  CG  . ASP A 1 47  ? 16.970  14.432  -9.190  1.00 37.45  ? 47  ASP A CG  1 
ATOM   374  O  OD1 . ASP A 1 47  ? 16.356  13.746  -10.019 1.00 26.71  ? 47  ASP A OD1 1 
ATOM   375  O  OD2 . ASP A 1 47  ? 17.268  15.650  -9.371  1.00 20.06  ? 47  ASP A OD2 1 
ATOM   376  N  N   . LYS A 1 48  ? 17.224  12.405  -5.218  1.00 18.12  ? 48  LYS A N   1 
ATOM   377  C  CA  . LYS A 1 48  ? 17.818  11.784  -4.029  1.00 8.55   ? 48  LYS A CA  1 
ATOM   378  C  C   . LYS A 1 48  ? 17.538  10.259  -3.947  1.00 16.70  ? 48  LYS A C   1 
ATOM   379  O  O   . LYS A 1 48  ? 18.376  9.426   -3.581  1.00 12.88  ? 48  LYS A O   1 
ATOM   380  C  CB  . LYS A 1 48  ? 17.199  12.460  -2.819  1.00 17.35  ? 48  LYS A CB  1 
ATOM   381  C  CG  . LYS A 1 48  ? 17.521  11.769  -1.512  1.00 22.31  ? 48  LYS A CG  1 
ATOM   382  C  CD  . LYS A 1 48  ? 17.455  12.778  -0.401  1.00 15.59  ? 48  LYS A CD  1 
ATOM   383  C  CE  . LYS A 1 48  ? 16.081  13.310  -0.071  1.00 1.00   ? 48  LYS A CE  1 
ATOM   384  N  NZ  . LYS A 1 48  ? 15.430  12.368  0.857   1.00 3.43   ? 48  LYS A NZ  1 
ATOM   385  N  N   . ALA A 1 49  ? 16.278  9.914   -4.225  1.00 8.78   ? 49  ALA A N   1 
ATOM   386  C  CA  . ALA A 1 49  ? 15.911  8.527   -4.209  1.00 12.48  ? 49  ALA A CA  1 
ATOM   387  C  C   . ALA A 1 49  ? 16.564  7.785   -5.317  1.00 15.12  ? 49  ALA A C   1 
ATOM   388  O  O   . ALA A 1 49  ? 16.946  6.671   -5.099  1.00 11.24  ? 49  ALA A O   1 
ATOM   389  C  CB  . ALA A 1 49  ? 14.432  8.331   -4.462  1.00 11.07  ? 49  ALA A CB  1 
ATOM   390  N  N   . ILE A 1 50  ? 16.682  8.372   -6.501  1.00 17.00  ? 50  ILE A N   1 
ATOM   391  C  CA  . ILE A 1 50  ? 17.244  7.615   -7.605  1.00 16.39  ? 50  ILE A CA  1 
ATOM   392  C  C   . ILE A 1 50  ? 18.752  7.639   -7.594  1.00 23.55  ? 50  ILE A C   1 
ATOM   393  O  O   . ILE A 1 50  ? 19.493  6.708   -7.963  1.00 18.87  ? 50  ILE A O   1 
ATOM   394  C  CB  . ILE A 1 50  ? 16.676  8.195   -8.916  1.00 33.85  ? 50  ILE A CB  1 
ATOM   395  C  CG1 . ILE A 1 50  ? 15.171  8.021   -8.847  1.00 29.78  ? 50  ILE A CG1 1 
ATOM   396  C  CG2 . ILE A 1 50  ? 17.188  7.378   -10.126 1.00 8.99   ? 50  ILE A CG2 1 
ATOM   397  C  CD1 . ILE A 1 50  ? 14.823  6.530   -8.921  1.00 2.67   ? 50  ILE A CD1 1 
ATOM   398  N  N   . GLY A 1 51  ? 19.216  8.773   -7.142  1.00 17.19  ? 51  GLY A N   1 
ATOM   399  C  CA  . GLY A 1 51  ? 20.639  8.923   -7.097  1.00 13.91  ? 51  GLY A CA  1 
ATOM   400  C  C   . GLY A 1 51  ? 21.166  9.503   -8.384  1.00 20.72  ? 51  GLY A C   1 
ATOM   401  O  O   . GLY A 1 51  ? 22.252  9.194   -8.822  1.00 23.44  ? 51  GLY A O   1 
ATOM   402  N  N   . ARG A 1 52  ? 20.397  10.365  -8.985  1.00 42.23  ? 52  ARG A N   1 
ATOM   403  C  CA  . ARG A 1 52  ? 20.840  10.980  -10.192 1.00 24.72  ? 52  ARG A CA  1 
ATOM   404  C  C   . ARG A 1 52  ? 19.847  12.055  -10.430 1.00 21.29  ? 52  ARG A C   1 
ATOM   405  O  O   . ARG A 1 52  ? 18.827  12.104  -9.708  1.00 14.95  ? 52  ARG A O   1 
ATOM   406  C  CB  . ARG A 1 52  ? 20.935  10.017  -11.369 1.00 29.17  ? 52  ARG A CB  1 
ATOM   407  C  CG  . ARG A 1 52  ? 19.750  9.953   -12.349 1.00 40.32  ? 52  ARG A CG  1 
ATOM   408  C  CD  . ARG A 1 52  ? 19.879  8.681   -13.208 1.00 50.02  ? 52  ARG A CD  1 
ATOM   409  N  NE  . ARG A 1 52  ? 18.712  8.193   -13.954 1.00 19.55  ? 52  ARG A NE  1 
ATOM   410  C  CZ  . ARG A 1 52  ? 17.803  8.905   -14.615 1.00 43.14  ? 52  ARG A CZ  1 
ATOM   411  N  NH1 . ARG A 1 52  ? 17.848  10.235  -14.697 1.00 54.40  ? 52  ARG A NH1 1 
ATOM   412  N  NH2 . ARG A 1 52  ? 16.837  8.233   -15.236 1.00 56.51  ? 52  ARG A NH2 1 
ATOM   413  N  N   . ASN A 1 53  ? 20.206  12.885  -11.404 1.00 27.55  ? 53  ASN A N   1 
ATOM   414  C  CA  . ASN A 1 53  ? 19.396  14.015  -11.835 1.00 39.60  ? 53  ASN A CA  1 
ATOM   415  C  C   . ASN A 1 53  ? 18.381  13.433  -12.851 1.00 36.08  ? 53  ASN A C   1 
ATOM   416  O  O   . ASN A 1 53  ? 18.741  13.123  -14.004 1.00 15.60  ? 53  ASN A O   1 
ATOM   417  C  CB  . ASN A 1 53  ? 20.268  15.182  -12.435 1.00 85.61  ? 53  ASN A CB  1 
ATOM   418  C  CG  . ASN A 1 53  ? 20.859  16.224  -11.468 1.00 100.00 ? 53  ASN A CG  1 
ATOM   419  O  OD1 . ASN A 1 53  ? 21.588  15.901  -10.503 1.00 100.00 ? 53  ASN A OD1 1 
ATOM   420  N  ND2 . ASN A 1 53  ? 20.563  17.498  -11.747 1.00 71.68  ? 53  ASN A ND2 1 
ATOM   421  N  N   . CYS A 1 54  ? 17.131  13.215  -12.402 1.00 17.61  ? 54  CYS A N   1 
ATOM   422  C  CA  . CYS A 1 54  ? 16.062  12.638  -13.201 1.00 20.65  ? 54  CYS A CA  1 
ATOM   423  C  C   . CYS A 1 54  ? 15.269  13.664  -13.971 1.00 25.43  ? 54  CYS A C   1 
ATOM   424  O  O   . CYS A 1 54  ? 14.662  13.362  -14.998 1.00 46.87  ? 54  CYS A O   1 
ATOM   425  C  CB  . CYS A 1 54  ? 15.131  11.795  -12.292 1.00 15.87  ? 54  CYS A CB  1 
ATOM   426  S  SG  . CYS A 1 54  ? 16.225  10.522  -11.589 1.00 30.68  ? 54  CYS A SG  1 
ATOM   427  N  N   . ASN A 1 55  ? 15.242  14.864  -13.442 1.00 19.98  ? 55  ASN A N   1 
ATOM   428  C  CA  . ASN A 1 55  ? 14.422  15.838  -14.090 1.00 34.87  ? 55  ASN A CA  1 
ATOM   429  C  C   . ASN A 1 55  ? 12.969  15.349  -14.115 1.00 40.45  ? 55  ASN A C   1 
ATOM   430  O  O   . ASN A 1 55  ? 12.229  15.501  -15.099 1.00 47.33  ? 55  ASN A O   1 
ATOM   431  C  CB  . ASN A 1 55  ? 14.975  16.166  -15.518 1.00 44.02  ? 55  ASN A CB  1 
ATOM   432  C  CG  . ASN A 1 55  ? 14.507  17.501  -16.168 1.00 100.00 ? 55  ASN A CG  1 
ATOM   433  O  OD1 . ASN A 1 55  ? 14.166  18.551  -15.510 1.00 27.33  ? 55  ASN A OD1 1 
ATOM   434  N  ND2 . ASN A 1 55  ? 14.512  17.472  -17.515 1.00 58.54  ? 55  ASN A ND2 1 
ATOM   435  N  N   . GLY A 1 56  ? 12.530  14.676  -13.055 1.00 22.40  ? 56  GLY A N   1 
ATOM   436  C  CA  . GLY A 1 56  ? 11.138  14.223  -13.037 1.00 32.32  ? 56  GLY A CA  1 
ATOM   437  C  C   . GLY A 1 56  ? 10.809  13.015  -13.902 1.00 19.40  ? 56  GLY A C   1 
ATOM   438  O  O   . GLY A 1 56  ? 9.666   12.678  -14.047 1.00 17.77  ? 56  GLY A O   1 
ATOM   439  N  N   . VAL A 1 57  ? 11.815  12.356  -14.423 1.00 13.44  ? 57  VAL A N   1 
ATOM   440  C  CA  . VAL A 1 57  ? 11.536  11.202  -15.194 1.00 5.38   ? 57  VAL A CA  1 
ATOM   441  C  C   . VAL A 1 57  ? 12.335  9.946   -14.828 1.00 24.21  ? 57  VAL A C   1 
ATOM   442  O  O   . VAL A 1 57  ? 13.512  10.003  -14.517 1.00 15.53  ? 57  VAL A O   1 
ATOM   443  C  CB  . VAL A 1 57  ? 11.660  11.552  -16.638 1.00 21.30  ? 57  VAL A CB  1 
ATOM   444  C  CG1 . VAL A 1 57  ? 11.577  10.255  -17.471 1.00 14.63  ? 57  VAL A CG1 1 
ATOM   445  C  CG2 . VAL A 1 57  ? 10.505  12.476  -16.899 1.00 32.76  ? 57  VAL A CG2 1 
ATOM   446  N  N   . ILE A 1 58  ? 11.748  8.762   -14.900 1.00 17.06  ? 58  ILE A N   1 
ATOM   447  C  CA  . ILE A 1 58  ? 12.599  7.670   -14.529 1.00 14.87  ? 58  ILE A CA  1 
ATOM   448  C  C   . ILE A 1 58  ? 12.427  6.548   -15.496 1.00 20.33  ? 58  ILE A C   1 
ATOM   449  O  O   . ILE A 1 58  ? 11.531  6.616   -16.335 1.00 12.23  ? 58  ILE A O   1 
ATOM   450  C  CB  . ILE A 1 58  ? 12.345  7.173   -13.101 1.00 21.59  ? 58  ILE A CB  1 
ATOM   451  C  CG1 . ILE A 1 58  ? 10.909  6.695   -12.843 1.00 12.12  ? 58  ILE A CG1 1 
ATOM   452  C  CG2 . ILE A 1 58  ? 12.827  8.172   -12.058 1.00 13.67  ? 58  ILE A CG2 1 
ATOM   453  C  CD1 . ILE A 1 58  ? 10.671  6.204   -11.413 1.00 8.44   ? 58  ILE A CD1 1 
ATOM   454  N  N   . THR A 1 59  ? 13.269  5.534   -15.354 1.00 7.14   ? 59  THR A N   1 
ATOM   455  C  CA  . THR A 1 59  ? 13.151  4.344   -16.167 1.00 9.15   ? 59  THR A CA  1 
ATOM   456  C  C   . THR A 1 59  ? 12.320  3.270   -15.450 1.00 26.68  ? 59  THR A C   1 
ATOM   457  O  O   . THR A 1 59  ? 12.020  3.308   -14.256 1.00 20.83  ? 59  THR A O   1 
ATOM   458  C  CB  . THR A 1 59  ? 14.540  3.738   -16.448 1.00 37.03  ? 59  THR A CB  1 
ATOM   459  O  OG1 . THR A 1 59  ? 15.014  3.073   -15.304 1.00 23.77  ? 59  THR A OG1 1 
ATOM   460  C  CG2 . THR A 1 59  ? 15.525  4.824   -16.830 1.00 32.69  ? 59  THR A CG2 1 
ATOM   461  N  N   . LYS A 1 60  ? 11.982  2.251   -16.215 1.00 13.80  ? 60  LYS A N   1 
ATOM   462  C  CA  . LYS A 1 60  ? 11.144  1.165   -15.782 1.00 12.16  ? 60  LYS A CA  1 
ATOM   463  C  C   . LYS A 1 60  ? 11.804  0.439   -14.660 1.00 5.32   ? 60  LYS A C   1 
ATOM   464  O  O   . LYS A 1 60  ? 11.256  0.153   -13.579 1.00 14.25  ? 60  LYS A O   1 
ATOM   465  C  CB  . LYS A 1 60  ? 10.737  0.240   -16.929 1.00 21.31  ? 60  LYS A CB  1 
ATOM   466  C  CG  . LYS A 1 60  ? 9.497   -0.592  -16.603 1.00 76.71  ? 60  LYS A CG  1 
ATOM   467  C  CD  . LYS A 1 60  ? 9.292   -1.805  -17.509 1.00 90.47  ? 60  LYS A CD  1 
ATOM   468  C  CE  . LYS A 1 60  ? 8.235   -2.770  -16.980 1.00 100.00 ? 60  LYS A CE  1 
ATOM   469  N  NZ  . LYS A 1 60  ? 7.727   -3.710  -17.994 1.00 100.00 ? 60  LYS A NZ  1 
ATOM   470  N  N   . ASP A 1 61  ? 13.076  0.174   -14.956 1.00 15.14  ? 61  ASP A N   1 
ATOM   471  C  CA  . ASP A 1 61  ? 13.941  -0.518  -14.039 1.00 12.11  ? 61  ASP A CA  1 
ATOM   472  C  C   . ASP A 1 61  ? 14.043  0.188   -12.712 1.00 4.02   ? 61  ASP A C   1 
ATOM   473  O  O   . ASP A 1 61  ? 13.967  -0.443  -11.639 1.00 22.92  ? 61  ASP A O   1 
ATOM   474  C  CB  . ASP A 1 61  ? 15.294  -0.843  -14.698 1.00 5.19   ? 61  ASP A CB  1 
ATOM   475  C  CG  . ASP A 1 61  ? 15.016  -1.968  -15.695 1.00 86.52  ? 61  ASP A CG  1 
ATOM   476  O  OD1 . ASP A 1 61  ? 15.065  -3.158  -15.410 1.00 100.00 ? 61  ASP A OD1 1 
ATOM   477  O  OD2 . ASP A 1 61  ? 14.623  -1.550  -16.874 1.00 76.11  ? 61  ASP A OD2 1 
ATOM   478  N  N   . GLU A 1 62  ? 14.157  1.508   -12.825 1.00 17.08  ? 62  GLU A N   1 
ATOM   479  C  CA  . GLU A 1 62  ? 14.285  2.363   -11.668 1.00 19.65  ? 62  GLU A CA  1 
ATOM   480  C  C   . GLU A 1 62  ? 13.007  2.310   -10.898 1.00 14.15  ? 62  GLU A C   1 
ATOM   481  O  O   . GLU A 1 62  ? 13.018  2.208   -9.699  1.00 17.58  ? 62  GLU A O   1 
ATOM   482  C  CB  . GLU A 1 62  ? 14.498  3.799   -12.122 1.00 15.08  ? 62  GLU A CB  1 
ATOM   483  C  CG  . GLU A 1 62  ? 15.916  4.006   -12.729 1.00 20.54  ? 62  GLU A CG  1 
ATOM   484  C  CD  . GLU A 1 62  ? 16.171  5.403   -13.225 1.00 9.41   ? 62  GLU A CD  1 
ATOM   485  O  OE1 . GLU A 1 62  ? 15.287  6.145   -13.687 1.00 20.10  ? 62  GLU A OE1 1 
ATOM   486  O  OE2 . GLU A 1 62  ? 17.446  5.688   -13.187 1.00 16.42  ? 62  GLU A OE2 1 
ATOM   487  N  N   . ALA A 1 63  ? 11.888  2.377   -11.607 1.00 8.52   ? 63  ALA A N   1 
ATOM   488  C  CA  . ALA A 1 63  ? 10.645  2.336   -10.885 1.00 14.92  ? 63  ALA A CA  1 
ATOM   489  C  C   . ALA A 1 63  ? 10.519  1.053   -10.102 1.00 18.41  ? 63  ALA A C   1 
ATOM   490  O  O   . ALA A 1 63  ? 10.087  0.996   -8.954  1.00 8.49   ? 63  ALA A O   1 
ATOM   491  C  CB  . ALA A 1 63  ? 9.496   2.383   -11.854 1.00 17.68  ? 63  ALA A CB  1 
ATOM   492  N  N   . GLU A 1 64  ? 10.927  0.011   -10.782 1.00 12.73  ? 64  GLU A N   1 
ATOM   493  C  CA  . GLU A 1 64  ? 10.848  -1.286  -10.210 1.00 10.76  ? 64  GLU A CA  1 
ATOM   494  C  C   . GLU A 1 64  ? 11.799  -1.421  -9.057  1.00 22.53  ? 64  GLU A C   1 
ATOM   495  O  O   . GLU A 1 64  ? 11.590  -2.210  -8.144  1.00 14.69  ? 64  GLU A O   1 
ATOM   496  C  CB  . GLU A 1 64  ? 11.122  -2.326  -11.260 1.00 11.98  ? 64  GLU A CB  1 
ATOM   497  C  CG  . GLU A 1 64  ? 9.856   -2.742  -12.004 1.00 20.81  ? 64  GLU A CG  1 
ATOM   498  C  CD  . GLU A 1 64  ? 10.154  -3.523  -13.234 1.00 84.92  ? 64  GLU A CD  1 
ATOM   499  O  OE1 . GLU A 1 64  ? 11.296  -3.829  -13.588 1.00 44.89  ? 64  GLU A OE1 1 
ATOM   500  O  OE2 . GLU A 1 64  ? 9.044   -3.806  -13.872 1.00 48.34  ? 64  GLU A OE2 1 
ATOM   501  N  N   . LYS A 1 65  ? 12.857  -0.661  -9.103  1.00 10.50  ? 65  LYS A N   1 
ATOM   502  C  CA  . LYS A 1 65  ? 13.775  -0.746  -7.987  1.00 9.50   ? 65  LYS A CA  1 
ATOM   503  C  C   . LYS A 1 65  ? 13.136  -0.082  -6.774  1.00 19.07  ? 65  LYS A C   1 
ATOM   504  O  O   . LYS A 1 65  ? 13.138  -0.589  -5.630  1.00 23.50  ? 65  LYS A O   1 
ATOM   505  C  CB  . LYS A 1 65  ? 15.134  -0.165  -8.283  1.00 27.27  ? 65  LYS A CB  1 
ATOM   506  C  CG  . LYS A 1 65  ? 16.046  -0.084  -7.075  1.00 30.97  ? 65  LYS A CG  1 
ATOM   507  C  CD  . LYS A 1 65  ? 17.514  0.082   -7.463  1.00 81.07  ? 65  LYS A CD  1 
ATOM   508  C  CE  . LYS A 1 65  ? 18.512  -0.501  -6.468  1.00 28.88  ? 65  LYS A CE  1 
ATOM   509  N  NZ  . LYS A 1 65  ? 19.891  -0.127  -6.790  1.00 45.78  ? 65  LYS A NZ  1 
ATOM   510  N  N   . LEU A 1 66  ? 12.510  1.052   -7.028  1.00 12.67  ? 66  LEU A N   1 
ATOM   511  C  CA  . LEU A 1 66  ? 11.845  1.659   -5.896  1.00 11.47  ? 66  LEU A CA  1 
ATOM   512  C  C   . LEU A 1 66  ? 10.759  0.760   -5.378  1.00 15.03  ? 66  LEU A C   1 
ATOM   513  O  O   . LEU A 1 66  ? 10.536  0.732   -4.180  1.00 5.42   ? 66  LEU A O   1 
ATOM   514  C  CB  . LEU A 1 66  ? 11.107  2.950   -6.215  1.00 12.75  ? 66  LEU A CB  1 
ATOM   515  C  CG  . LEU A 1 66  ? 12.007  3.956   -6.833  1.00 21.52  ? 66  LEU A CG  1 
ATOM   516  C  CD1 . LEU A 1 66  ? 11.083  5.099   -7.106  1.00 16.99  ? 66  LEU A CD1 1 
ATOM   517  C  CD2 . LEU A 1 66  ? 13.050  4.295   -5.779  1.00 20.82  ? 66  LEU A CD2 1 
ATOM   518  N  N   . PHE A 1 67  ? 10.102  0.038   -6.275  1.00 8.58   ? 67  PHE A N   1 
ATOM   519  C  CA  . PHE A 1 67  ? 9.018   -0.766  -5.826  1.00 6.97   ? 67  PHE A CA  1 
ATOM   520  C  C   . PHE A 1 67  ? 9.509   -1.860  -4.880  1.00 10.14  ? 67  PHE A C   1 
ATOM   521  O  O   . PHE A 1 67  ? 8.940   -2.231  -3.831  1.00 17.53  ? 67  PHE A O   1 
ATOM   522  C  CB  . PHE A 1 67  ? 8.290   -1.200  -7.112  1.00 12.33  ? 67  PHE A CB  1 
ATOM   523  C  CG  . PHE A 1 67  ? 7.032   -2.025  -6.928  1.00 24.42  ? 67  PHE A CG  1 
ATOM   524  C  CD1 . PHE A 1 67  ? 6.134   -1.712  -5.913  1.00 16.68  ? 67  PHE A CD1 1 
ATOM   525  C  CD2 . PHE A 1 67  ? 6.695   -3.070  -7.789  1.00 11.41  ? 67  PHE A CD2 1 
ATOM   526  C  CE1 . PHE A 1 67  ? 4.942   -2.413  -5.756  1.00 14.85  ? 67  PHE A CE1 1 
ATOM   527  C  CE2 . PHE A 1 67  ? 5.506   -3.794  -7.657  1.00 6.99   ? 67  PHE A CE2 1 
ATOM   528  C  CZ  . PHE A 1 67  ? 4.637   -3.463  -6.621  1.00 19.28  ? 67  PHE A CZ  1 
ATOM   529  N  N   . ASN A 1 68  ? 10.630  -2.415  -5.234  1.00 26.12  ? 68  ASN A N   1 
ATOM   530  C  CA  . ASN A 1 68  ? 11.161  -3.470  -4.403  1.00 17.31  ? 68  ASN A CA  1 
ATOM   531  C  C   . ASN A 1 68  ? 11.483  -3.022  -2.994  1.00 6.16   ? 68  ASN A C   1 
ATOM   532  O  O   . ASN A 1 68  ? 11.258  -3.671  -1.966  1.00 9.87   ? 68  ASN A O   1 
ATOM   533  C  CB  . ASN A 1 68  ? 12.397  -4.117  -5.077  1.00 21.22  ? 68  ASN A CB  1 
ATOM   534  C  CG  . ASN A 1 68  ? 12.072  -5.103  -6.199  1.00 24.21  ? 68  ASN A CG  1 
ATOM   535  O  OD1 . ASN A 1 68  ? 11.198  -5.959  -6.082  1.00 24.95  ? 68  ASN A OD1 1 
ATOM   536  N  ND2 . ASN A 1 68  ? 12.810  -5.037  -7.295  1.00 30.93  ? 68  ASN A ND2 1 
ATOM   537  N  N   . GLN A 1 69  ? 12.120  -1.884  -2.960  1.00 5.79   ? 69  GLN A N   1 
ATOM   538  C  CA  . GLN A 1 69  ? 12.477  -1.416  -1.644  1.00 7.65   ? 69  GLN A CA  1 
ATOM   539  C  C   . GLN A 1 69  ? 11.248  -1.095  -0.873  1.00 9.06   ? 69  GLN A C   1 
ATOM   540  O  O   . GLN A 1 69  ? 11.192  -1.159  0.358   1.00 18.03  ? 69  GLN A O   1 
ATOM   541  C  CB  . GLN A 1 69  ? 13.260  -0.082  -1.754  1.00 4.47   ? 69  GLN A CB  1 
ATOM   542  C  CG  . GLN A 1 69  ? 14.627  -0.303  -2.449  1.00 5.78   ? 69  GLN A CG  1 
ATOM   543  C  CD  . GLN A 1 69  ? 15.340  0.974   -2.891  1.00 55.99  ? 69  GLN A CD  1 
ATOM   544  O  OE1 . GLN A 1 69  ? 16.450  0.918   -3.397  1.00 9.97   ? 69  GLN A OE1 1 
ATOM   545  N  NE2 . GLN A 1 69  ? 14.743  2.136   -2.654  1.00 12.34  ? 69  GLN A NE2 1 
ATOM   546  N  N   . ASP A 1 70  ? 10.277  -0.609  -1.638  1.00 9.78   ? 70  ASP A N   1 
ATOM   547  C  CA  . ASP A 1 70  ? 9.023   -0.206  -1.017  1.00 19.39  ? 70  ASP A CA  1 
ATOM   548  C  C   . ASP A 1 70  ? 8.251   -1.391  -0.444  1.00 13.11  ? 70  ASP A C   1 
ATOM   549  O  O   . ASP A 1 70  ? 7.699   -1.201  0.636   1.00 5.81   ? 70  ASP A O   1 
ATOM   550  C  CB  . ASP A 1 70  ? 8.115   0.760   -1.825  1.00 6.57   ? 70  ASP A CB  1 
ATOM   551  C  CG  . ASP A 1 70  ? 8.702   2.159   -1.855  1.00 10.28  ? 70  ASP A CG  1 
ATOM   552  O  OD1 . ASP A 1 70  ? 9.611   2.500   -1.128  1.00 20.65  ? 70  ASP A OD1 1 
ATOM   553  O  OD2 . ASP A 1 70  ? 8.281   2.870   -2.865  1.00 13.38  ? 70  ASP A OD2 1 
ATOM   554  N  N   . VAL A 1 71  ? 8.215   -2.534  -1.178  1.00 5.47   ? 71  VAL A N   1 
ATOM   555  C  CA  . VAL A 1 71  ? 7.505   -3.675  -0.640  1.00 15.13  ? 71  VAL A CA  1 
ATOM   556  C  C   . VAL A 1 71  ? 8.246   -4.120  0.563   1.00 9.34   ? 71  VAL A C   1 
ATOM   557  O  O   . VAL A 1 71  ? 7.727   -4.453  1.633   1.00 9.12   ? 71  VAL A O   1 
ATOM   558  C  CB  . VAL A 1 71  ? 7.295   -4.814  -1.640  1.00 19.09  ? 71  VAL A CB  1 
ATOM   559  C  CG1 . VAL A 1 71  ? 6.829   -6.104  -0.923  1.00 6.67   ? 71  VAL A CG1 1 
ATOM   560  C  CG2 . VAL A 1 71  ? 6.251   -4.359  -2.685  1.00 5.32   ? 71  VAL A CG2 1 
ATOM   561  N  N   . ASP A 1 72  ? 9.529   -4.104  0.366   1.00 4.08   ? 72  ASP A N   1 
ATOM   562  C  CA  . ASP A 1 72  ? 10.303  -4.536  1.490   1.00 5.04   ? 72  ASP A CA  1 
ATOM   563  C  C   . ASP A 1 72  ? 10.127  -3.777  2.816   1.00 7.39   ? 72  ASP A C   1 
ATOM   564  O  O   . ASP A 1 72  ? 9.971   -4.348  3.940   1.00 13.91  ? 72  ASP A O   1 
ATOM   565  C  CB  . ASP A 1 72  ? 11.748  -4.525  1.080   1.00 9.13   ? 72  ASP A CB  1 
ATOM   566  C  CG  . ASP A 1 72  ? 12.332  -5.630  1.802   1.00 25.24  ? 72  ASP A CG  1 
ATOM   567  O  OD1 . ASP A 1 72  ? 11.739  -6.686  1.845   1.00 80.71  ? 72  ASP A OD1 1 
ATOM   568  O  OD2 . ASP A 1 72  ? 13.462  -5.319  2.367   1.00 14.11  ? 72  ASP A OD2 1 
ATOM   569  N  N   . ALA A 1 73  ? 10.184  -2.474  2.693   1.00 13.87  ? 73  ALA A N   1 
ATOM   570  C  CA  . ALA A 1 73  ? 10.037  -1.573  3.865   1.00 17.52  ? 73  ALA A CA  1 
ATOM   571  C  C   . ALA A 1 73  ? 8.744   -1.793  4.615   1.00 21.03  ? 73  ALA A C   1 
ATOM   572  O  O   . ALA A 1 73  ? 8.647   -1.763  5.847   1.00 18.84  ? 73  ALA A O   1 
ATOM   573  C  CB  . ALA A 1 73  ? 10.006  -0.089  3.460   1.00 3.56   ? 73  ALA A CB  1 
ATOM   574  N  N   . ALA A 1 74  ? 7.697   -1.977  3.836   1.00 21.20  ? 74  ALA A N   1 
ATOM   575  C  CA  . ALA A 1 74  ? 6.353   -2.161  4.418   1.00 20.64  ? 74  ALA A CA  1 
ATOM   576  C  C   . ALA A 1 74  ? 6.238   -3.429  5.266   1.00 13.27  ? 74  ALA A C   1 
ATOM   577  O  O   . ALA A 1 74  ? 5.738   -3.384  6.405   1.00 19.39  ? 74  ALA A O   1 
ATOM   578  C  CB  . ALA A 1 74  ? 5.241   -2.106  3.352   1.00 16.14  ? 74  ALA A CB  1 
ATOM   579  N  N   . VAL A 1 75  ? 6.680   -4.558  4.710   1.00 11.75  ? 75  VAL A N   1 
ATOM   580  C  CA  . VAL A 1 75  ? 6.623   -5.799  5.505   1.00 15.10  ? 75  VAL A CA  1 
ATOM   581  C  C   . VAL A 1 75  ? 7.463   -5.617  6.768   1.00 22.17  ? 75  VAL A C   1 
ATOM   582  O  O   . VAL A 1 75  ? 7.064   -5.967  7.909   1.00 22.67  ? 75  VAL A O   1 
ATOM   583  C  CB  . VAL A 1 75  ? 7.260   -6.963  4.785   1.00 19.67  ? 75  VAL A CB  1 
ATOM   584  C  CG1 . VAL A 1 75  ? 6.886   -8.213  5.587   1.00 26.72  ? 75  VAL A CG1 1 
ATOM   585  C  CG2 . VAL A 1 75  ? 6.708   -7.100  3.405   1.00 13.52  ? 75  VAL A CG2 1 
ATOM   586  N  N   . ARG A 1 76  ? 8.641   -5.055  6.514   1.00 1.00   ? 76  ARG A N   1 
ATOM   587  C  CA  . ARG A 1 76  ? 9.467   -4.827  7.646   1.00 11.72  ? 76  ARG A CA  1 
ATOM   588  C  C   . ARG A 1 76  ? 8.755   -3.868  8.625   1.00 16.82  ? 76  ARG A C   1 
ATOM   589  O  O   . ARG A 1 76  ? 8.865   -3.967  9.861   1.00 18.31  ? 76  ARG A O   1 
ATOM   590  C  CB  . ARG A 1 76  ? 10.916  -4.404  7.252   1.00 13.52  ? 76  ARG A CB  1 
ATOM   591  C  CG  . ARG A 1 76  ? 11.807  -5.553  6.779   1.00 37.44  ? 76  ARG A CG  1 
ATOM   592  C  CD  . ARG A 1 76  ? 13.330  -5.294  6.757   1.00 100.00 ? 76  ARG A CD  1 
ATOM   593  N  NE  . ARG A 1 76  ? 13.902  -4.692  5.531   1.00 100.00 ? 76  ARG A NE  1 
ATOM   594  C  CZ  . ARG A 1 76  ? 13.381  -3.660  4.823   1.00 100.00 ? 76  ARG A CZ  1 
ATOM   595  N  NH1 . ARG A 1 76  ? 12.218  -3.076  5.148   1.00 100.00 ? 76  ARG A NH1 1 
ATOM   596  N  NH2 . ARG A 1 76  ? 14.023  -3.208  3.734   1.00 100.00 ? 76  ARG A NH2 1 
ATOM   597  N  N   . GLY A 1 77  ? 7.990   -2.917  8.121   1.00 7.98   ? 77  GLY A N   1 
ATOM   598  C  CA  . GLY A 1 77  ? 7.280   -2.002  9.049   1.00 4.18   ? 77  GLY A CA  1 
ATOM   599  C  C   . GLY A 1 77  ? 6.269   -2.794  9.910   1.00 36.28  ? 77  GLY A C   1 
ATOM   600  O  O   . GLY A 1 77  ? 6.074   -2.674  11.137  1.00 19.77  ? 77  GLY A O   1 
ATOM   601  N  N   . ILE A 1 78  ? 5.582   -3.663  9.218   1.00 11.01  ? 78  ILE A N   1 
ATOM   602  C  CA  . ILE A 1 78  ? 4.598   -4.523  9.842   1.00 14.19  ? 78  ILE A CA  1 
ATOM   603  C  C   . ILE A 1 78  ? 5.281   -5.331  10.914  1.00 15.55  ? 78  ILE A C   1 
ATOM   604  O  O   . ILE A 1 78  ? 4.877   -5.349  12.091  1.00 21.60  ? 78  ILE A O   1 
ATOM   605  C  CB  . ILE A 1 78  ? 4.008   -5.509  8.793   1.00 12.15  ? 78  ILE A CB  1 
ATOM   606  C  CG1 . ILE A 1 78  ? 2.897   -4.762  8.023   1.00 6.56   ? 78  ILE A CG1 1 
ATOM   607  C  CG2 . ILE A 1 78  ? 3.353   -6.691  9.542   1.00 9.53   ? 78  ILE A CG2 1 
ATOM   608  C  CD1 . ILE A 1 78  ? 2.411   -5.394  6.687   1.00 13.93  ? 78  ILE A CD1 1 
ATOM   609  N  N   . LEU A 1 79  ? 6.381   -5.957  10.481  1.00 16.07  ? 79  LEU A N   1 
ATOM   610  C  CA  . LEU A 1 79  ? 7.059   -6.806  11.413  1.00 7.29   ? 79  LEU A CA  1 
ATOM   611  C  C   . LEU A 1 79  ? 7.482   -6.173  12.715  1.00 19.49  ? 79  LEU A C   1 
ATOM   612  O  O   . LEU A 1 79  ? 7.528   -6.798  13.759  1.00 23.91  ? 79  LEU A O   1 
ATOM   613  C  CB  . LEU A 1 79  ? 8.122   -7.712  10.797  1.00 11.73  ? 79  LEU A CB  1 
ATOM   614  C  CG  . LEU A 1 79  ? 7.543   -8.601  9.735   1.00 31.34  ? 79  LEU A CG  1 
ATOM   615  C  CD1 . LEU A 1 79  ? 8.730   -9.252  9.048   1.00 23.65  ? 79  LEU A CD1 1 
ATOM   616  C  CD2 . LEU A 1 79  ? 6.662   -9.667  10.375  1.00 23.94  ? 79  LEU A CD2 1 
ATOM   617  N  N   . ARG A 1 80  ? 7.853   -4.918  12.617  1.00 28.09  ? 80  ARG A N   1 
ATOM   618  C  CA  . ARG A 1 80  ? 8.363   -4.222  13.775  1.00 27.50  ? 80  ARG A CA  1 
ATOM   619  C  C   . ARG A 1 80  ? 7.273   -3.686  14.676  1.00 37.93  ? 80  ARG A C   1 
ATOM   620  O  O   . ARG A 1 80  ? 7.497   -3.469  15.859  1.00 43.09  ? 80  ARG A O   1 
ATOM   621  C  CB  . ARG A 1 80  ? 9.343   -3.119  13.361  1.00 44.12  ? 80  ARG A CB  1 
ATOM   622  C  CG  . ARG A 1 80  ? 10.569  -3.586  12.572  1.00 100.00 ? 80  ARG A CG  1 
ATOM   623  C  CD  . ARG A 1 80  ? 11.664  -2.510  12.492  1.00 100.00 ? 80  ARG A CD  1 
ATOM   624  N  NE  . ARG A 1 80  ? 11.836  -1.917  11.147  1.00 100.00 ? 80  ARG A NE  1 
ATOM   625  C  CZ  . ARG A 1 80  ? 11.055  -0.977  10.534  1.00 100.00 ? 80  ARG A CZ  1 
ATOM   626  N  NH1 . ARG A 1 80  ? 9.966   -0.422  11.098  1.00 100.00 ? 80  ARG A NH1 1 
ATOM   627  N  NH2 . ARG A 1 80  ? 11.369  -0.569  9.288   1.00 100.00 ? 80  ARG A NH2 1 
ATOM   628  N  N   . ASN A 1 81  ? 6.103   -3.476  14.081  1.00 18.46  ? 81  ASN A N   1 
ATOM   629  C  CA  . ASN A 1 81  ? 4.971   -2.970  14.798  1.00 7.09   ? 81  ASN A CA  1 
ATOM   630  C  C   . ASN A 1 81  ? 4.365   -3.998  15.754  1.00 33.28  ? 81  ASN A C   1 
ATOM   631  O  O   . ASN A 1 81  ? 3.974   -5.095  15.308  1.00 35.05  ? 81  ASN A O   1 
ATOM   632  C  CB  . ASN A 1 81  ? 3.957   -2.498  13.771  1.00 19.97  ? 81  ASN A CB  1 
ATOM   633  C  CG  . ASN A 1 81  ? 3.018   -1.590  14.504  1.00 24.63  ? 81  ASN A CG  1 
ATOM   634  O  OD1 . ASN A 1 81  ? 2.225   -2.025  15.322  1.00 19.55  ? 81  ASN A OD1 1 
ATOM   635  N  ND2 . ASN A 1 81  ? 3.231   -0.314  14.350  1.00 17.54  ? 81  ASN A ND2 1 
ATOM   636  N  N   . ALA A 1 82  ? 4.285   -3.656  17.065  1.00 19.40  ? 82  ALA A N   1 
ATOM   637  C  CA  . ALA A 1 82  ? 3.713   -4.572  18.067  1.00 22.27  ? 82  ALA A CA  1 
ATOM   638  C  C   . ALA A 1 82  ? 2.225   -4.830  17.867  1.00 34.33  ? 82  ALA A C   1 
ATOM   639  O  O   . ALA A 1 82  ? 1.731   -5.956  17.991  1.00 41.18  ? 82  ALA A O   1 
ATOM   640  C  CB  . ALA A 1 82  ? 4.119   -4.323  19.522  1.00 21.93  ? 82  ALA A CB  1 
ATOM   641  N  N   . LYS A 1 83  ? 1.508   -3.783  17.519  1.00 22.56  ? 83  LYS A N   1 
ATOM   642  C  CA  . LYS A 1 83  ? 0.128   -3.993  17.221  1.00 30.69  ? 83  LYS A CA  1 
ATOM   643  C  C   . LYS A 1 83  ? -0.015  -4.795  15.922  1.00 30.22  ? 83  LYS A C   1 
ATOM   644  O  O   . LYS A 1 83  ? -0.898  -5.608  15.771  1.00 12.78  ? 83  LYS A O   1 
ATOM   645  C  CB  . LYS A 1 83  ? -0.643  -2.675  17.159  1.00 41.64  ? 83  LYS A CB  1 
ATOM   646  C  CG  . LYS A 1 83  ? -1.596  -2.538  18.343  1.00 100.00 ? 83  LYS A CG  1 
ATOM   647  C  CD  . LYS A 1 83  ? -0.875  -2.443  19.692  1.00 100.00 ? 83  LYS A CD  1 
ATOM   648  C  CE  . LYS A 1 83  ? -1.335  -3.421  20.789  1.00 100.00 ? 83  LYS A CE  1 
ATOM   649  N  NZ  . LYS A 1 83  ? -2.756  -3.852  20.746  1.00 100.00 ? 83  LYS A NZ  1 
ATOM   650  N  N   . LEU A 1 84  ? 0.831   -4.576  14.938  1.00 21.27  ? 84  LEU A N   1 
ATOM   651  C  CA  . LEU A 1 84  ? 0.618   -5.288  13.714  1.00 20.92  ? 84  LEU A CA  1 
ATOM   652  C  C   . LEU A 1 84  ? 1.126   -6.719  13.613  1.00 19.78  ? 84  LEU A C   1 
ATOM   653  O  O   . LEU A 1 84  ? 0.479   -7.616  13.072  1.00 10.55  ? 84  LEU A O   1 
ATOM   654  C  CB  . LEU A 1 84  ? 1.222   -4.439  12.611  1.00 19.46  ? 84  LEU A CB  1 
ATOM   655  C  CG  . LEU A 1 84  ? 0.624   -3.041  12.549  1.00 37.74  ? 84  LEU A CG  1 
ATOM   656  C  CD1 . LEU A 1 84  ? 1.463   -2.286  11.520  1.00 24.50  ? 84  LEU A CD1 1 
ATOM   657  C  CD2 . LEU A 1 84  ? -0.836  -3.077  12.091  1.00 16.03  ? 84  LEU A CD2 1 
ATOM   658  N  N   . LYS A 1 85  ? 2.353   -6.878  14.045  1.00 4.08   ? 85  LYS A N   1 
ATOM   659  C  CA  . LYS A 1 85  ? 3.031   -8.145  13.936  1.00 4.83   ? 85  LYS A CA  1 
ATOM   660  C  C   . LYS A 1 85  ? 2.202   -9.385  14.235  1.00 1.00   ? 85  LYS A C   1 
ATOM   661  O  O   . LYS A 1 85  ? 2.077   -10.353 13.472  1.00 15.10  ? 85  LYS A O   1 
ATOM   662  C  CB  . LYS A 1 85  ? 4.375   -8.136  14.668  1.00 10.93  ? 85  LYS A CB  1 
ATOM   663  C  CG  . LYS A 1 85  ? 5.187   -9.367  14.337  1.00 16.90  ? 85  LYS A CG  1 
ATOM   664  C  CD  . LYS A 1 85  ? 6.355   -9.634  15.271  1.00 23.12  ? 85  LYS A CD  1 
ATOM   665  C  CE  . LYS A 1 85  ? 7.161   -10.822 14.740  1.00 35.98  ? 85  LYS A CE  1 
ATOM   666  N  NZ  . LYS A 1 85  ? 6.920   -12.094 15.434  1.00 58.19  ? 85  LYS A NZ  1 
ATOM   667  N  N   . PRO A 1 86  ? 1.668   -9.395  15.417  1.00 10.56  ? 86  PRO A N   1 
ATOM   668  C  CA  . PRO A 1 86  ? 0.864   -10.554 15.835  1.00 31.96  ? 86  PRO A CA  1 
ATOM   669  C  C   . PRO A 1 86  ? -0.374  -10.765 14.922  1.00 18.90  ? 86  PRO A C   1 
ATOM   670  O  O   . PRO A 1 86  ? -0.872  -11.847 14.744  1.00 9.79   ? 86  PRO A O   1 
ATOM   671  C  CB  . PRO A 1 86  ? 0.459   -10.276 17.293  1.00 22.89  ? 86  PRO A CB  1 
ATOM   672  C  CG  . PRO A 1 86  ? 0.930   -8.845  17.571  1.00 29.23  ? 86  PRO A CG  1 
ATOM   673  C  CD  . PRO A 1 86  ? 1.478   -8.237  16.296  1.00 12.85  ? 86  PRO A CD  1 
ATOM   674  N  N   . VAL A 1 87  ? -0.917  -9.714  14.329  1.00 8.52   ? 87  VAL A N   1 
ATOM   675  C  CA  . VAL A 1 87  ? -2.049  -10.012 13.513  1.00 16.32  ? 87  VAL A CA  1 
ATOM   676  C  C   . VAL A 1 87  ? -1.564  -10.670 12.260  1.00 11.58  ? 87  VAL A C   1 
ATOM   677  O  O   . VAL A 1 87  ? -2.105  -11.627 11.756  1.00 7.95   ? 87  VAL A O   1 
ATOM   678  C  CB  . VAL A 1 87  ? -2.875  -8.752  13.174  1.00 12.85  ? 87  VAL A CB  1 
ATOM   679  C  CG1 . VAL A 1 87  ? -4.155  -9.176  12.415  1.00 1.00   ? 87  VAL A CG1 1 
ATOM   680  C  CG2 . VAL A 1 87  ? -3.215  -8.053  14.504  1.00 13.37  ? 87  VAL A CG2 1 
ATOM   681  N  N   . TYR A 1 88  ? -0.561  -10.042 11.733  1.00 7.38   ? 88  TYR A N   1 
ATOM   682  C  CA  . TYR A 1 88  ? -0.019  -10.470 10.469  1.00 7.01   ? 88  TYR A CA  1 
ATOM   683  C  C   . TYR A 1 88  ? 0.407   -11.934 10.481  1.00 10.67  ? 88  TYR A C   1 
ATOM   684  O  O   . TYR A 1 88  ? 0.167   -12.725 9.549   1.00 8.81   ? 88  TYR A O   1 
ATOM   685  C  CB  . TYR A 1 88  ? 1.145   -9.487  10.203  1.00 4.20   ? 88  TYR A CB  1 
ATOM   686  C  CG  . TYR A 1 88  ? 1.864   -9.875  8.956   1.00 11.90  ? 88  TYR A CG  1 
ATOM   687  C  CD1 . TYR A 1 88  ? 1.498   -9.253  7.764   1.00 7.23   ? 88  TYR A CD1 1 
ATOM   688  C  CD2 . TYR A 1 88  ? 2.915   -10.793 8.993   1.00 8.07   ? 88  TYR A CD2 1 
ATOM   689  C  CE1 . TYR A 1 88  ? 2.191   -9.559  6.601   1.00 4.65   ? 88  TYR A CE1 1 
ATOM   690  C  CE2 . TYR A 1 88  ? 3.581   -11.160 7.830   1.00 9.80   ? 88  TYR A CE2 1 
ATOM   691  C  CZ  . TYR A 1 88  ? 3.210   -10.508 6.652   1.00 25.14  ? 88  TYR A CZ  1 
ATOM   692  O  OH  . TYR A 1 88  ? 3.816   -10.796 5.488   1.00 24.95  ? 88  TYR A OH  1 
ATOM   693  N  N   . ASP A 1 89  ? 1.029   -12.318 11.564  1.00 5.77   ? 89  ASP A N   1 
ATOM   694  C  CA  . ASP A 1 89  ? 1.466   -13.727 11.649  1.00 1.00   ? 89  ASP A CA  1 
ATOM   695  C  C   . ASP A 1 89  ? 0.289   -14.617 11.917  1.00 30.08  ? 89  ASP A C   1 
ATOM   696  O  O   . ASP A 1 89  ? 0.410   -15.838 11.761  1.00 12.11  ? 89  ASP A O   1 
ATOM   697  C  CB  . ASP A 1 89  ? 2.421   -13.930 12.794  1.00 17.47  ? 89  ASP A CB  1 
ATOM   698  C  CG  . ASP A 1 89  ? 3.771   -13.334 12.598  1.00 10.67  ? 89  ASP A CG  1 
ATOM   699  O  OD1 . ASP A 1 89  ? 4.203   -12.973 11.509  1.00 33.26  ? 89  ASP A OD1 1 
ATOM   700  O  OD2 . ASP A 1 89  ? 4.367   -13.232 13.769  1.00 19.07  ? 89  ASP A OD2 1 
ATOM   701  N  N   . SER A 1 90  ? -0.862  -14.080 12.331  1.00 7.15   ? 90  SER A N   1 
ATOM   702  C  CA  . SER A 1 90  ? -1.905  -15.095 12.502  1.00 6.75   ? 90  SER A CA  1 
ATOM   703  C  C   . SER A 1 90  ? -2.579  -15.378 11.159  1.00 3.54   ? 90  SER A C   1 
ATOM   704  O  O   . SER A 1 90  ? -3.347  -16.324 11.036  1.00 5.07   ? 90  SER A O   1 
ATOM   705  C  CB  . SER A 1 90  ? -2.980  -14.599 13.392  1.00 12.57  ? 90  SER A CB  1 
ATOM   706  O  OG  . SER A 1 90  ? -3.464  -13.467 12.741  1.00 4.56   ? 90  SER A OG  1 
ATOM   707  N  N   . LEU A 1 91  ? -2.260  -14.627 10.113  1.00 1.00   ? 91  LEU A N   1 
ATOM   708  C  CA  . LEU A 1 91  ? -2.915  -14.873 8.760   1.00 4.20   ? 91  LEU A CA  1 
ATOM   709  C  C   . LEU A 1 91  ? -2.280  -15.897 7.824   1.00 14.56  ? 91  LEU A C   1 
ATOM   710  O  O   . LEU A 1 91  ? -1.106  -16.260 7.961   1.00 16.87  ? 91  LEU A O   1 
ATOM   711  C  CB  . LEU A 1 91  ? -3.074  -13.586 7.926   1.00 1.00   ? 91  LEU A CB  1 
ATOM   712  C  CG  . LEU A 1 91  ? -3.605  -12.399 8.759   1.00 21.22  ? 91  LEU A CG  1 
ATOM   713  C  CD1 . LEU A 1 91  ? -3.260  -11.041 8.153   1.00 15.19  ? 91  LEU A CD1 1 
ATOM   714  C  CD2 . LEU A 1 91  ? -5.116  -12.423 8.854   1.00 9.68   ? 91  LEU A CD2 1 
ATOM   715  N  N   . ASP A 1 92  ? -3.105  -16.348 6.872   1.00 10.08  ? 92  ASP A N   1 
ATOM   716  C  CA  . ASP A 1 92  ? -2.645  -17.230 5.881   1.00 4.07   ? 92  ASP A CA  1 
ATOM   717  C  C   . ASP A 1 92  ? -1.930  -16.346 4.838   1.00 14.97  ? 92  ASP A C   1 
ATOM   718  O  O   . ASP A 1 92  ? -1.893  -15.100 4.835   1.00 15.30  ? 92  ASP A O   1 
ATOM   719  C  CB  . ASP A 1 92  ? -3.858  -17.922 5.254   1.00 8.20   ? 92  ASP A CB  1 
ATOM   720  C  CG  . ASP A 1 92  ? -4.812  -16.887 4.682   1.00 8.71   ? 92  ASP A CG  1 
ATOM   721  O  OD1 . ASP A 1 92  ? -4.681  -16.417 3.585   1.00 10.53  ? 92  ASP A OD1 1 
ATOM   722  O  OD2 . ASP A 1 92  ? -5.687  -16.451 5.554   1.00 13.97  ? 92  ASP A OD2 1 
ATOM   723  N  N   . ALA A 1 93  ? -1.394  -16.983 3.862   1.00 9.03   ? 93  ALA A N   1 
ATOM   724  C  CA  . ALA A 1 93  ? -0.613  -16.256 2.859   1.00 1.00   ? 93  ALA A CA  1 
ATOM   725  C  C   . ALA A 1 93  ? -1.299  -15.255 1.960   1.00 12.18  ? 93  ALA A C   1 
ATOM   726  O  O   . ALA A 1 93  ? -0.704  -14.267 1.598   1.00 15.97  ? 93  ALA A O   1 
ATOM   727  C  CB  . ALA A 1 93  ? 0.221   -17.323 2.105   1.00 19.25  ? 93  ALA A CB  1 
ATOM   728  N  N   . VAL A 1 94  ? -2.556  -15.475 1.601   1.00 13.84  ? 94  VAL A N   1 
ATOM   729  C  CA  . VAL A 1 94  ? -3.169  -14.502 0.748   1.00 8.40   ? 94  VAL A CA  1 
ATOM   730  C  C   . VAL A 1 94  ? -3.514  -13.283 1.598   1.00 10.87  ? 94  VAL A C   1 
ATOM   731  O  O   . VAL A 1 94  ? -3.232  -12.114 1.285   1.00 5.07   ? 94  VAL A O   1 
ATOM   732  C  CB  . VAL A 1 94  ? -4.416  -15.173 0.091   1.00 11.68  ? 94  VAL A CB  1 
ATOM   733  C  CG1 . VAL A 1 94  ? -5.100  -14.221 -0.877  1.00 4.35   ? 94  VAL A CG1 1 
ATOM   734  C  CG2 . VAL A 1 94  ? -3.859  -16.333 -0.723  1.00 5.94   ? 94  VAL A CG2 1 
ATOM   735  N  N   . ARG A 1 95  ? -4.224  -13.557 2.694   1.00 1.00   ? 95  ARG A N   1 
ATOM   736  C  CA  . ARG A 1 95  ? -4.608  -12.419 3.529   1.00 12.54  ? 95  ARG A CA  1 
ATOM   737  C  C   . ARG A 1 95  ? -3.427  -11.519 3.980   1.00 15.70  ? 95  ARG A C   1 
ATOM   738  O  O   . ARG A 1 95  ? -3.521  -10.312 4.274   1.00 9.48   ? 95  ARG A O   1 
ATOM   739  C  CB  . ARG A 1 95  ? -5.339  -13.015 4.718   1.00 1.00   ? 95  ARG A CB  1 
ATOM   740  C  CG  . ARG A 1 95  ? -6.763  -13.353 4.320   1.00 11.68  ? 95  ARG A CG  1 
ATOM   741  C  CD  . ARG A 1 95  ? -7.633  -13.704 5.513   1.00 5.34   ? 95  ARG A CD  1 
ATOM   742  N  NE  . ARG A 1 95  ? -8.943  -14.184 5.108   1.00 1.30   ? 95  ARG A NE  1 
ATOM   743  C  CZ  . ARG A 1 95  ? -9.298  -15.473 4.878   1.00 17.55  ? 95  ARG A CZ  1 
ATOM   744  N  NH1 . ARG A 1 95  ? -8.379  -16.432 4.924   1.00 7.12   ? 95  ARG A NH1 1 
ATOM   745  N  NH2 . ARG A 1 95  ? -10.561 -15.802 4.526   1.00 17.14  ? 95  ARG A NH2 1 
ATOM   746  N  N   . ARG A 1 96  ? -2.256  -12.122 4.036   1.00 5.42   ? 96  ARG A N   1 
ATOM   747  C  CA  . ARG A 1 96  ? -1.080  -11.337 4.402   1.00 8.20   ? 96  ARG A CA  1 
ATOM   748  C  C   . ARG A 1 96  ? -0.794  -10.362 3.308   1.00 7.76   ? 96  ARG A C   1 
ATOM   749  O  O   . ARG A 1 96  ? -0.326  -9.263  3.643   1.00 10.37  ? 96  ARG A O   1 
ATOM   750  C  CB  . ARG A 1 96  ? 0.168   -12.170 4.616   1.00 3.90   ? 96  ARG A CB  1 
ATOM   751  C  CG  . ARG A 1 96  ? 0.312   -12.709 6.039   1.00 10.56  ? 96  ARG A CG  1 
ATOM   752  C  CD  . ARG A 1 96  ? 1.380   -13.822 6.184   1.00 8.47   ? 96  ARG A CD  1 
ATOM   753  N  NE  . ARG A 1 96  ? 1.349   -14.451 7.504   1.00 15.48  ? 96  ARG A NE  1 
ATOM   754  C  CZ  . ARG A 1 96  ? 2.303   -15.253 7.969   1.00 43.71  ? 96  ARG A CZ  1 
ATOM   755  N  NH1 . ARG A 1 96  ? 3.360   -15.521 7.242   1.00 10.95  ? 96  ARG A NH1 1 
ATOM   756  N  NH2 . ARG A 1 96  ? 2.234   -15.799 9.186   1.00 12.24  ? 96  ARG A NH2 1 
ATOM   757  N  N   . CYS A 1 97  ? -1.137  -10.757 2.040   1.00 1.00   ? 97  CYS A N   1 
ATOM   758  C  CA  . CYS A 1 97  ? -0.888  -9.855  0.962   1.00 6.72   ? 97  CYS A CA  1 
ATOM   759  C  C   . CYS A 1 97  ? -1.767  -8.660  1.125   1.00 9.24   ? 97  CYS A C   1 
ATOM   760  O  O   . CYS A 1 97  ? -1.355  -7.529  0.906   1.00 7.20   ? 97  CYS A O   1 
ATOM   761  C  CB  . CYS A 1 97  ? -1.171  -10.470 -0.387  1.00 18.97  ? 97  CYS A CB  1 
ATOM   762  S  SG  . CYS A 1 97  ? 0.224   -11.540 -0.746  1.00 18.31  ? 97  CYS A SG  1 
ATOM   763  N  N   . ALA A 1 98  ? -2.963  -8.939  1.513   1.00 5.25   ? 98  ALA A N   1 
ATOM   764  C  CA  . ALA A 1 98  ? -3.884  -7.848  1.735   1.00 16.24  ? 98  ALA A CA  1 
ATOM   765  C  C   . ALA A 1 98  ? -3.339  -6.932  2.836   1.00 27.86  ? 98  ALA A C   1 
ATOM   766  O  O   . ALA A 1 98  ? -3.461  -5.712  2.793   1.00 10.24  ? 98  ALA A O   1 
ATOM   767  C  CB  . ALA A 1 98  ? -5.245  -8.366  2.169   1.00 10.32  ? 98  ALA A CB  1 
ATOM   768  N  N   . ALA A 1 99  ? -2.709  -7.466  3.867   1.00 17.65  ? 99  ALA A N   1 
ATOM   769  C  CA  . ALA A 1 99  ? -2.225  -6.516  4.846   1.00 10.21  ? 99  ALA A CA  1 
ATOM   770  C  C   . ALA A 1 99  ? -1.108  -5.650  4.295   1.00 8.40   ? 99  ALA A C   1 
ATOM   771  O  O   . ALA A 1 99  ? -1.017  -4.474  4.534   1.00 7.92   ? 99  ALA A O   1 
ATOM   772  C  CB  . ALA A 1 99  ? -1.700  -7.222  6.081   1.00 1.81   ? 99  ALA A CB  1 
ATOM   773  N  N   . ILE A 1 100 ? -0.179  -6.244  3.581   1.00 8.57   ? 100 ILE A N   1 
ATOM   774  C  CA  . ILE A 1 100 ? 0.889   -5.450  3.016   1.00 8.89   ? 100 ILE A CA  1 
ATOM   775  C  C   . ILE A 1 100 ? 0.342   -4.359  2.086   1.00 8.12   ? 100 ILE A C   1 
ATOM   776  O  O   . ILE A 1 100 ? 0.795   -3.189  2.071   1.00 20.80  ? 100 ILE A O   1 
ATOM   777  C  CB  . ILE A 1 100 ? 1.856   -6.397  2.332   1.00 16.19  ? 100 ILE A CB  1 
ATOM   778  C  CG1 . ILE A 1 100 ? 2.444   -7.352  3.359   1.00 9.67   ? 100 ILE A CG1 1 
ATOM   779  C  CG2 . ILE A 1 100 ? 2.964   -5.656  1.601   1.00 1.00   ? 100 ILE A CG2 1 
ATOM   780  C  CD1 . ILE A 1 100 ? 2.946   -8.579  2.677   1.00 1.00   ? 100 ILE A CD1 1 
ATOM   781  N  N   . ASN A 1 101 ? -0.688  -4.702  1.309   1.00 10.85  ? 101 ASN A N   1 
ATOM   782  C  CA  . ASN A 1 101 ? -1.312  -3.723  0.405   1.00 5.17   ? 101 ASN A CA  1 
ATOM   783  C  C   . ASN A 1 101 ? -1.774  -2.508  1.182   1.00 12.66  ? 101 ASN A C   1 
ATOM   784  O  O   . ASN A 1 101 ? -1.520  -1.380  0.843   1.00 5.41   ? 101 ASN A O   1 
ATOM   785  C  CB  . ASN A 1 101 ? -2.528  -4.338  -0.361  1.00 21.02  ? 101 ASN A CB  1 
ATOM   786  C  CG  . ASN A 1 101 ? -2.926  -3.576  -1.630  1.00 16.07  ? 101 ASN A CG  1 
ATOM   787  O  OD1 . ASN A 1 101 ? -3.180  -2.386  -1.528  1.00 18.98  ? 101 ASN A OD1 1 
ATOM   788  N  ND2 . ASN A 1 101 ? -2.996  -4.203  -2.833  1.00 2.11   ? 101 ASN A ND2 1 
ATOM   789  N  N   . GLN A 1 102 ? -2.515  -2.721  2.249   1.00 3.97   ? 102 GLN A N   1 
ATOM   790  C  CA  . GLN A 1 102 ? -2.937  -1.515  3.006   1.00 17.45  ? 102 GLN A CA  1 
ATOM   791  C  C   . GLN A 1 102 ? -1.772  -0.733  3.609   1.00 10.97  ? 102 GLN A C   1 
ATOM   792  O  O   . GLN A 1 102 ? -1.791  0.486   3.729   1.00 11.13  ? 102 GLN A O   1 
ATOM   793  C  CB  . GLN A 1 102 ? -3.762  -1.867  4.253   1.00 7.25   ? 102 GLN A CB  1 
ATOM   794  C  CG  . GLN A 1 102 ? -5.274  -1.620  4.214   1.00 23.61  ? 102 GLN A CG  1 
ATOM   795  C  CD  . GLN A 1 102 ? -5.888  -1.921  5.572   1.00 18.68  ? 102 GLN A CD  1 
ATOM   796  O  OE1 . GLN A 1 102 ? -5.660  -2.975  6.176   1.00 17.63  ? 102 GLN A OE1 1 
ATOM   797  N  NE2 . GLN A 1 102 ? -6.585  -0.974  6.121   1.00 15.48  ? 102 GLN A NE2 1 
ATOM   798  N  N   . VAL A 1 103 ? -0.764  -1.452  4.110   1.00 13.22  ? 103 VAL A N   1 
ATOM   799  C  CA  . VAL A 1 103 ? 0.308   -0.705  4.725   1.00 8.58   ? 103 VAL A CA  1 
ATOM   800  C  C   . VAL A 1 103 ? 1.102   0.045   3.670   1.00 14.36  ? 103 VAL A C   1 
ATOM   801  O  O   . VAL A 1 103 ? 1.668   1.105   3.909   1.00 22.57  ? 103 VAL A O   1 
ATOM   802  C  CB  . VAL A 1 103 ? 1.210   -1.568  5.606   1.00 10.62  ? 103 VAL A CB  1 
ATOM   803  C  CG1 . VAL A 1 103 ? 2.313   -0.693  6.199   1.00 11.90  ? 103 VAL A CG1 1 
ATOM   804  C  CG2 . VAL A 1 103 ? 0.421   -2.218  6.737   1.00 18.52  ? 103 VAL A CG2 1 
ATOM   805  N  N   . PHE A 1 104 ? 1.104   -0.509  2.481   1.00 11.22  ? 104 PHE A N   1 
ATOM   806  C  CA  . PHE A 1 104 ? 1.821   0.152   1.455   1.00 5.86   ? 104 PHE A CA  1 
ATOM   807  C  C   . PHE A 1 104 ? 1.134   1.399   1.131   1.00 21.64  ? 104 PHE A C   1 
ATOM   808  O  O   . PHE A 1 104 ? 1.761   2.432   1.032   1.00 19.62  ? 104 PHE A O   1 
ATOM   809  C  CB  . PHE A 1 104 ? 1.862   -0.751  0.257   1.00 15.06  ? 104 PHE A CB  1 
ATOM   810  C  CG  . PHE A 1 104 ? 2.700   -0.230  -0.877  1.00 5.46   ? 104 PHE A CG  1 
ATOM   811  C  CD1 . PHE A 1 104 ? 3.963   -0.735  -1.185  1.00 19.24  ? 104 PHE A CD1 1 
ATOM   812  C  CD2 . PHE A 1 104 ? 2.135   0.684   -1.758  1.00 6.90   ? 104 PHE A CD2 1 
ATOM   813  C  CE1 . PHE A 1 104 ? 4.678   -0.311  -2.308  1.00 11.25  ? 104 PHE A CE1 1 
ATOM   814  C  CE2 . PHE A 1 104 ? 2.825   1.104   -2.894  1.00 15.80  ? 104 PHE A CE2 1 
ATOM   815  C  CZ  . PHE A 1 104 ? 4.098   0.619   -3.174  1.00 14.58  ? 104 PHE A CZ  1 
ATOM   816  N  N   . GLN A 1 105 ? -0.165  1.270   1.043   1.00 18.85  ? 105 GLN A N   1 
ATOM   817  C  CA  . GLN A 1 105 ? -0.963  2.398   0.662   1.00 15.48  ? 105 GLN A CA  1 
ATOM   818  C  C   . GLN A 1 105 ? -1.107  3.438   1.755   1.00 31.02  ? 105 GLN A C   1 
ATOM   819  O  O   . GLN A 1 105 ? -1.072  4.620   1.502   1.00 14.39  ? 105 GLN A O   1 
ATOM   820  C  CB  . GLN A 1 105 ? -2.335  1.914   0.131   1.00 15.07  ? 105 GLN A CB  1 
ATOM   821  C  CG  . GLN A 1 105 ? -3.286  3.076   -0.167  1.00 19.02  ? 105 GLN A CG  1 
ATOM   822  C  CD  . GLN A 1 105 ? -4.772  2.781   -0.400  1.00 12.91  ? 105 GLN A CD  1 
ATOM   823  O  OE1 . GLN A 1 105 ? -5.236  1.638   -0.415  1.00 27.83  ? 105 GLN A OE1 1 
ATOM   824  N  NE2 . GLN A 1 105 ? -5.518  3.858   -0.643  1.00 11.80  ? 105 GLN A NE2 1 
ATOM   825  N  N   . MET A 1 106 ? -1.260  3.038   3.008   1.00 24.88  ? 106 MET A N   1 
ATOM   826  C  CA  . MET A 1 106 ? -1.495  4.059   3.994   1.00 15.01  ? 106 MET A CA  1 
ATOM   827  C  C   . MET A 1 106 ? -0.466  4.217   5.115   1.00 14.22  ? 106 MET A C   1 
ATOM   828  O  O   . MET A 1 106 ? -0.596  5.090   5.934   1.00 29.37  ? 106 MET A O   1 
ATOM   829  C  CB  . MET A 1 106 ? -3.036  4.093   4.357   1.00 7.89   ? 106 MET A CB  1 
ATOM   830  C  CG  . MET A 1 106 ? -3.557  3.158   5.470   1.00 25.16  ? 106 MET A CG  1 
ATOM   831  S  SD  . MET A 1 106 ? -5.333  2.963   5.245   1.00 28.03  ? 106 MET A SD  1 
ATOM   832  C  CE  . MET A 1 106 ? -5.733  1.822   6.576   1.00 54.28  ? 106 MET A CE  1 
ATOM   833  N  N   . GLY A 1 107 ? 0.582   3.385   5.174   1.00 11.42  ? 107 GLY A N   1 
ATOM   834  C  CA  . GLY A 1 107 ? 1.485   3.581   6.290   1.00 16.04  ? 107 GLY A CA  1 
ATOM   835  C  C   . GLY A 1 107 ? 0.994   2.786   7.508   1.00 25.88  ? 107 GLY A C   1 
ATOM   836  O  O   . GLY A 1 107 ? -0.206  2.478   7.724   1.00 23.19  ? 107 GLY A O   1 
ATOM   837  N  N   . GLU A 1 108 ? 1.995   2.401   8.273   1.00 28.38  ? 108 GLU A N   1 
ATOM   838  C  CA  . GLU A 1 108 ? 1.870   1.539   9.417   1.00 30.80  ? 108 GLU A CA  1 
ATOM   839  C  C   . GLU A 1 108 ? 1.037   2.141   10.509  1.00 31.46  ? 108 GLU A C   1 
ATOM   840  O  O   . GLU A 1 108 ? 0.350   1.507   11.307  1.00 36.51  ? 108 GLU A O   1 
ATOM   841  C  CB  . GLU A 1 108 ? 3.233   0.908   9.790   1.00 33.54  ? 108 GLU A CB  1 
ATOM   842  C  CG  . GLU A 1 108 ? 3.857   1.264   11.154  1.00 47.84  ? 108 GLU A CG  1 
ATOM   843  C  CD  . GLU A 1 108 ? 5.300   0.949   11.011  1.00 100.00 ? 108 GLU A CD  1 
ATOM   844  O  OE1 . GLU A 1 108 ? 5.919   1.383   10.051  1.00 100.00 ? 108 GLU A OE1 1 
ATOM   845  O  OE2 . GLU A 1 108 ? 5.748   0.107   11.925  1.00 92.96  ? 108 GLU A OE2 1 
ATOM   846  N  N   . THR A 1 109 ? 1.157   3.425   10.513  1.00 42.39  ? 109 THR A N   1 
ATOM   847  C  CA  . THR A 1 109 ? 0.470   4.329   11.398  1.00 54.89  ? 109 THR A CA  1 
ATOM   848  C  C   . THR A 1 109 ? -1.054  4.184   11.207  1.00 58.62  ? 109 THR A C   1 
ATOM   849  O  O   . THR A 1 109 ? -1.775  3.672   12.074  1.00 57.58  ? 109 THR A O   1 
ATOM   850  C  CB  . THR A 1 109 ? 0.971   5.731   10.982  1.00 100.00 ? 109 THR A CB  1 
ATOM   851  O  OG1 . THR A 1 109 ? 1.534   5.670   9.681   1.00 100.00 ? 109 THR A OG1 1 
ATOM   852  C  CG2 . THR A 1 109 ? 1.927   6.344   11.985  1.00 100.00 ? 109 THR A CG2 1 
ATOM   853  N  N   . GLY A 1 110 ? -1.546  4.605   10.022  1.00 46.48  ? 110 GLY A N   1 
ATOM   854  C  CA  . GLY A 1 110 ? -2.935  4.499   9.629   1.00 39.00  ? 110 GLY A CA  1 
ATOM   855  C  C   . GLY A 1 110 ? -3.478  3.107   9.943   1.00 41.21  ? 110 GLY A C   1 
ATOM   856  O  O   . GLY A 1 110 ? -4.508  2.989   10.577  1.00 47.66  ? 110 GLY A O   1 
ATOM   857  N  N   . VAL A 1 111 ? -2.773  2.055   9.537   1.00 28.91  ? 111 VAL A N   1 
ATOM   858  C  CA  . VAL A 1 111 ? -3.227  0.712   9.818   1.00 31.18  ? 111 VAL A CA  1 
ATOM   859  C  C   . VAL A 1 111 ? -3.255  0.419   11.295  1.00 42.99  ? 111 VAL A C   1 
ATOM   860  O  O   . VAL A 1 111 ? -4.161  -0.277  11.813  1.00 31.87  ? 111 VAL A O   1 
ATOM   861  C  CB  . VAL A 1 111 ? -2.452  -0.349  9.067   1.00 35.07  ? 111 VAL A CB  1 
ATOM   862  C  CG1 . VAL A 1 111 ? -3.214  -1.670  9.210   1.00 28.11  ? 111 VAL A CG1 1 
ATOM   863  C  CG2 . VAL A 1 111 ? -2.424  0.097   7.603   1.00 37.97  ? 111 VAL A CG2 1 
ATOM   864  N  N   . ALA A 1 112 ? -2.267  0.948   11.994  1.00 41.28  ? 112 ALA A N   1 
ATOM   865  C  CA  . ALA A 1 112 ? -2.246  0.701   13.431  1.00 37.78  ? 112 ALA A CA  1 
ATOM   866  C  C   . ALA A 1 112 ? -3.529  1.184   14.153  1.00 57.23  ? 112 ALA A C   1 
ATOM   867  O  O   . ALA A 1 112 ? -3.915  0.669   15.217  1.00 45.31  ? 112 ALA A O   1 
ATOM   868  C  CB  . ALA A 1 112 ? -0.900  0.922   14.082  1.00 27.09  ? 112 ALA A CB  1 
ATOM   869  N  N   . GLY A 1 113 ? -4.245  2.157   13.574  1.00 54.22  ? 113 GLY A N   1 
ATOM   870  C  CA  . GLY A 1 113 ? -5.473  2.655   14.207  1.00 58.52  ? 113 GLY A CA  1 
ATOM   871  C  C   . GLY A 1 113 ? -6.780  1.873   13.899  1.00 61.73  ? 113 GLY A C   1 
ATOM   872  O  O   . GLY A 1 113 ? -7.889  2.219   14.342  1.00 51.61  ? 113 GLY A O   1 
ATOM   873  N  N   . PHE A 1 114 ? -6.675  0.816   13.103  1.00 27.81  ? 114 PHE A N   1 
ATOM   874  C  CA  . PHE A 1 114 ? -7.803  -0.007  12.740  1.00 14.02  ? 114 PHE A CA  1 
ATOM   875  C  C   . PHE A 1 114 ? -7.965  -1.145  13.756  1.00 13.11  ? 114 PHE A C   1 
ATOM   876  O  O   . PHE A 1 114 ? -8.203  -2.313  13.495  1.00 21.12  ? 114 PHE A O   1 
ATOM   877  C  CB  . PHE A 1 114 ? -7.569  -0.510  11.328  1.00 19.94  ? 114 PHE A CB  1 
ATOM   878  C  CG  . PHE A 1 114 ? -7.978  0.395   10.201  1.00 23.95  ? 114 PHE A CG  1 
ATOM   879  C  CD1 . PHE A 1 114 ? -7.360  1.620   9.968   1.00 32.26  ? 114 PHE A CD1 1 
ATOM   880  C  CD2 . PHE A 1 114 ? -8.984  0.006   9.315   1.00 37.04  ? 114 PHE A CD2 1 
ATOM   881  C  CE1 . PHE A 1 114 ? -7.733  2.380   8.861   1.00 28.05  ? 114 PHE A CE1 1 
ATOM   882  C  CE2 . PHE A 1 114 ? -9.408  0.766   8.226   1.00 31.11  ? 114 PHE A CE2 1 
ATOM   883  C  CZ  . PHE A 1 114 ? -8.750  1.970   7.997   1.00 40.68  ? 114 PHE A CZ  1 
ATOM   884  N  N   . THR A 1 115 ? -7.825  -0.721  14.987  1.00 12.93  ? 115 THR A N   1 
ATOM   885  C  CA  . THR A 1 115 ? -7.889  -1.510  16.139  1.00 11.68  ? 115 THR A CA  1 
ATOM   886  C  C   . THR A 1 115 ? -8.916  -2.585  16.142  1.00 18.16  ? 115 THR A C   1 
ATOM   887  O  O   . THR A 1 115 ? -8.589  -3.752  16.288  1.00 21.48  ? 115 THR A O   1 
ATOM   888  C  CB  . THR A 1 115 ? -8.156  -0.562  17.272  1.00 30.28  ? 115 THR A CB  1 
ATOM   889  O  OG1 . THR A 1 115 ? -6.949  0.125   17.455  1.00 31.80  ? 115 THR A OG1 1 
ATOM   890  C  CG2 . THR A 1 115 ? -8.425  -1.449  18.475  1.00 53.01  ? 115 THR A CG2 1 
ATOM   891  N  N   . ASN A 1 116 ? -10.142 -2.178  15.958  1.00 12.79  ? 116 ASN A N   1 
ATOM   892  C  CA  . ASN A 1 116 ? -11.222 -3.132  15.949  1.00 9.73   ? 116 ASN A CA  1 
ATOM   893  C  C   . ASN A 1 116 ? -11.126 -4.185  14.859  1.00 16.98  ? 116 ASN A C   1 
ATOM   894  O  O   . ASN A 1 116 ? -11.393 -5.359  15.051  1.00 16.76  ? 116 ASN A O   1 
ATOM   895  C  CB  . ASN A 1 116 ? -12.520 -2.346  15.842  1.00 14.48  ? 116 ASN A CB  1 
ATOM   896  C  CG  . ASN A 1 116 ? -12.665 -1.532  17.108  1.00 49.44  ? 116 ASN A CG  1 
ATOM   897  O  OD1 . ASN A 1 116 ? -12.406 -2.108  18.158  1.00 25.96  ? 116 ASN A OD1 1 
ATOM   898  N  ND2 . ASN A 1 116 ? -13.078 -0.251  17.067  1.00 16.37  ? 116 ASN A ND2 1 
ATOM   899  N  N   . SER A 1 117 ? -10.763 -3.756  13.669  1.00 6.99   ? 117 SER A N   1 
ATOM   900  C  CA  . SER A 1 117 ? -10.631 -4.679  12.536  1.00 6.82   ? 117 SER A CA  1 
ATOM   901  C  C   . SER A 1 117 ? -9.483  -5.617  12.791  1.00 13.67  ? 117 SER A C   1 
ATOM   902  O  O   . SER A 1 117 ? -9.508  -6.801  12.491  1.00 16.81  ? 117 SER A O   1 
ATOM   903  C  CB  . SER A 1 117 ? -10.213 -3.886  11.325  1.00 13.33  ? 117 SER A CB  1 
ATOM   904  O  OG  . SER A 1 117 ? -11.130 -2.864  11.070  1.00 26.36  ? 117 SER A OG  1 
ATOM   905  N  N   . LEU A 1 118 ? -8.475  -5.024  13.407  1.00 10.30  ? 118 LEU A N   1 
ATOM   906  C  CA  . LEU A 1 118 ? -7.301  -5.770  13.703  1.00 17.59  ? 118 LEU A CA  1 
ATOM   907  C  C   . LEU A 1 118 ? -7.688  -6.912  14.556  1.00 20.15  ? 118 LEU A C   1 
ATOM   908  O  O   . LEU A 1 118 ? -7.298  -8.089  14.429  1.00 8.21   ? 118 LEU A O   1 
ATOM   909  C  CB  . LEU A 1 118 ? -6.288  -4.905  14.455  1.00 18.67  ? 118 LEU A CB  1 
ATOM   910  C  CG  . LEU A 1 118 ? -5.376  -4.064  13.549  1.00 20.44  ? 118 LEU A CG  1 
ATOM   911  C  CD1 . LEU A 1 118 ? -4.589  -3.186  14.491  1.00 18.44  ? 118 LEU A CD1 1 
ATOM   912  C  CD2 . LEU A 1 118 ? -4.405  -4.858  12.622  1.00 15.55  ? 118 LEU A CD2 1 
ATOM   913  N  N   . ARG A 1 119 ? -8.495  -6.538  15.468  1.00 7.98   ? 119 ARG A N   1 
ATOM   914  C  CA  . ARG A 1 119 ? -8.874  -7.612  16.345  1.00 16.14  ? 119 ARG A CA  1 
ATOM   915  C  C   . ARG A 1 119 ? -9.732  -8.668  15.669  1.00 25.49  ? 119 ARG A C   1 
ATOM   916  O  O   . ARG A 1 119 ? -9.595  -9.891  15.873  1.00 35.72  ? 119 ARG A O   1 
ATOM   917  C  CB  . ARG A 1 119 ? -9.587  -7.181  17.620  1.00 20.85  ? 119 ARG A CB  1 
ATOM   918  C  CG  . ARG A 1 119 ? -9.448  -5.746  18.084  1.00 100.00 ? 119 ARG A CG  1 
ATOM   919  C  CD  . ARG A 1 119 ? -10.374 -5.502  19.292  1.00 100.00 ? 119 ARG A CD  1 
ATOM   920  N  NE  . ARG A 1 119 ? -11.409 -6.534  19.516  1.00 100.00 ? 119 ARG A NE  1 
ATOM   921  C  CZ  . ARG A 1 119 ? -12.732 -6.402  19.259  1.00 100.00 ? 119 ARG A CZ  1 
ATOM   922  N  NH1 . ARG A 1 119 ? -13.255 -5.281  18.739  1.00 100.00 ? 119 ARG A NH1 1 
ATOM   923  N  NH2 . ARG A 1 119 ? -13.560 -7.427  19.517  1.00 100.00 ? 119 ARG A NH2 1 
ATOM   924  N  N   . MET A 1 120 ? -10.629 -8.176  14.847  1.00 20.62  ? 120 MET A N   1 
ATOM   925  C  CA  . MET A 1 120 ? -11.507 -9.120  14.203  1.00 15.52  ? 120 MET A CA  1 
ATOM   926  C  C   . MET A 1 120 ? -10.741 -10.035 13.317  1.00 14.59  ? 120 MET A C   1 
ATOM   927  O  O   . MET A 1 120 ? -11.037 -11.234 13.300  1.00 19.29  ? 120 MET A O   1 
ATOM   928  C  CB  . MET A 1 120 ? -12.618 -8.437  13.435  1.00 3.59   ? 120 MET A CB  1 
ATOM   929  C  CG  . MET A 1 120 ? -13.662 -7.857  14.329  1.00 20.57  ? 120 MET A CG  1 
ATOM   930  S  SD  . MET A 1 120 ? -14.681 -6.718  13.352  1.00 35.74  ? 120 MET A SD  1 
ATOM   931  C  CE  . MET A 1 120 ? -15.152 -5.435  14.533  1.00 36.91  ? 120 MET A CE  1 
ATOM   932  N  N   . LEU A 1 121 ? -9.749  -9.438  12.633  1.00 7.67   ? 121 LEU A N   1 
ATOM   933  C  CA  . LEU A 1 121 ? -8.924  -10.269 11.762  1.00 13.68  ? 121 LEU A CA  1 
ATOM   934  C  C   . LEU A 1 121 ? -8.170  -11.293 12.625  1.00 24.22  ? 121 LEU A C   1 
ATOM   935  O  O   . LEU A 1 121 ? -7.937  -12.460 12.309  1.00 13.53  ? 121 LEU A O   1 
ATOM   936  C  CB  . LEU A 1 121 ? -7.898  -9.378  11.011  1.00 11.96  ? 121 LEU A CB  1 
ATOM   937  C  CG  . LEU A 1 121 ? -8.605  -8.563  9.899   1.00 17.86  ? 121 LEU A CG  1 
ATOM   938  C  CD1 . LEU A 1 121 ? -7.675  -7.602  9.175   1.00 16.15  ? 121 LEU A CD1 1 
ATOM   939  C  CD2 . LEU A 1 121 ? -9.032  -9.514  8.812   1.00 8.71   ? 121 LEU A CD2 1 
ATOM   940  N  N   . GLN A 1 122 ? -7.768  -10.860 13.786  1.00 9.29   ? 122 GLN A N   1 
ATOM   941  C  CA  . GLN A 1 122 ? -7.067  -11.801 14.559  1.00 17.28  ? 122 GLN A CA  1 
ATOM   942  C  C   . GLN A 1 122 ? -7.877  -13.041 14.980  1.00 25.90  ? 122 GLN A C   1 
ATOM   943  O  O   . GLN A 1 122 ? -7.399  -14.169 15.065  1.00 16.49  ? 122 GLN A O   1 
ATOM   944  C  CB  . GLN A 1 122 ? -6.344  -11.118 15.697  1.00 14.27  ? 122 GLN A CB  1 
ATOM   945  C  CG  . GLN A 1 122 ? -5.280  -12.001 16.337  1.00 38.09  ? 122 GLN A CG  1 
ATOM   946  C  CD  . GLN A 1 122 ? -4.573  -11.245 17.431  1.00 42.32  ? 122 GLN A CD  1 
ATOM   947  O  OE1 . GLN A 1 122 ? -4.950  -10.106 17.768  1.00 100.00 ? 122 GLN A OE1 1 
ATOM   948  N  NE2 . GLN A 1 122 ? -3.587  -11.908 18.039  1.00 46.09  ? 122 GLN A NE2 1 
ATOM   949  N  N   . GLN A 1 123 ? -9.124  -12.836 15.218  1.00 7.74   ? 123 GLN A N   1 
ATOM   950  C  CA  . GLN A 1 123 ? -10.048 -13.855 15.625  1.00 8.34   ? 123 GLN A CA  1 
ATOM   951  C  C   . GLN A 1 123 ? -10.634 -14.585 14.475  1.00 21.41  ? 123 GLN A C   1 
ATOM   952  O  O   . GLN A 1 123 ? -11.522 -15.385 14.702  1.00 27.25  ? 123 GLN A O   1 
ATOM   953  C  CB  . GLN A 1 123 ? -11.213 -13.107 16.142  1.00 14.04  ? 123 GLN A CB  1 
ATOM   954  C  CG  . GLN A 1 123 ? -10.907 -12.716 17.590  1.00 15.25  ? 123 GLN A CG  1 
ATOM   955  C  CD  . GLN A 1 123 ? -12.109 -12.013 18.182  1.00 37.85  ? 123 GLN A CD  1 
ATOM   956  O  OE1 . GLN A 1 123 ? -12.328 -12.066 19.380  1.00 27.49  ? 123 GLN A OE1 1 
ATOM   957  N  NE2 . GLN A 1 123 ? -12.918 -11.382 17.327  1.00 100.00 ? 123 GLN A NE2 1 
ATOM   958  N  N   . LYS A 1 124 ? -10.199 -14.291 13.249  1.00 20.48  ? 124 LYS A N   1 
ATOM   959  C  CA  . LYS A 1 124 ? -10.730 -14.977 12.075  1.00 14.35  ? 124 LYS A CA  1 
ATOM   960  C  C   . LYS A 1 124 ? -12.216 -14.727 11.771  1.00 26.69  ? 124 LYS A C   1 
ATOM   961  O  O   . LYS A 1 124 ? -12.903 -15.527 11.105  1.00 18.93  ? 124 LYS A O   1 
ATOM   962  C  CB  . LYS A 1 124 ? -10.275 -16.430 11.930  1.00 21.64  ? 124 LYS A CB  1 
ATOM   963  C  CG  . LYS A 1 124 ? -8.797  -16.560 12.222  1.00 7.14   ? 124 LYS A CG  1 
ATOM   964  C  CD  . LYS A 1 124 ? -8.122  -17.787 11.616  1.00 25.57  ? 124 LYS A CD  1 
ATOM   965  C  CE  . LYS A 1 124 ? -6.601  -17.726 11.591  1.00 7.87   ? 124 LYS A CE  1 
ATOM   966  N  NZ  . LYS A 1 124 ? -6.041  -16.692 10.698  1.00 16.01  ? 124 LYS A NZ  1 
ATOM   967  N  N   . ARG A 1 125 ? -12.710 -13.565 12.215  1.00 14.49  ? 125 ARG A N   1 
ATOM   968  C  CA  . ARG A 1 125 ? -14.087 -13.151 11.939  1.00 16.62  ? 125 ARG A CA  1 
ATOM   969  C  C   . ARG A 1 125 ? -14.174 -12.296 10.640  1.00 9.65   ? 125 ARG A C   1 
ATOM   970  O  O   . ARG A 1 125 ? -14.489 -11.097 10.638  1.00 9.72   ? 125 ARG A O   1 
ATOM   971  C  CB  . ARG A 1 125 ? -14.575 -12.351 13.149  1.00 14.17  ? 125 ARG A CB  1 
ATOM   972  C  CG  . ARG A 1 125 ? -14.514 -13.066 14.540  1.00 12.52  ? 125 ARG A CG  1 
ATOM   973  C  CD  . ARG A 1 125 ? -15.016 -12.068 15.638  1.00 31.49  ? 125 ARG A CD  1 
ATOM   974  N  NE  . ARG A 1 125 ? -15.729 -12.487 16.860  1.00 63.80  ? 125 ARG A NE  1 
ATOM   975  C  CZ  . ARG A 1 125 ? -15.509 -13.571 17.660  1.00 100.00 ? 125 ARG A CZ  1 
ATOM   976  N  NH1 . ARG A 1 125 ? -14.577 -14.508 17.418  1.00 100.00 ? 125 ARG A NH1 1 
ATOM   977  N  NH2 . ARG A 1 125 ? -16.270 -13.733 18.756  1.00 80.17  ? 125 ARG A NH2 1 
ATOM   978  N  N   . TRP A 1 126 ? -13.881 -12.959 9.522   1.00 15.16  ? 126 TRP A N   1 
ATOM   979  C  CA  . TRP A 1 126 ? -13.834 -12.399 8.187   1.00 11.45  ? 126 TRP A CA  1 
ATOM   980  C  C   . TRP A 1 126 ? -14.946 -11.441 7.860   1.00 6.48   ? 126 TRP A C   1 
ATOM   981  O  O   . TRP A 1 126 ? -14.736 -10.345 7.407   1.00 5.18   ? 126 TRP A O   1 
ATOM   982  C  CB  . TRP A 1 126 ? -13.725 -13.518 7.130   1.00 1.00   ? 126 TRP A CB  1 
ATOM   983  C  CG  . TRP A 1 126 ? -12.655 -14.527 7.524   1.00 8.32   ? 126 TRP A CG  1 
ATOM   984  C  CD1 . TRP A 1 126 ? -12.721 -15.872 7.387   1.00 17.44  ? 126 TRP A CD1 1 
ATOM   985  C  CD2 . TRP A 1 126 ? -11.285 -14.293 7.921   1.00 13.05  ? 126 TRP A CD2 1 
ATOM   986  N  NE1 . TRP A 1 126 ? -11.555 -16.503 7.703   1.00 8.03   ? 126 TRP A NE1 1 
ATOM   987  C  CE2 . TRP A 1 126 ? -10.660 -15.568 8.089   1.00 8.44   ? 126 TRP A CE2 1 
ATOM   988  C  CE3 . TRP A 1 126 ? -10.538 -13.124 8.192   1.00 10.36  ? 126 TRP A CE3 1 
ATOM   989  C  CZ2 . TRP A 1 126 ? -9.322  -15.735 8.449   1.00 7.88   ? 126 TRP A CZ2 1 
ATOM   990  C  CZ3 . TRP A 1 126 ? -9.228  -13.305 8.642   1.00 3.25   ? 126 TRP A CZ3 1 
ATOM   991  C  CH2 . TRP A 1 126 ? -8.644  -14.612 8.760   1.00 9.45   ? 126 TRP A CH2 1 
ATOM   992  N  N   . ASP A 1 127 ? -16.155 -11.932 7.895   1.00 14.78  ? 127 ASP A N   1 
ATOM   993  C  CA  . ASP A 1 127 ? -17.249 -11.055 7.520   1.00 19.01  ? 127 ASP A CA  1 
ATOM   994  C  C   . ASP A 1 127 ? -17.364 -9.866  8.459   1.00 16.07  ? 127 ASP A C   1 
ATOM   995  O  O   . ASP A 1 127 ? -17.571 -8.732  8.046   1.00 17.17  ? 127 ASP A O   1 
ATOM   996  C  CB  . ASP A 1 127 ? -18.579 -11.776 7.179   1.00 31.81  ? 127 ASP A CB  1 
ATOM   997  C  CG  . ASP A 1 127 ? -18.492 -12.898 6.146   1.00 22.35  ? 127 ASP A CG  1 
ATOM   998  O  OD1 . ASP A 1 127 ? -17.460 -13.227 5.557   1.00 42.17  ? 127 ASP A OD1 1 
ATOM   999  O  OD2 . ASP A 1 127 ? -19.640 -13.487 5.954   1.00 34.72  ? 127 ASP A OD2 1 
ATOM   1000 N  N   . GLU A 1 128 ? -17.163 -10.114 9.734   1.00 13.02  ? 128 GLU A N   1 
ATOM   1001 C  CA  . GLU A 1 128 ? -17.201 -9.022  10.633  1.00 6.77   ? 128 GLU A CA  1 
ATOM   1002 C  C   . GLU A 1 128 ? -16.165 -7.982  10.356  1.00 15.77  ? 128 GLU A C   1 
ATOM   1003 O  O   . GLU A 1 128 ? -16.474 -6.790  10.344  1.00 11.62  ? 128 GLU A O   1 
ATOM   1004 C  CB  . GLU A 1 128 ? -17.219 -9.463  12.083  1.00 26.98  ? 128 GLU A CB  1 
ATOM   1005 C  CG  . GLU A 1 128 ? -18.467 -10.351 12.301  1.00 26.90  ? 128 GLU A CG  1 
ATOM   1006 C  CD  . GLU A 1 128 ? -18.563 -10.986 13.649  1.00 100.00 ? 128 GLU A CD  1 
ATOM   1007 O  OE1 . GLU A 1 128 ? -18.466 -10.359 14.697  1.00 100.00 ? 128 GLU A OE1 1 
ATOM   1008 O  OE2 . GLU A 1 128 ? -18.779 -12.281 13.556  1.00 100.00 ? 128 GLU A OE2 1 
ATOM   1009 N  N   . ALA A 1 129 ? -14.956 -8.416  10.096  1.00 7.34   ? 129 ALA A N   1 
ATOM   1010 C  CA  . ALA A 1 129 ? -13.878 -7.457  9.820   1.00 13.34  ? 129 ALA A CA  1 
ATOM   1011 C  C   . ALA A 1 129 ? -14.070 -6.652  8.513   1.00 1.00   ? 129 ALA A C   1 
ATOM   1012 O  O   . ALA A 1 129 ? -13.754 -5.462  8.433   1.00 13.43  ? 129 ALA A O   1 
ATOM   1013 C  CB  . ALA A 1 129 ? -12.567 -8.254  9.813   1.00 1.00   ? 129 ALA A CB  1 
ATOM   1014 N  N   . ALA A 1 130 ? -14.663 -7.326  7.510   1.00 5.68   ? 130 ALA A N   1 
ATOM   1015 C  CA  . ALA A 1 130 ? -14.885 -6.704  6.245   1.00 8.98   ? 130 ALA A CA  1 
ATOM   1016 C  C   . ALA A 1 130 ? -15.833 -5.547  6.371   1.00 17.50  ? 130 ALA A C   1 
ATOM   1017 O  O   . ALA A 1 130 ? -15.597 -4.469  5.834   1.00 20.09  ? 130 ALA A O   1 
ATOM   1018 C  CB  . ALA A 1 130 ? -15.365 -7.684  5.216   1.00 12.52  ? 130 ALA A CB  1 
ATOM   1019 N  N   . VAL A 1 131 ? -16.897 -5.755  7.121   1.00 4.32   ? 131 VAL A N   1 
ATOM   1020 C  CA  . VAL A 1 131 ? -17.851 -4.671  7.311   1.00 1.00   ? 131 VAL A CA  1 
ATOM   1021 C  C   . VAL A 1 131 ? -17.127 -3.551  8.061   1.00 25.81  ? 131 VAL A C   1 
ATOM   1022 O  O   . VAL A 1 131 ? -17.195 -2.379  7.700   1.00 23.22  ? 131 VAL A O   1 
ATOM   1023 C  CB  . VAL A 1 131 ? -19.079 -5.150  8.118   1.00 8.97   ? 131 VAL A CB  1 
ATOM   1024 C  CG1 . VAL A 1 131 ? -19.791 -4.021  8.841   1.00 11.46  ? 131 VAL A CG1 1 
ATOM   1025 C  CG2 . VAL A 1 131 ? -20.087 -5.811  7.202   1.00 12.51  ? 131 VAL A CG2 1 
ATOM   1026 N  N   . ASN A 1 132 ? -16.346 -3.923  9.074   1.00 9.06   ? 132 ASN A N   1 
ATOM   1027 C  CA  . ASN A 1 132 ? -15.641 -2.885  9.832   1.00 9.89   ? 132 ASN A CA  1 
ATOM   1028 C  C   . ASN A 1 132 ? -14.683 -2.060  9.016   1.00 17.41  ? 132 ASN A C   1 
ATOM   1029 O  O   . ASN A 1 132 ? -14.553 -0.809  9.036   1.00 1.00   ? 132 ASN A O   1 
ATOM   1030 C  CB  . ASN A 1 132 ? -14.939 -3.558  11.020  1.00 8.32   ? 132 ASN A CB  1 
ATOM   1031 C  CG  . ASN A 1 132 ? -14.370 -2.505  11.938  1.00 15.42  ? 132 ASN A CG  1 
ATOM   1032 O  OD1 . ASN A 1 132 ? -13.242 -2.069  11.795  1.00 20.29  ? 132 ASN A OD1 1 
ATOM   1033 N  ND2 . ASN A 1 132 ? -15.179 -1.999  12.855  1.00 14.80  ? 132 ASN A ND2 1 
ATOM   1034 N  N   . LEU A 1 133 ? -13.954 -2.801  8.256   1.00 12.40  ? 133 LEU A N   1 
ATOM   1035 C  CA  . LEU A 1 133 ? -12.977 -2.110  7.427   1.00 10.33  ? 133 LEU A CA  1 
ATOM   1036 C  C   . LEU A 1 133 ? -13.621 -1.012  6.537   1.00 9.12   ? 133 LEU A C   1 
ATOM   1037 O  O   . LEU A 1 133 ? -13.122 0.075   6.390   1.00 23.00  ? 133 LEU A O   1 
ATOM   1038 C  CB  . LEU A 1 133 ? -12.146 -3.147  6.578   1.00 17.03  ? 133 LEU A CB  1 
ATOM   1039 C  CG  . LEU A 1 133 ? -11.109 -4.039  7.296   1.00 22.53  ? 133 LEU A CG  1 
ATOM   1040 C  CD1 . LEU A 1 133 ? -10.652 -5.234  6.429   1.00 14.84  ? 133 LEU A CD1 1 
ATOM   1041 C  CD2 . LEU A 1 133 ? -9.906  -3.157  7.591   1.00 7.72   ? 133 LEU A CD2 1 
ATOM   1042 N  N   . ALA A 1 134 ? -14.805 -1.290  5.996   1.00 8.82   ? 134 ALA A N   1 
ATOM   1043 C  CA  . ALA A 1 134 ? -15.505 -0.368  5.094   1.00 13.78  ? 134 ALA A CA  1 
ATOM   1044 C  C   . ALA A 1 134 ? -15.979 0.906   5.681   1.00 5.43   ? 134 ALA A C   1 
ATOM   1045 O  O   . ALA A 1 134 ? -16.290 1.879   4.971   1.00 19.07  ? 134 ALA A O   1 
ATOM   1046 C  CB  . ALA A 1 134 ? -16.652 -1.021  4.333   1.00 15.78  ? 134 ALA A CB  1 
ATOM   1047 N  N   . LYS A 1 135 ? -16.018 0.861   7.000   1.00 10.52  ? 135 LYS A N   1 
ATOM   1048 C  CA  . LYS A 1 135 ? -16.473 2.011   7.727   1.00 9.52   ? 135 LYS A CA  1 
ATOM   1049 C  C   . LYS A 1 135 ? -15.248 2.883   7.987   1.00 10.85  ? 135 LYS A C   1 
ATOM   1050 O  O   . LYS A 1 135 ? -14.792 3.053   9.133   1.00 12.44  ? 135 LYS A O   1 
ATOM   1051 C  CB  . LYS A 1 135 ? -17.199 1.554   8.987   1.00 1.30   ? 135 LYS A CB  1 
ATOM   1052 C  CG  . LYS A 1 135 ? -18.475 0.762   8.701   1.00 31.70  ? 135 LYS A CG  1 
ATOM   1053 C  CD  . LYS A 1 135 ? -19.431 0.635   9.885   1.00 25.70  ? 135 LYS A CD  1 
ATOM   1054 C  CE  . LYS A 1 135 ? -19.030 -0.339  11.009  1.00 100.00 ? 135 LYS A CE  1 
ATOM   1055 N  NZ  . LYS A 1 135 ? -19.902 -0.408  12.213  1.00 60.21  ? 135 LYS A NZ  1 
ATOM   1056 N  N   . SER A 1 136 ? -14.740 3.463   6.901   1.00 2.43   ? 136 SER A N   1 
ATOM   1057 C  CA  . SER A 1 136 ? -13.509 4.239   7.035   1.00 13.13  ? 136 SER A CA  1 
ATOM   1058 C  C   . SER A 1 136 ? -13.351 5.232   5.940   1.00 11.45  ? 136 SER A C   1 
ATOM   1059 O  O   . SER A 1 136 ? -13.973 5.164   4.864   1.00 11.51  ? 136 SER A O   1 
ATOM   1060 C  CB  . SER A 1 136 ? -12.293 3.320   6.902   1.00 18.50  ? 136 SER A CB  1 
ATOM   1061 O  OG  . SER A 1 136 ? -12.362 2.615   5.649   1.00 25.27  ? 136 SER A OG  1 
ATOM   1062 N  N   . ARG A 1 137 ? -12.485 6.175   6.191   1.00 13.70  ? 137 ARG A N   1 
ATOM   1063 C  CA  . ARG A 1 137 ? -12.286 7.179   5.165   1.00 10.15  ? 137 ARG A CA  1 
ATOM   1064 C  C   . ARG A 1 137 ? -11.669 6.549   3.933   1.00 19.41  ? 137 ARG A C   1 
ATOM   1065 O  O   . ARG A 1 137 ? -11.925 6.908   2.776   1.00 10.81  ? 137 ARG A O   1 
ATOM   1066 C  CB  . ARG A 1 137 ? -11.376 8.236   5.767   1.00 20.13  ? 137 ARG A CB  1 
ATOM   1067 C  CG  . ARG A 1 137 ? -11.131 9.321   4.743   1.00 15.39  ? 137 ARG A CG  1 
ATOM   1068 C  CD  . ARG A 1 137 ? -9.834  10.122  4.902   1.00 36.54  ? 137 ARG A CD  1 
ATOM   1069 N  NE  . ARG A 1 137 ? -9.820  11.372  4.118   1.00 33.45  ? 137 ARG A NE  1 
ATOM   1070 C  CZ  . ARG A 1 137 ? -9.077  11.631  3.030   1.00 73.41  ? 137 ARG A CZ  1 
ATOM   1071 N  NH1 . ARG A 1 137 ? -8.226  10.744  2.502   1.00 20.75  ? 137 ARG A NH1 1 
ATOM   1072 N  NH2 . ARG A 1 137 ? -9.212  12.825  2.446   1.00 67.33  ? 137 ARG A NH2 1 
ATOM   1073 N  N   . TRP A 1 138 ? -10.790 5.594   4.237   1.00 12.54  ? 138 TRP A N   1 
ATOM   1074 C  CA  . TRP A 1 138 ? -10.063 4.830   3.241   1.00 9.15   ? 138 TRP A CA  1 
ATOM   1075 C  C   . TRP A 1 138 ? -11.020 4.211   2.245   1.00 17.98  ? 138 TRP A C   1 
ATOM   1076 O  O   . TRP A 1 138 ? -10.856 4.355   1.023   1.00 7.51   ? 138 TRP A O   1 
ATOM   1077 C  CB  . TRP A 1 138 ? -9.343  3.688   3.981   1.00 20.71  ? 138 TRP A CB  1 
ATOM   1078 C  CG  . TRP A 1 138 ? -8.775  2.617   3.109   1.00 17.19  ? 138 TRP A CG  1 
ATOM   1079 C  CD1 . TRP A 1 138 ? -7.846  2.821   2.155   1.00 11.24  ? 138 TRP A CD1 1 
ATOM   1080 C  CD2 . TRP A 1 138 ? -8.989  1.193   3.179   1.00 12.47  ? 138 TRP A CD2 1 
ATOM   1081 N  NE1 . TRP A 1 138 ? -7.484  1.629   1.619   1.00 11.63  ? 138 TRP A NE1 1 
ATOM   1082 C  CE2 . TRP A 1 138 ? -8.164  0.612   2.227   1.00 11.60  ? 138 TRP A CE2 1 
ATOM   1083 C  CE3 . TRP A 1 138 ? -9.776  0.355   3.955   1.00 18.18  ? 138 TRP A CE3 1 
ATOM   1084 C  CZ2 . TRP A 1 138 ? -8.142  -0.786  2.014   1.00 7.92   ? 138 TRP A CZ2 1 
ATOM   1085 C  CZ3 . TRP A 1 138 ? -9.752  -1.004  3.766   1.00 29.57  ? 138 TRP A CZ3 1 
ATOM   1086 C  CH2 . TRP A 1 138 ? -8.937  -1.581  2.801   1.00 28.43  ? 138 TRP A CH2 1 
ATOM   1087 N  N   . TYR A 1 139 ? -12.028 3.506   2.770   1.00 12.22  ? 139 TYR A N   1 
ATOM   1088 C  CA  . TYR A 1 139 ? -12.981 2.907   1.815   1.00 13.86  ? 139 TYR A CA  1 
ATOM   1089 C  C   . TYR A 1 139 ? -13.678 3.973   0.965   1.00 25.43  ? 139 TYR A C   1 
ATOM   1090 O  O   . TYR A 1 139 ? -13.723 3.888   -0.274  1.00 16.19  ? 139 TYR A O   1 
ATOM   1091 C  CB  . TYR A 1 139 ? -14.039 2.192   2.646   1.00 18.09  ? 139 TYR A CB  1 
ATOM   1092 C  CG  . TYR A 1 139 ? -15.139 1.587   1.834   1.00 15.52  ? 139 TYR A CG  1 
ATOM   1093 C  CD1 . TYR A 1 139 ? -14.958 0.362   1.199   1.00 25.58  ? 139 TYR A CD1 1 
ATOM   1094 C  CD2 . TYR A 1 139 ? -16.375 2.204   1.702   1.00 11.35  ? 139 TYR A CD2 1 
ATOM   1095 C  CE1 . TYR A 1 139 ? -15.939 -0.230  0.403   1.00 23.82  ? 139 TYR A CE1 1 
ATOM   1096 C  CE2 . TYR A 1 139 ? -17.404 1.594   0.988   1.00 22.35  ? 139 TYR A CE2 1 
ATOM   1097 C  CZ  . TYR A 1 139 ? -17.192 0.382   0.328   1.00 33.85  ? 139 TYR A CZ  1 
ATOM   1098 O  OH  . TYR A 1 139 ? -18.202 -0.193  -0.408  1.00 100.00 ? 139 TYR A OH  1 
ATOM   1099 N  N   . ASN A 1 140 ? -14.249 5.000   1.682   1.00 15.18  ? 140 ASN A N   1 
ATOM   1100 C  CA  . ASN A 1 140 ? -14.940 6.163   1.074   1.00 11.32  ? 140 ASN A CA  1 
ATOM   1101 C  C   . ASN A 1 140 ? -14.100 6.941   0.068   1.00 23.76  ? 140 ASN A C   1 
ATOM   1102 O  O   . ASN A 1 140 ? -14.582 7.394   -0.998  1.00 18.46  ? 140 ASN A O   1 
ATOM   1103 C  CB  . ASN A 1 140 ? -15.451 7.080   2.156   1.00 15.18  ? 140 ASN A CB  1 
ATOM   1104 C  CG  . ASN A 1 140 ? -16.587 6.330   2.775   1.00 32.33  ? 140 ASN A CG  1 
ATOM   1105 O  OD1 . ASN A 1 140 ? -16.467 5.777   3.874   1.00 30.83  ? 140 ASN A OD1 1 
ATOM   1106 N  ND2 . ASN A 1 140 ? -17.659 6.185   1.993   1.00 26.52  ? 140 ASN A ND2 1 
ATOM   1107 N  N   . GLN A 1 141 ? -12.808 7.103   0.323   1.00 14.68  ? 141 GLN A N   1 
ATOM   1108 C  CA  . GLN A 1 141 ? -12.095 7.848   -0.746  1.00 16.76  ? 141 GLN A CA  1 
ATOM   1109 C  C   . GLN A 1 141 ? -11.626 7.000   -1.926  1.00 15.12  ? 141 GLN A C   1 
ATOM   1110 O  O   . GLN A 1 141 ? -11.600 7.439   -3.055  1.00 32.24  ? 141 GLN A O   1 
ATOM   1111 C  CB  . GLN A 1 141 ? -10.862 8.510   -0.176  1.00 12.75  ? 141 GLN A CB  1 
ATOM   1112 C  CG  . GLN A 1 141 ? -11.184 9.694   0.731   1.00 18.23  ? 141 GLN A CG  1 
ATOM   1113 C  CD  . GLN A 1 141 ? -12.031 10.807  0.132   1.00 24.28  ? 141 GLN A CD  1 
ATOM   1114 O  OE1 . GLN A 1 141 ? -13.113 11.107  0.698   1.00 36.05  ? 141 GLN A OE1 1 
ATOM   1115 N  NE2 . GLN A 1 141 ? -11.502 11.464  -0.915  1.00 24.31  ? 141 GLN A NE2 1 
ATOM   1116 N  N   . THR A 1 142 ? -11.240 5.765   -1.663  1.00 18.76  ? 142 THR A N   1 
ATOM   1117 C  CA  . THR A 1 142 ? -10.792 4.885   -2.752  1.00 9.10   ? 142 THR A CA  1 
ATOM   1118 C  C   . THR A 1 142 ? -11.522 3.581   -2.640  1.00 10.85  ? 142 THR A C   1 
ATOM   1119 O  O   . THR A 1 142 ? -10.906 2.550   -2.332  1.00 10.64  ? 142 THR A O   1 
ATOM   1120 C  CB  . THR A 1 142 ? -9.310  4.527   -2.669  1.00 12.16  ? 142 THR A CB  1 
ATOM   1121 O  OG1 . THR A 1 142 ? -8.979  4.022   -1.361  1.00 14.77  ? 142 THR A OG1 1 
ATOM   1122 C  CG2 . THR A 1 142 ? -8.474  5.747   -3.012  1.00 4.97   ? 142 THR A CG2 1 
ATOM   1123 N  N   . PRO A 1 143 ? -12.839 3.656   -2.880  1.00 8.56   ? 143 PRO A N   1 
ATOM   1124 C  CA  . PRO A 1 143 ? -13.714 2.487   -2.844  1.00 14.90  ? 143 PRO A CA  1 
ATOM   1125 C  C   . PRO A 1 143 ? -13.345 1.268   -3.763  1.00 10.63  ? 143 PRO A C   1 
ATOM   1126 O  O   . PRO A 1 143 ? -13.497 0.054   -3.428  1.00 6.12   ? 143 PRO A O   1 
ATOM   1127 C  CB  . PRO A 1 143 ? -15.088 3.070   -3.288  1.00 9.52   ? 143 PRO A CB  1 
ATOM   1128 C  CG  . PRO A 1 143 ? -14.889 4.462   -3.933  1.00 16.02  ? 143 PRO A CG  1 
ATOM   1129 C  CD  . PRO A 1 143 ? -13.532 4.892   -3.379  1.00 15.94  ? 143 PRO A CD  1 
ATOM   1130 N  N   . ASN A 1 144 ? -12.937 1.537   -4.982  1.00 5.84   ? 144 ASN A N   1 
ATOM   1131 C  CA  . ASN A 1 144 ? -12.729 0.373   -5.855  1.00 2.37   ? 144 ASN A CA  1 
ATOM   1132 C  C   . ASN A 1 144 ? -11.604 -0.498  -5.350  1.00 17.91  ? 144 ASN A C   1 
ATOM   1133 O  O   . ASN A 1 144 ? -11.717 -1.696  -5.189  1.00 16.02  ? 144 ASN A O   1 
ATOM   1134 C  CB  . ASN A 1 144 ? -12.502 0.640   -7.355  1.00 14.07  ? 144 ASN A CB  1 
ATOM   1135 C  CG  . ASN A 1 144 ? -13.432 1.554   -8.149  1.00 32.24  ? 144 ASN A CG  1 
ATOM   1136 O  OD1 . ASN A 1 144 ? -14.679 1.441   -8.068  1.00 25.87  ? 144 ASN A OD1 1 
ATOM   1137 N  ND2 . ASN A 1 144 ? -12.829 2.337   -9.068  1.00 28.35  ? 144 ASN A ND2 1 
ATOM   1138 N  N   . ARG A 1 145 ? -10.512 0.164   -5.069  1.00 13.82  ? 145 ARG A N   1 
ATOM   1139 C  CA  . ARG A 1 145 ? -9.375  -0.518  -4.529  1.00 6.91   ? 145 ARG A CA  1 
ATOM   1140 C  C   . ARG A 1 145 ? -9.685  -1.167  -3.175  1.00 12.66  ? 145 ARG A C   1 
ATOM   1141 O  O   . ARG A 1 145 ? -9.467  -2.370  -2.918  1.00 10.62  ? 145 ARG A O   1 
ATOM   1142 C  CB  . ARG A 1 145 ? -8.233  0.456   -4.321  1.00 20.23  ? 145 ARG A CB  1 
ATOM   1143 C  CG  . ARG A 1 145 ? -6.885  -0.282  -4.153  1.00 18.94  ? 145 ARG A CG  1 
ATOM   1144 C  CD  . ARG A 1 145 ? -5.908  0.534   -3.341  1.00 29.39  ? 145 ARG A CD  1 
ATOM   1145 N  NE  . ARG A 1 145 ? -4.633  -0.100  -3.058  1.00 15.76  ? 145 ARG A NE  1 
ATOM   1146 C  CZ  . ARG A 1 145 ? -3.500  0.523   -3.219  1.00 23.81  ? 145 ARG A CZ  1 
ATOM   1147 N  NH1 . ARG A 1 145 ? -3.477  1.761   -3.692  1.00 14.51  ? 145 ARG A NH1 1 
ATOM   1148 N  NH2 . ARG A 1 145 ? -2.373  -0.105  -2.886  1.00 10.05  ? 145 ARG A NH2 1 
ATOM   1149 N  N   . ALA A 1 146 ? -10.184 -0.324  -2.284  1.00 8.86   ? 146 ALA A N   1 
ATOM   1150 C  CA  . ALA A 1 146 ? -10.548 -0.784  -0.968  1.00 13.44  ? 146 ALA A CA  1 
ATOM   1151 C  C   . ALA A 1 146 ? -11.402 -2.049  -1.075  1.00 20.57  ? 146 ALA A C   1 
ATOM   1152 O  O   . ALA A 1 146 ? -11.070 -3.057  -0.452  1.00 9.98   ? 146 ALA A O   1 
ATOM   1153 C  CB  . ALA A 1 146 ? -11.210 0.333   -0.169  1.00 17.46  ? 146 ALA A CB  1 
ATOM   1154 N  N   . LYS A 1 147 ? -12.419 -2.033  -1.945  1.00 5.62   ? 147 LYS A N   1 
ATOM   1155 C  CA  . LYS A 1 147 ? -13.229 -3.223  -2.100  1.00 17.23  ? 147 LYS A CA  1 
ATOM   1156 C  C   . LYS A 1 147 ? -12.402 -4.483  -2.425  1.00 27.38  ? 147 LYS A C   1 
ATOM   1157 O  O   . LYS A 1 147 ? -12.698 -5.603  -1.949  1.00 16.16  ? 147 LYS A O   1 
ATOM   1158 C  CB  . LYS A 1 147 ? -14.308 -3.073  -3.152  1.00 17.70  ? 147 LYS A CB  1 
ATOM   1159 C  CG  . LYS A 1 147 ? -15.284 -1.977  -2.780  1.00 55.33  ? 147 LYS A CG  1 
ATOM   1160 C  CD  . LYS A 1 147 ? -16.510 -1.914  -3.668  1.00 63.09  ? 147 LYS A CD  1 
ATOM   1161 C  CE  . LYS A 1 147 ? -16.882 -0.473  -3.984  1.00 71.41  ? 147 LYS A CE  1 
ATOM   1162 N  NZ  . LYS A 1 147 ? -16.612 -0.082  -5.381  1.00 87.04  ? 147 LYS A NZ  1 
ATOM   1163 N  N   . ARG A 1 148 ? -11.384 -4.298  -3.248  1.00 8.93   ? 148 ARG A N   1 
ATOM   1164 C  CA  . ARG A 1 148 ? -10.517 -5.406  -3.661  1.00 5.13   ? 148 ARG A CA  1 
ATOM   1165 C  C   . ARG A 1 148 ? -9.785  -6.001  -2.519  1.00 9.68   ? 148 ARG A C   1 
ATOM   1166 O  O   . ARG A 1 148 ? -9.783  -7.219  -2.384  1.00 8.45   ? 148 ARG A O   1 
ATOM   1167 C  CB  . ARG A 1 148 ? -9.530  -5.039  -4.776  1.00 14.54  ? 148 ARG A CB  1 
ATOM   1168 C  CG  . ARG A 1 148 ? -10.163 -5.004  -6.178  1.00 18.05  ? 148 ARG A CG  1 
ATOM   1169 C  CD  . ARG A 1 148 ? -9.159  -5.038  -7.324  1.00 15.67  ? 148 ARG A CD  1 
ATOM   1170 N  NE  . ARG A 1 148 ? -8.305  -3.838  -7.305  1.00 23.00  ? 148 ARG A NE  1 
ATOM   1171 C  CZ  . ARG A 1 148 ? -8.598  -2.646  -7.800  1.00 22.35  ? 148 ARG A CZ  1 
ATOM   1172 N  NH1 . ARG A 1 148 ? -9.721  -2.363  -8.403  1.00 17.68  ? 148 ARG A NH1 1 
ATOM   1173 N  NH2 . ARG A 1 148 ? -7.714  -1.685  -7.696  1.00 15.09  ? 148 ARG A NH2 1 
ATOM   1174 N  N   . VAL A 1 149 ? -9.199  -5.128  -1.719  1.00 1.00   ? 149 VAL A N   1 
ATOM   1175 C  CA  . VAL A 1 149 ? -8.439  -5.565  -0.548  1.00 1.71   ? 149 VAL A CA  1 
ATOM   1176 C  C   . VAL A 1 149 ? -9.280  -6.329  0.505   1.00 7.01   ? 149 VAL A C   1 
ATOM   1177 O  O   . VAL A 1 149 ? -8.894  -7.363  1.068   1.00 13.87  ? 149 VAL A O   1 
ATOM   1178 C  CB  . VAL A 1 149 ? -7.694  -4.397  0.116   1.00 9.80   ? 149 VAL A CB  1 
ATOM   1179 C  CG1 . VAL A 1 149 ? -7.086  -4.847  1.502   1.00 2.67   ? 149 VAL A CG1 1 
ATOM   1180 C  CG2 . VAL A 1 149 ? -6.553  -4.021  -0.835  1.00 1.00   ? 149 VAL A CG2 1 
ATOM   1181 N  N   . ILE A 1 150 ? -10.425 -5.685  0.767   1.00 1.00   ? 150 ILE A N   1 
ATOM   1182 C  CA  . ILE A 1 150 ? -11.477 -6.180  1.677   1.00 8.27   ? 150 ILE A CA  1 
ATOM   1183 C  C   . ILE A 1 150 ? -11.964 -7.547  1.247   1.00 12.49  ? 150 ILE A C   1 
ATOM   1184 O  O   . ILE A 1 150 ? -12.079 -8.456  2.055   1.00 18.32  ? 150 ILE A O   1 
ATOM   1185 C  CB  . ILE A 1 150 ? -12.650 -5.176  1.896   1.00 13.19  ? 150 ILE A CB  1 
ATOM   1186 C  CG1 . ILE A 1 150 ? -12.173 -3.915  2.607   1.00 13.80  ? 150 ILE A CG1 1 
ATOM   1187 C  CG2 . ILE A 1 150 ? -13.756 -5.841  2.725   1.00 12.59  ? 150 ILE A CG2 1 
ATOM   1188 C  CD1 . ILE A 1 150 ? -13.134 -2.743  2.438   1.00 6.62   ? 150 ILE A CD1 1 
ATOM   1189 N  N   . THR A 1 151 ? -12.297 -7.662  -0.055  1.00 2.45   ? 151 THR A N   1 
ATOM   1190 C  CA  . THR A 1 151 ? -12.680 -8.997  -0.476  1.00 11.46  ? 151 THR A CA  1 
ATOM   1191 C  C   . THR A 1 151 ? -11.533 -9.962  -0.289  1.00 13.09  ? 151 THR A C   1 
ATOM   1192 O  O   . THR A 1 151 ? -11.716 -11.170 -0.118  1.00 14.98  ? 151 THR A O   1 
ATOM   1193 C  CB  . THR A 1 151 ? -12.999 -8.927  -1.960  1.00 22.06  ? 151 THR A CB  1 
ATOM   1194 O  OG1 . THR A 1 151 ? -14.203 -8.196  -1.987  1.00 22.54  ? 151 THR A OG1 1 
ATOM   1195 C  CG2 . THR A 1 151 ? -13.282 -10.315 -2.513  1.00 7.63   ? 151 THR A CG2 1 
ATOM   1196 N  N   . THR A 1 152 ? -10.337 -9.393  -0.241  1.00 9.61   ? 152 THR A N   1 
ATOM   1197 C  CA  . THR A 1 152 ? -9.182  -10.234 -0.061  1.00 9.06   ? 152 THR A CA  1 
ATOM   1198 C  C   . THR A 1 152 ? -9.143  -10.746 1.338   1.00 13.62  ? 152 THR A C   1 
ATOM   1199 O  O   . THR A 1 152 ? -9.056  -11.944 1.589   1.00 15.69  ? 152 THR A O   1 
ATOM   1200 C  CB  . THR A 1 152 ? -7.838  -9.707  -0.679  1.00 6.96   ? 152 THR A CB  1 
ATOM   1201 O  OG1 . THR A 1 152 ? -8.044  -9.365  -2.057  1.00 10.30  ? 152 THR A OG1 1 
ATOM   1202 C  CG2 . THR A 1 152 ? -6.745  -10.773 -0.654  1.00 9.29   ? 152 THR A CG2 1 
ATOM   1203 N  N   . PHE A 1 153 ? -9.324  -9.836  2.250   1.00 6.61   ? 153 PHE A N   1 
ATOM   1204 C  CA  . PHE A 1 153 ? -9.295  -10.214 3.660   1.00 9.56   ? 153 PHE A CA  1 
ATOM   1205 C  C   . PHE A 1 153 ? -10.405 -11.169 3.983   1.00 27.48  ? 153 PHE A C   1 
ATOM   1206 O  O   . PHE A 1 153 ? -10.263 -12.091 4.800   1.00 18.07  ? 153 PHE A O   1 
ATOM   1207 C  CB  . PHE A 1 153 ? -9.558  -8.961  4.527   1.00 9.33   ? 153 PHE A CB  1 
ATOM   1208 C  CG  . PHE A 1 153 ? -8.333  -8.135  4.802   1.00 12.11  ? 153 PHE A CG  1 
ATOM   1209 C  CD1 . PHE A 1 153 ? -8.279  -6.794  4.404   1.00 28.64  ? 153 PHE A CD1 1 
ATOM   1210 C  CD2 . PHE A 1 153 ? -7.201  -8.740  5.369   1.00 13.28  ? 153 PHE A CD2 1 
ATOM   1211 C  CE1 . PHE A 1 153 ? -7.115  -6.050  4.631   1.00 19.92  ? 153 PHE A CE1 1 
ATOM   1212 C  CE2 . PHE A 1 153 ? -6.040  -7.999  5.625   1.00 16.87  ? 153 PHE A CE2 1 
ATOM   1213 C  CZ  . PHE A 1 153 ? -6.016  -6.651  5.257   1.00 6.97   ? 153 PHE A CZ  1 
ATOM   1214 N  N   . ARG A 1 154 ? -11.512 -10.858 3.331   1.00 20.43  ? 154 ARG A N   1 
ATOM   1215 C  CA  . ARG A 1 154 ? -12.744 -11.572 3.523   1.00 24.64  ? 154 ARG A CA  1 
ATOM   1216 C  C   . ARG A 1 154 ? -12.724 -12.990 3.120   1.00 27.01  ? 154 ARG A C   1 
ATOM   1217 O  O   . ARG A 1 154 ? -13.132 -13.797 3.939   1.00 21.13  ? 154 ARG A O   1 
ATOM   1218 C  CB  . ARG A 1 154 ? -13.973 -10.965 2.859   1.00 21.27  ? 154 ARG A CB  1 
ATOM   1219 C  CG  . ARG A 1 154 ? -15.253 -11.410 3.617   1.00 17.43  ? 154 ARG A CG  1 
ATOM   1220 C  CD  . ARG A 1 154 ? -16.539 -11.215 2.804   1.00 24.77  ? 154 ARG A CD  1 
ATOM   1221 N  NE  . ARG A 1 154 ? -16.389 -10.131 1.851   1.00 65.83  ? 154 ARG A NE  1 
ATOM   1222 C  CZ  . ARG A 1 154 ? -16.768 -10.202 0.570   1.00 100.00 ? 154 ARG A CZ  1 
ATOM   1223 N  NH1 . ARG A 1 154 ? -17.351 -11.293 0.072   1.00 100.00 ? 154 ARG A NH1 1 
ATOM   1224 N  NH2 . ARG A 1 154 ? -16.586 -9.151  -0.246  1.00 61.26  ? 154 ARG A NH2 1 
ATOM   1225 N  N   . THR A 1 155 ? -12.272 -13.234 1.889   1.00 9.27   ? 155 THR A N   1 
ATOM   1226 C  CA  . THR A 1 155 ? -12.262 -14.596 1.331   1.00 9.76   ? 155 THR A CA  1 
ATOM   1227 C  C   . THR A 1 155 ? -10.959 -15.386 1.461   1.00 12.06  ? 155 THR A C   1 
ATOM   1228 O  O   . THR A 1 155 ? -10.946 -16.605 1.397   1.00 42.93  ? 155 THR A O   1 
ATOM   1229 C  CB  . THR A 1 155 ? -12.602 -14.604 -0.172  1.00 15.10  ? 155 THR A CB  1 
ATOM   1230 O  OG1 . THR A 1 155 ? -11.684 -13.847 -0.947  1.00 11.95  ? 155 THR A OG1 1 
ATOM   1231 C  CG2 . THR A 1 155 ? -13.948 -14.042 -0.356  1.00 13.55  ? 155 THR A CG2 1 
ATOM   1232 N  N   . GLY A 1 156 ? -9.835  -14.745 1.551   1.00 20.21  ? 156 GLY A N   1 
ATOM   1233 C  CA  . GLY A 1 156 ? -8.660  -15.579 1.560   1.00 3.32   ? 156 GLY A CA  1 
ATOM   1234 C  C   . GLY A 1 156 ? -8.285  -16.020 0.120   1.00 9.65   ? 156 GLY A C   1 
ATOM   1235 O  O   . GLY A 1 156 ? -7.418  -16.842 -0.060  1.00 20.51  ? 156 GLY A O   1 
ATOM   1236 N  N   . THR A 1 157 ? -8.874  -15.467 -0.942  1.00 20.56  ? 157 THR A N   1 
ATOM   1237 C  CA  . THR A 1 157 ? -8.500  -15.859 -2.307  1.00 10.78  ? 157 THR A CA  1 
ATOM   1238 C  C   . THR A 1 157 ? -8.151  -14.619 -3.166  1.00 10.42  ? 157 THR A C   1 
ATOM   1239 O  O   . THR A 1 157 ? -8.305  -13.513 -2.681  1.00 12.57  ? 157 THR A O   1 
ATOM   1240 C  CB  . THR A 1 157 ? -9.714  -16.521 -2.948  1.00 34.46  ? 157 THR A CB  1 
ATOM   1241 O  OG1 . THR A 1 157 ? -10.631 -15.512 -3.335  1.00 13.16  ? 157 THR A OG1 1 
ATOM   1242 C  CG2 . THR A 1 157 ? -10.369 -17.492 -1.965  1.00 33.15  ? 157 THR A CG2 1 
ATOM   1243 N  N   . TRP A 1 158 ? -7.703  -14.790 -4.418  1.00 8.64   ? 158 TRP A N   1 
ATOM   1244 C  CA  . TRP A 1 158 ? -7.395  -13.708 -5.377  1.00 9.45   ? 158 TRP A CA  1 
ATOM   1245 C  C   . TRP A 1 158 ? -8.587  -13.374 -6.291  1.00 23.05  ? 158 TRP A C   1 
ATOM   1246 O  O   . TRP A 1 158 ? -8.430  -12.698 -7.307  1.00 12.14  ? 158 TRP A O   1 
ATOM   1247 C  CB  . TRP A 1 158 ? -6.229  -14.096 -6.262  1.00 8.43   ? 158 TRP A CB  1 
ATOM   1248 C  CG  . TRP A 1 158 ? -4.978  -14.232 -5.469  1.00 15.55  ? 158 TRP A CG  1 
ATOM   1249 C  CD1 . TRP A 1 158 ? -4.362  -15.405 -5.211  1.00 12.46  ? 158 TRP A CD1 1 
ATOM   1250 C  CD2 . TRP A 1 158 ? -4.189  -13.203 -4.839  1.00 17.22  ? 158 TRP A CD2 1 
ATOM   1251 N  NE1 . TRP A 1 158 ? -3.285  -15.170 -4.410  1.00 16.80  ? 158 TRP A NE1 1 
ATOM   1252 C  CE2 . TRP A 1 158 ? -3.103  -13.838 -4.210  1.00 9.55   ? 158 TRP A CE2 1 
ATOM   1253 C  CE3 . TRP A 1 158 ? -4.272  -11.828 -4.749  1.00 16.66  ? 158 TRP A CE3 1 
ATOM   1254 C  CZ2 . TRP A 1 158 ? -2.097  -13.152 -3.534  1.00 12.69  ? 158 TRP A CZ2 1 
ATOM   1255 C  CZ3 . TRP A 1 158 ? -3.292  -11.151 -4.039  1.00 15.18  ? 158 TRP A CZ3 1 
ATOM   1256 C  CH2 . TRP A 1 158 ? -2.226  -11.789 -3.420  1.00 7.19   ? 158 TRP A CH2 1 
ATOM   1257 N  N   . ASP A 1 159 ? -9.801  -13.856 -5.956  1.00 13.29  ? 159 ASP A N   1 
ATOM   1258 C  CA  . ASP A 1 159 ? -10.946 -13.585 -6.797  1.00 12.50  ? 159 ASP A CA  1 
ATOM   1259 C  C   . ASP A 1 159 ? -11.083 -12.165 -7.275  1.00 15.52  ? 159 ASP A C   1 
ATOM   1260 O  O   . ASP A 1 159 ? -11.321 -11.938 -8.450  1.00 29.14  ? 159 ASP A O   1 
ATOM   1261 C  CB  . ASP A 1 159 ? -12.288 -14.203 -6.347  1.00 22.93  ? 159 ASP A CB  1 
ATOM   1262 C  CG  . ASP A 1 159 ? -12.204 -15.686 -6.051  1.00 38.11  ? 159 ASP A CG  1 
ATOM   1263 O  OD1 . ASP A 1 159 ? -11.393 -16.440 -6.570  1.00 37.89  ? 159 ASP A OD1 1 
ATOM   1264 O  OD2 . ASP A 1 159 ? -13.068 -16.065 -5.147  1.00 52.22  ? 159 ASP A OD2 1 
ATOM   1265 N  N   . ALA A 1 160 ? -10.897 -11.217 -6.371  1.00 13.59  ? 160 ALA A N   1 
ATOM   1266 C  CA  . ALA A 1 160 ? -11.065 -9.764  -6.625  1.00 8.35   ? 160 ALA A CA  1 
ATOM   1267 C  C   . ALA A 1 160 ? -10.045 -9.276  -7.594  1.00 22.03  ? 160 ALA A C   1 
ATOM   1268 O  O   . ALA A 1 160 ? -10.210 -8.277  -8.247  1.00 22.93  ? 160 ALA A O   1 
ATOM   1269 C  CB  . ALA A 1 160 ? -10.917 -8.974  -5.315  1.00 15.23  ? 160 ALA A CB  1 
ATOM   1270 N  N   . TYR A 1 161 ? -8.983  -10.038 -7.718  1.00 28.01  ? 161 TYR A N   1 
ATOM   1271 C  CA  . TYR A 1 161 ? -7.991  -9.617  -8.618  1.00 9.26   ? 161 TYR A CA  1 
ATOM   1272 C  C   . TYR A 1 161 ? -8.090  -10.429 -9.859  1.00 31.30  ? 161 TYR A C   1 
ATOM   1273 O  O   . TYR A 1 161 ? -7.276  -10.300 -10.754 1.00 24.23  ? 161 TYR A O   1 
ATOM   1274 C  CB  . TYR A 1 161 ? -6.592  -9.612  -8.001  1.00 3.44   ? 161 TYR A CB  1 
ATOM   1275 C  CG  . TYR A 1 161 ? -6.447  -8.446  -7.030  1.00 14.74  ? 161 TYR A CG  1 
ATOM   1276 C  CD1 . TYR A 1 161 ? -6.904  -8.577  -5.720  1.00 9.03   ? 161 TYR A CD1 1 
ATOM   1277 C  CD2 . TYR A 1 161 ? -5.845  -7.233  -7.400  1.00 2.66   ? 161 TYR A CD2 1 
ATOM   1278 C  CE1 . TYR A 1 161 ? -6.789  -7.549  -4.776  1.00 3.26   ? 161 TYR A CE1 1 
ATOM   1279 C  CE2 . TYR A 1 161 ? -5.697  -6.219  -6.456  1.00 4.14   ? 161 TYR A CE2 1 
ATOM   1280 C  CZ  . TYR A 1 161 ? -6.136  -6.371  -5.136  1.00 2.33   ? 161 TYR A CZ  1 
ATOM   1281 O  OH  . TYR A 1 161 ? -5.977  -5.303  -4.220  1.00 8.52   ? 161 TYR A OH  1 
ATOM   1282 N  N   . LYS A 1 162 ? -9.152  -11.233 -9.862  1.00 69.31  ? 162 LYS A N   1 
ATOM   1283 C  CA  . LYS A 1 162 ? -9.526  -12.123 -10.942 1.00 36.72  ? 162 LYS A CA  1 
ATOM   1284 C  C   . LYS A 1 162 ? -8.358  -13.002 -11.373 1.00 62.38  ? 162 LYS A C   1 
ATOM   1285 O  O   . LYS A 1 162 ? -7.756  -13.717 -10.555 1.00 91.08  ? 162 LYS A O   1 
ATOM   1286 C  CB  . LYS A 1 162 ? -10.185 -11.386 -12.088 1.00 30.45  ? 162 LYS A CB  1 
ATOM   1287 C  CG  . LYS A 1 162 ? -9.324  -11.282 -13.356 1.00 37.76  ? 162 LYS A CG  1 
ATOM   1288 C  CD  . LYS A 1 162 ? -9.829  -10.195 -14.320 1.00 96.11  ? 162 LYS A CD  1 
ATOM   1289 C  CE  . LYS A 1 162 ? -8.800  -9.120  -14.701 1.00 100.00 ? 162 LYS A CE  1 
ATOM   1290 N  NZ  . LYS A 1 162 ? -8.779  -7.928  -13.826 1.00 91.44  ? 162 LYS A NZ  1 
HETATM 1291 CL CL  . CL  B 2 .   ? -10.326 3.038   -6.172  0.50 26.92  ? 173 CL  A CL  1 
HETATM 1292 CL CL  . CL  C 2 .   ? 15.936  5.181   -2.870  1.00 49.20  ? 178 CL  A CL  1 
HETATM 1293 C  C1  . BME D 3 .   ? 12.393  -8.188  4.547   1.00 50.86  ? 168 BME A C1  1 
HETATM 1294 C  C2  . BME D 3 .   ? 10.879  -8.358  4.271   1.00 66.93  ? 168 BME A C2  1 
HETATM 1295 O  O1  . BME D 3 .   ? 13.150  -8.045  3.358   1.00 63.44  ? 168 BME A O1  1 
HETATM 1296 S  S2  . BME D 3 .   ? 9.946   -8.607  5.818   1.00 68.90  ? 168 BME A S2  1 
HETATM 1297 C  C1  . BME E 3 .   ? 4.523   4.088   -0.964  1.00 53.87  ? 169 BME A C1  1 
HETATM 1298 C  C2  . BME E 3 .   ? 3.058   3.661   -1.259  1.00 62.12  ? 169 BME A C2  1 
HETATM 1299 O  O1  . BME E 3 .   ? 5.112   3.184   -0.062  1.00 65.90  ? 169 BME A O1  1 
HETATM 1300 S  S2  . BME E 3 .   ? 2.033   4.925   -2.067  1.00 64.05  ? 169 BME A S2  1 
HETATM 1301 C  C1  . BME F 3 .   ? 5.570   -12.568 0.784   1.00 31.13  ? 170 BME A C1  1 
HETATM 1302 C  C2  . BME F 3 .   ? 6.625   -11.545 0.389   1.00 63.96  ? 170 BME A C2  1 
HETATM 1303 O  O1  . BME F 3 .   ? 4.360   -11.872 0.920   1.00 43.55  ? 170 BME A O1  1 
HETATM 1304 S  S2  . BME F 3 .   ? 7.948   -11.528 1.586   1.00 65.88  ? 170 BME A S2  1 
HETATM 1305 C  C1  . NYL G 4 .   ? -3.056  -4.999  8.715   1.00 18.17  ? 405 NYL A C1  1 
HETATM 1306 C  C2  . NYL G 4 .   ? -3.280  -6.155  9.470   1.00 29.16  ? 405 NYL A C2  1 
HETATM 1307 C  C3  . NYL G 4 .   ? -1.752  -4.569  8.516   1.00 42.94  ? 405 NYL A C3  1 
HETATM 1308 N  N4  . NYL G 4 .   ? -4.112  -4.253  8.145   1.00 29.31  ? 405 NYL A N4  1 
HETATM 1309 C  C5  . NYL G 4 .   ? -2.212  -6.866  10.023  1.00 14.38  ? 405 NYL A C5  1 
HETATM 1310 C  C6  . NYL G 4 .   ? -0.691  -5.285  9.065   1.00 23.10  ? 405 NYL A C6  1 
HETATM 1311 C  C7  . NYL G 4 .   ? -0.904  -6.436  9.820   1.00 52.07  ? 405 NYL A C7  1 
HETATM 1312 C  C13 . NYL G 4 .   ? -5.485  -4.745  8.297   1.00 100.00 ? 405 NYL A C13 1 
HETATM 1313 C  C15 . NYL G 4 .   ? -6.374  -3.733  9.010   1.00 44.58  ? 405 NYL A C15 1 
HETATM 1314 C  C16 . NYL G 4 .   ? -7.199  -4.104  9.976   1.00 77.36  ? 405 NYL A C16 1 
HETATM 1315 O  O   . HOH H 5 .   ? 7.151   2.012   -5.419  1.00 7.26   ? 171 HOH A O   1 
HETATM 1316 O  O   . HOH H 5 .   ? -7.813  6.268   1.148   1.00 39.35  ? 172 HOH A O   1 
HETATM 1317 O  O   . HOH H 5 .   ? -11.683 9.657   -4.632  1.00 20.02  ? 174 HOH A O   1 
HETATM 1318 O  O   . HOH H 5 .   ? -9.659  -11.434 -3.616  1.00 24.45  ? 175 HOH A O   1 
HETATM 1319 O  O   . HOH H 5 .   ? 13.914  15.039  -10.461 1.00 24.40  ? 176 HOH A O   1 
HETATM 1320 O  O   . HOH H 5 .   ? 18.831  -0.984  -3.046  1.00 19.53  ? 177 HOH A O   1 
HETATM 1321 O  O   . HOH H 5 .   ? 8.245   2.488   -8.222  1.00 13.92  ? 179 HOH A O   1 
HETATM 1322 O  O   . HOH H 5 .   ? -13.506 -2.928  -6.530  1.00 26.10  ? 180 HOH A O   1 
HETATM 1323 O  O   . HOH H 5 .   ? 0.003   -18.659 7.639   1.00 33.22  ? 181 HOH A O   1 
HETATM 1324 O  O   . HOH H 5 .   ? 12.330  2.667   -1.933  1.00 24.47  ? 182 HOH A O   1 
HETATM 1325 O  O   . HOH H 5 .   ? 18.700  2.564   -4.378  1.00 41.18  ? 183 HOH A O   1 
HETATM 1326 O  O   . HOH H 5 .   ? 14.454  -4.104  0.231   1.00 32.32  ? 185 HOH A O   1 
HETATM 1327 O  O   . HOH H 5 .   ? 9.662   -4.989  -8.409  1.00 27.02  ? 186 HOH A O   1 
HETATM 1328 O  O   . HOH H 5 .   ? 16.198  -2.118  0.277   1.00 33.03  ? 188 HOH A O   1 
HETATM 1329 O  O   . HOH H 5 .   ? 2.798   16.433  -3.302  1.00 29.26  ? 190 HOH A O   1 
HETATM 1330 O  O   . HOH H 5 .   ? 0.892   18.433  -4.301  1.00 30.87  ? 191 HOH A O   1 
HETATM 1331 O  O   . HOH H 5 .   ? 0.155   -14.676 15.853  1.00 17.60  ? 193 HOH A O   1 
HETATM 1332 O  O   . HOH H 5 .   ? 3.003   -12.544 -2.296  1.00 25.75  ? 195 HOH A O   1 
HETATM 1333 O  O   . HOH H 5 .   ? 15.363  11.086  -16.568 1.00 30.86  ? 196 HOH A O   1 
HETATM 1334 O  O   . HOH H 5 .   ? 15.807  17.009  -0.907  1.00 20.46  ? 198 HOH A O   1 
HETATM 1335 O  O   . HOH H 5 .   ? 2.920   -14.216 1.559   1.00 27.16  ? 199 HOH A O   1 
HETATM 1336 O  O   . HOH H 5 .   ? 11.468  8.824   -1.881  1.00 24.38  ? 200 HOH A O   1 
HETATM 1337 O  O   . HOH H 5 .   ? 13.718  -0.866  1.530   1.00 22.86  ? 201 HOH A O   1 
HETATM 1338 O  O   . HOH H 5 .   ? 0.922   8.185   -3.042  1.00 33.98  ? 203 HOH A O   1 
HETATM 1339 O  O   . HOH H 5 .   ? -1.043  6.342   -5.219  1.00 51.39  ? 204 HOH A O   1 
HETATM 1340 O  O   . HOH H 5 .   ? -5.408  3.697   -4.630  1.00 36.59  ? 207 HOH A O   1 
HETATM 1341 O  O   . HOH H 5 .   ? -4.884  -0.778  0.318   1.00 9.31   ? 208 HOH A O   1 
HETATM 1342 O  O   . HOH H 5 .   ? -7.400  0.358   -0.659  0.00 26.15  ? 209 HOH A O   1 
HETATM 1343 O  O   . HOH H 5 .   ? -5.876  -18.464 1.836   1.00 23.76  ? 210 HOH A O   1 
HETATM 1344 O  O   . HOH H 5 .   ? -11.948 -3.721  -8.952  1.00 17.19  ? 211 HOH A O   1 
HETATM 1345 O  O   . HOH H 5 .   ? -6.026  -14.226 11.765  1.00 12.76  ? 213 HOH A O   1 
HETATM 1346 O  O   . HOH H 5 .   ? -16.649 -15.605 5.531   1.00 43.54  ? 217 HOH A O   1 
HETATM 1347 O  O   . HOH H 5 .   ? -18.262 -5.813  11.977  1.00 33.30  ? 218 HOH A O   1 
HETATM 1348 O  O   . HOH H 5 .   ? -18.163 -2.605  12.894  1.00 35.02  ? 219 HOH A O   1 
HETATM 1349 O  O   . HOH H 5 .   ? 3.275   -15.748 -8.333  1.00 52.86  ? 223 HOH A O   1 
HETATM 1350 O  O   . HOH H 5 .   ? 7.356   -13.019 11.163  1.00 32.42  ? 226 HOH A O   1 
HETATM 1351 O  O   . HOH H 5 .   ? -0.680  5.195   -7.693  1.00 66.02  ? 229 HOH A O   1 
HETATM 1352 O  O   . HOH H 5 .   ? -8.061  -17.369 -6.086  1.00 54.60  ? 231 HOH A O   1 
HETATM 1353 O  O   . HOH H 5 .   ? -17.329 -14.300 9.207   1.00 41.89  ? 235 HOH A O   1 
HETATM 1354 O  O   . HOH H 5 .   ? -14.297 -16.993 4.185   1.00 35.13  ? 238 HOH A O   1 
HETATM 1355 O  O   . HOH H 5 .   ? 17.515  3.690   -6.144  1.00 44.31  ? 239 HOH A O   1 
HETATM 1356 O  O   . HOH H 5 .   ? 14.802  -2.865  -11.707 1.00 32.55  ? 240 HOH A O   1 
HETATM 1357 O  O   . HOH H 5 .   ? -20.149 -1.167  6.045   1.00 33.46  ? 251 HOH A O   1 
HETATM 1358 O  O   . HOH H 5 .   ? -2.754  -6.137  18.121  1.00 31.24  ? 253 HOH A O   1 
HETATM 1359 O  O   . HOH H 5 .   ? -0.516  4.001   -2.682  1.00 18.64  ? 256 HOH A O   1 
HETATM 1360 O  O   . HOH H 5 .   ? 19.180  4.403   -11.932 1.00 39.49  ? 259 HOH A O   1 
HETATM 1361 O  O   . HOH H 5 .   ? 18.158  2.451   -15.057 1.00 43.45  ? 260 HOH A O   1 
HETATM 1362 O  O   . HOH H 5 .   ? -4.009  9.685   -9.387  1.00 42.88  ? 269 HOH A O   1 
HETATM 1363 O  O   . HOH H 5 .   ? -9.658  5.341   7.100   1.00 18.04  ? 270 HOH A O   1 
HETATM 1364 O  O   . HOH H 5 .   ? -6.802  -19.436 -1.586  1.00 42.53  ? 273 HOH A O   1 
HETATM 1365 O  O   . HOH H 5 .   ? 5.815   1.823   2.580   1.00 44.05  ? 274 HOH A O   1 
HETATM 1366 O  O   . HOH H 5 .   ? 16.561  17.178  -11.470 1.00 49.24  ? 278 HOH A O   1 
HETATM 1367 O  O   . HOH H 5 .   ? 10.450  11.504  -0.408  1.00 29.53  ? 281 HOH A O   1 
HETATM 1368 O  O   . HOH H 5 .   ? 13.723  6.123   -1.186  1.00 30.72  ? 282 HOH A O   1 
HETATM 1369 O  O   . HOH H 5 .   ? -3.300  -18.027 13.095  1.00 37.78  ? 291 HOH A O   1 
HETATM 1370 O  O   . HOH H 5 .   ? -17.293 -12.844 10.967  1.00 20.19  ? 293 HOH A O   1 
HETATM 1371 O  O   . HOH H 5 .   ? -2.485  -17.046 -8.297  1.00 41.21  ? 296 HOH A O   1 
HETATM 1372 O  O   . HOH H 5 .   ? -5.614  -7.263  18.291  1.00 48.39  ? 301 HOH A O   1 
HETATM 1373 O  O   . HOH H 5 .   ? 3.977   -12.740 16.571  1.00 46.36  ? 302 HOH A O   1 
HETATM 1374 O  O   . HOH H 5 .   ? -15.661 -15.980 9.226   1.00 37.93  ? 311 HOH A O   1 
HETATM 1375 O  O   . HOH H 5 .   ? 15.025  -3.904  -9.138  1.00 37.10  ? 320 HOH A O   1 
# 
loop_
_pdbx_poly_seq_scheme.asym_id 
_pdbx_poly_seq_scheme.entity_id 
_pdbx_poly_seq_scheme.seq_id 
_pdbx_poly_seq_scheme.mon_id 
_pdbx_poly_seq_scheme.ndb_seq_num 
_pdbx_poly_seq_scheme.pdb_seq_num 
_pdbx_poly_seq_scheme.auth_seq_num 
_pdbx_poly_seq_scheme.pdb_mon_id 
_pdbx_poly_seq_scheme.auth_mon_id 
_pdbx_poly_seq_scheme.pdb_strand_id 
_pdbx_poly_seq_scheme.pdb_ins_code 
_pdbx_poly_seq_scheme.hetero 
A 1 1   MET 1   1   1   MET MET A . n 
A 1 2   ASN 2   2   2   ASN ASN A . n 
A 1 3   ILE 3   3   3   ILE ILE A . n 
A 1 4   PHE 4   4   4   PHE PHE A . n 
A 1 5   GLU 5   5   5   GLU GLU A . n 
A 1 6   MET 6   6   6   MET MET A . n 
A 1 7   LEU 7   7   7   LEU LEU A . n 
A 1 8   ARG 8   8   8   ARG ARG A . n 
A 1 9   ILE 9   9   9   ILE ILE A . n 
A 1 10  ASP 10  10  10  ASP ASP A . n 
A 1 11  GLU 11  11  11  GLU GLU A . n 
A 1 12  GLY 12  12  12  GLY GLY A . n 
A 1 13  LEU 13  13  13  LEU LEU A . n 
A 1 14  ARG 14  14  14  ARG ARG A . n 
A 1 15  LEU 15  15  15  LEU LEU A . n 
A 1 16  LYS 16  16  16  LYS LYS A . n 
A 1 17  ILE 17  17  17  ILE ILE A . n 
A 1 18  TYR 18  18  18  TYR TYR A . n 
A 1 19  LYS 19  19  19  LYS LYS A . n 
A 1 20  ASP 20  20  20  ASP ASP A . n 
A 1 21  THR 21  21  21  THR THR A . n 
A 1 22  GLU 22  22  22  GLU GLU A . n 
A 1 23  GLY 23  23  23  GLY GLY A . n 
A 1 24  TYR 24  24  24  TYR TYR A . n 
A 1 25  TYR 25  25  25  TYR TYR A . n 
A 1 26  THR 26  26  26  THR THR A . n 
A 1 27  ILE 27  27  27  ILE ILE A . n 
A 1 28  GLY 28  28  28  GLY GLY A . n 
A 1 29  ILE 29  29  29  ILE ILE A . n 
A 1 30  GLY 30  30  30  GLY GLY A . n 
A 1 31  HIS 31  31  31  HIS HIS A . n 
A 1 32  LEU 32  32  32  LEU LEU A . n 
A 1 33  LEU 33  33  33  LEU LEU A . n 
A 1 34  THR 34  34  34  THR THR A . n 
A 1 35  LYS 35  35  35  LYS LYS A . n 
A 1 36  SER 36  36  36  SER SER A . n 
A 1 37  PRO 37  37  37  PRO PRO A . n 
A 1 38  SER 38  38  38  SER SER A . n 
A 1 39  LEU 39  39  39  LEU LEU A . n 
A 1 40  ASN 40  40  40  ASN ASN A . n 
A 1 41  ALA 41  41  41  ALA ALA A . n 
A 1 42  ALA 42  42  42  ALA ALA A . n 
A 1 43  LYS 43  43  43  LYS LYS A . n 
A 1 44  SER 44  44  44  SER SER A . n 
A 1 45  GLU 45  45  45  GLU GLU A . n 
A 1 46  LEU 46  46  46  LEU LEU A . n 
A 1 47  ASP 47  47  47  ASP ASP A . n 
A 1 48  LYS 48  48  48  LYS LYS A . n 
A 1 49  ALA 49  49  49  ALA ALA A . n 
A 1 50  ILE 50  50  50  ILE ILE A . n 
A 1 51  GLY 51  51  51  GLY GLY A . n 
A 1 52  ARG 52  52  52  ARG ARG A . n 
A 1 53  ASN 53  53  53  ASN ASN A . n 
A 1 54  CYS 54  54  54  CYS CYS A . n 
A 1 55  ASN 55  55  55  ASN ASN A . n 
A 1 56  GLY 56  56  56  GLY GLY A . n 
A 1 57  VAL 57  57  57  VAL VAL A . n 
A 1 58  ILE 58  58  58  ILE ILE A . n 
A 1 59  THR 59  59  59  THR THR A . n 
A 1 60  LYS 60  60  60  LYS LYS A . n 
A 1 61  ASP 61  61  61  ASP ASP A . n 
A 1 62  GLU 62  62  62  GLU GLU A . n 
A 1 63  ALA 63  63  63  ALA ALA A . n 
A 1 64  GLU 64  64  64  GLU GLU A . n 
A 1 65  LYS 65  65  65  LYS LYS A . n 
A 1 66  LEU 66  66  66  LEU LEU A . n 
A 1 67  PHE 67  67  67  PHE PHE A . n 
A 1 68  ASN 68  68  68  ASN ASN A . n 
A 1 69  GLN 69  69  69  GLN GLN A . n 
A 1 70  ASP 70  70  70  ASP ASP A . n 
A 1 71  VAL 71  71  71  VAL VAL A . n 
A 1 72  ASP 72  72  72  ASP ASP A . n 
A 1 73  ALA 73  73  73  ALA ALA A . n 
A 1 74  ALA 74  74  74  ALA ALA A . n 
A 1 75  VAL 75  75  75  VAL VAL A . n 
A 1 76  ARG 76  76  76  ARG ARG A . n 
A 1 77  GLY 77  77  77  GLY GLY A . n 
A 1 78  ILE 78  78  78  ILE ILE A . n 
A 1 79  LEU 79  79  79  LEU LEU A . n 
A 1 80  ARG 80  80  80  ARG ARG A . n 
A 1 81  ASN 81  81  81  ASN ASN A . n 
A 1 82  ALA 82  82  82  ALA ALA A . n 
A 1 83  LYS 83  83  83  LYS LYS A . n 
A 1 84  LEU 84  84  84  LEU LEU A . n 
A 1 85  LYS 85  85  85  LYS LYS A . n 
A 1 86  PRO 86  86  86  PRO PRO A . n 
A 1 87  VAL 87  87  87  VAL VAL A . n 
A 1 88  TYR 88  88  88  TYR TYR A . n 
A 1 89  ASP 89  89  89  ASP ASP A . n 
A 1 90  SER 90  90  90  SER SER A . n 
A 1 91  LEU 91  91  91  LEU LEU A . n 
A 1 92  ASP 92  92  92  ASP ASP A . n 
A 1 93  ALA 93  93  93  ALA ALA A . n 
A 1 94  VAL 94  94  94  VAL VAL A . n 
A 1 95  ARG 95  95  95  ARG ARG A . n 
A 1 96  ARG 96  96  96  ARG ARG A . n 
A 1 97  CYS 97  97  97  CYS CYS A . n 
A 1 98  ALA 98  98  98  ALA ALA A . n 
A 1 99  ALA 99  99  99  ALA ALA A . n 
A 1 100 ILE 100 100 100 ILE ILE A . n 
A 1 101 ASN 101 101 101 ASN ASN A . n 
A 1 102 GLN 102 102 102 GLN GLN A . n 
A 1 103 VAL 103 103 103 VAL VAL A . n 
A 1 104 PHE 104 104 104 PHE PHE A . n 
A 1 105 GLN 105 105 105 GLN GLN A . n 
A 1 106 MET 106 106 106 MET MET A . n 
A 1 107 GLY 107 107 107 GLY GLY A . n 
A 1 108 GLU 108 108 108 GLU GLU A . n 
A 1 109 THR 109 109 109 THR THR A . n 
A 1 110 GLY 110 110 110 GLY GLY A . n 
A 1 111 VAL 111 111 111 VAL VAL A . n 
A 1 112 ALA 112 112 112 ALA ALA A . n 
A 1 113 GLY 113 113 113 GLY GLY A . n 
A 1 114 PHE 114 114 114 PHE PHE A . n 
A 1 115 THR 115 115 115 THR THR A . n 
A 1 116 ASN 116 116 116 ASN ASN A . n 
A 1 117 SER 117 117 117 SER SER A . n 
A 1 118 LEU 118 118 118 LEU LEU A . n 
A 1 119 ARG 119 119 119 ARG ARG A . n 
A 1 120 MET 120 120 120 MET MET A . n 
A 1 121 LEU 121 121 121 LEU LEU A . n 
A 1 122 GLN 122 122 122 GLN GLN A . n 
A 1 123 GLN 123 123 123 GLN GLN A . n 
A 1 124 LYS 124 124 124 LYS LYS A . n 
A 1 125 ARG 125 125 125 ARG ARG A . n 
A 1 126 TRP 126 126 126 TRP TRP A . n 
A 1 127 ASP 127 127 127 ASP ASP A . n 
A 1 128 GLU 128 128 128 GLU GLU A . n 
A 1 129 ALA 129 129 129 ALA ALA A . n 
A 1 130 ALA 130 130 130 ALA ALA A . n 
A 1 131 VAL 131 131 131 VAL VAL A . n 
A 1 132 ASN 132 132 132 ASN ASN A . n 
A 1 133 LEU 133 133 133 LEU LEU A . n 
A 1 134 ALA 134 134 134 ALA ALA A . n 
A 1 135 LYS 135 135 135 LYS LYS A . n 
A 1 136 SER 136 136 136 SER SER A . n 
A 1 137 ARG 137 137 137 ARG ARG A . n 
A 1 138 TRP 138 138 138 TRP TRP A . n 
A 1 139 TYR 139 139 139 TYR TYR A . n 
A 1 140 ASN 140 140 140 ASN ASN A . n 
A 1 141 GLN 141 141 141 GLN GLN A . n 
A 1 142 THR 142 142 142 THR THR A . n 
A 1 143 PRO 143 143 143 PRO PRO A . n 
A 1 144 ASN 144 144 144 ASN ASN A . n 
A 1 145 ARG 145 145 145 ARG ARG A . n 
A 1 146 ALA 146 146 146 ALA ALA A . n 
A 1 147 LYS 147 147 147 LYS LYS A . n 
A 1 148 ARG 148 148 148 ARG ARG A . n 
A 1 149 VAL 149 149 149 VAL VAL A . n 
A 1 150 ILE 150 150 150 ILE ILE A . n 
A 1 151 THR 151 151 151 THR THR A . n 
A 1 152 THR 152 152 152 THR THR A . n 
A 1 153 PHE 153 153 153 PHE PHE A . n 
A 1 154 ARG 154 154 154 ARG ARG A . n 
A 1 155 THR 155 155 155 THR THR A . n 
A 1 156 GLY 156 156 156 GLY GLY A . n 
A 1 157 THR 157 157 157 THR THR A . n 
A 1 158 TRP 158 158 158 TRP TRP A . n 
A 1 159 ASP 159 159 159 ASP ASP A . n 
A 1 160 ALA 160 160 160 ALA ALA A . n 
A 1 161 TYR 161 161 161 TYR TYR A . n 
A 1 162 LYS 162 162 162 LYS LYS A . n 
A 1 163 ASN 163 163 ?   ?   ?   A . n 
A 1 164 LEU 164 164 ?   ?   ?   A . n 
# 
loop_
_pdbx_nonpoly_scheme.asym_id 
_pdbx_nonpoly_scheme.entity_id 
_pdbx_nonpoly_scheme.mon_id 
_pdbx_nonpoly_scheme.ndb_seq_num 
_pdbx_nonpoly_scheme.pdb_seq_num 
_pdbx_nonpoly_scheme.auth_seq_num 
_pdbx_nonpoly_scheme.pdb_mon_id 
_pdbx_nonpoly_scheme.auth_mon_id 
_pdbx_nonpoly_scheme.pdb_strand_id 
_pdbx_nonpoly_scheme.pdb_ins_code 
B 2 CL  1  173 173 CL  SOL A . 
C 2 CL  1  178 178 CL  SOL A . 
D 3 BME 1  168 168 BME BME A . 
E 3 BME 1  169 169 BME BME A . 
F 3 BME 1  170 170 BME BME A . 
G 4 NYL 1  405 405 NYL NAL A . 
H 5 HOH 1  171 171 HOH SOL A . 
H 5 HOH 2  172 172 HOH SOL A . 
H 5 HOH 3  174 174 HOH SOL A . 
H 5 HOH 4  175 175 HOH SOL A . 
H 5 HOH 5  176 176 HOH SOL A . 
H 5 HOH 6  177 177 HOH SOL A . 
H 5 HOH 7  179 179 HOH SOL A . 
H 5 HOH 8  180 180 HOH SOL A . 
H 5 HOH 9  181 181 HOH SOL A . 
H 5 HOH 10 182 182 HOH SOL A . 
H 5 HOH 11 183 183 HOH SOL A . 
H 5 HOH 12 185 185 HOH SOL A . 
H 5 HOH 13 186 186 HOH SOL A . 
H 5 HOH 14 188 188 HOH SOL A . 
H 5 HOH 15 190 190 HOH SOL A . 
H 5 HOH 16 191 191 HOH SOL A . 
H 5 HOH 17 193 193 HOH SOL A . 
H 5 HOH 18 195 195 HOH SOL A . 
H 5 HOH 19 196 196 HOH SOL A . 
H 5 HOH 20 198 198 HOH SOL A . 
H 5 HOH 21 199 199 HOH SOL A . 
H 5 HOH 22 200 200 HOH SOL A . 
H 5 HOH 23 201 201 HOH SOL A . 
H 5 HOH 24 203 203 HOH SOL A . 
H 5 HOH 25 204 204 HOH SOL A . 
H 5 HOH 26 207 207 HOH SOL A . 
H 5 HOH 27 208 208 HOH SOL A . 
H 5 HOH 28 209 209 HOH SOL A . 
H 5 HOH 29 210 210 HOH SOL A . 
H 5 HOH 30 211 211 HOH SOL A . 
H 5 HOH 31 213 213 HOH SOL A . 
H 5 HOH 32 217 217 HOH SOL A . 
H 5 HOH 33 218 218 HOH SOL A . 
H 5 HOH 34 219 219 HOH SOL A . 
H 5 HOH 35 223 223 HOH SOL A . 
H 5 HOH 36 226 226 HOH SOL A . 
H 5 HOH 37 229 229 HOH SOL A . 
H 5 HOH 38 231 231 HOH SOL A . 
H 5 HOH 39 235 235 HOH SOL A . 
H 5 HOH 40 238 238 HOH SOL A . 
H 5 HOH 41 239 239 HOH SOL A . 
H 5 HOH 42 240 240 HOH SOL A . 
H 5 HOH 43 251 251 HOH SOL A . 
H 5 HOH 44 253 253 HOH SOL A . 
H 5 HOH 45 256 256 HOH SOL A . 
H 5 HOH 46 259 259 HOH SOL A . 
H 5 HOH 47 260 260 HOH SOL A . 
H 5 HOH 48 269 269 HOH SOL A . 
H 5 HOH 49 270 270 HOH SOL A . 
H 5 HOH 50 273 273 HOH SOL A . 
H 5 HOH 51 274 274 HOH SOL A . 
H 5 HOH 52 278 278 HOH SOL A . 
H 5 HOH 53 281 281 HOH SOL A . 
H 5 HOH 54 282 282 HOH SOL A . 
H 5 HOH 55 291 291 HOH SOL A . 
H 5 HOH 56 293 293 HOH SOL A . 
H 5 HOH 57 296 296 HOH SOL A . 
H 5 HOH 58 301 301 HOH SOL A . 
H 5 HOH 59 302 302 HOH SOL A . 
H 5 HOH 60 311 311 HOH SOL A . 
H 5 HOH 61 320 320 HOH SOL A . 
# 
_pdbx_struct_assembly.id                   1 
_pdbx_struct_assembly.details              author_defined_assembly 
_pdbx_struct_assembly.method_details       ? 
_pdbx_struct_assembly.oligomeric_details   monomeric 
_pdbx_struct_assembly.oligomeric_count     1 
# 
_pdbx_struct_assembly_gen.assembly_id       1 
_pdbx_struct_assembly_gen.oper_expression   1 
_pdbx_struct_assembly_gen.asym_id_list      A,B,C,D,E,F,G,H 
# 
_pdbx_struct_oper_list.id                   1 
_pdbx_struct_oper_list.type                 'identity operation' 
_pdbx_struct_oper_list.name                 1_555 
_pdbx_struct_oper_list.symmetry_operation   x,y,z 
_pdbx_struct_oper_list.matrix[1][1]         1.0000000000 
_pdbx_struct_oper_list.matrix[1][2]         0.0000000000 
_pdbx_struct_oper_list.matrix[1][3]         0.0000000000 
_pdbx_struct_oper_list.vector[1]            0.0000000000 
_pdbx_struct_oper_list.matrix[2][1]         0.0000000000 
_pdbx_struct_oper_list.matrix[2][2]         1.0000000000 
_pdbx_struct_oper_list.matrix[2][3]         0.0000000000 
_pdbx_struct_oper_list.vector[2]            0.0000000000 
_pdbx_struct_oper_list.matrix[3][1]         0.0000000000 
_pdbx_struct_oper_list.matrix[3][2]         0.0000000000 
_pdbx_struct_oper_list.matrix[3][3]         1.0000000000 
_pdbx_struct_oper_list.vector[3]            0.0000000000 
# 
loop_
_pdbx_audit_revision_history.ordinal 
_pdbx_audit_revision_history.data_content_type 
_pdbx_audit_revision_history.major_revision 
_pdbx_audit_revision_history.minor_revision 
_pdbx_audit_revision_history.revision_date 
1 'Structure model' 1 0 2004-04-06 
2 'Structure model' 1 1 2008-04-29 
3 'Structure model' 1 2 2011-07-13 
4 'Structure model' 1 3 2017-10-11 
5 'Structure model' 1 4 2021-10-27 
6 'Structure model' 1 5 2023-08-16 
# 
_pdbx_audit_revision_details.ordinal             1 
_pdbx_audit_revision_details.revision_ordinal    1 
_pdbx_audit_revision_details.data_content_type   'Structure model' 
_pdbx_audit_revision_details.provider            repository 
_pdbx_audit_revision_details.type                'Initial release' 
_pdbx_audit_revision_details.description         ? 
_pdbx_audit_revision_details.details             ? 
# 
loop_
_pdbx_audit_revision_group.ordinal 
_pdbx_audit_revision_group.revision_ordinal 
_pdbx_audit_revision_group.data_content_type 
_pdbx_audit_revision_group.group 
1 2 'Structure model' 'Version format compliance' 
2 3 'Structure model' 'Version format compliance' 
3 4 'Structure model' Advisory                    
4 5 'Structure model' Advisory                    
5 5 'Structure model' 'Database references'       
6 5 'Structure model' 'Derived calculations'      
7 6 'Structure model' 'Data collection'           
8 6 'Structure model' 'Refinement description'    
# 
loop_
_pdbx_audit_revision_category.ordinal 
_pdbx_audit_revision_category.revision_ordinal 
_pdbx_audit_revision_category.data_content_type 
_pdbx_audit_revision_category.category 
1 4 'Structure model' pdbx_unobs_or_zero_occ_residues 
2 5 'Structure model' database_2                      
3 5 'Structure model' pdbx_unobs_or_zero_occ_residues 
4 5 'Structure model' struct_ref_seq_dif              
5 5 'Structure model' struct_site                     
6 6 'Structure model' chem_comp_atom                  
7 6 'Structure model' chem_comp_bond                  
8 6 'Structure model' pdbx_initial_refinement_model   
# 
loop_
_pdbx_audit_revision_item.ordinal 
_pdbx_audit_revision_item.revision_ordinal 
_pdbx_audit_revision_item.data_content_type 
_pdbx_audit_revision_item.item 
1 5 'Structure model' '_database_2.pdbx_DOI'                
2 5 'Structure model' '_database_2.pdbx_database_accession' 
3 5 'Structure model' '_struct_ref_seq_dif.details'         
4 5 'Structure model' '_struct_site.pdbx_auth_asym_id'      
5 5 'Structure model' '_struct_site.pdbx_auth_comp_id'      
6 5 'Structure model' '_struct_site.pdbx_auth_seq_id'       
# 
loop_
_software.name 
_software.classification 
_software.version 
_software.citation_id 
_software.pdbx_ordinal 
San  'data collection' 'Diego Multiwire' ? 1 
San  'data reduction'  'Diego Multiwire' ? 2 
TNT  refinement        .                 ? 3 
SDMS 'data reduction'  .                 ? 4 
SDMS 'data scaling'    .                 ? 5 
TNT  phasing           .                 ? 6 
# 
loop_
_pdbx_validate_rmsd_bond.id 
_pdbx_validate_rmsd_bond.PDB_model_num 
_pdbx_validate_rmsd_bond.auth_atom_id_1 
_pdbx_validate_rmsd_bond.auth_asym_id_1 
_pdbx_validate_rmsd_bond.auth_comp_id_1 
_pdbx_validate_rmsd_bond.auth_seq_id_1 
_pdbx_validate_rmsd_bond.PDB_ins_code_1 
_pdbx_validate_rmsd_bond.label_alt_id_1 
_pdbx_validate_rmsd_bond.auth_atom_id_2 
_pdbx_validate_rmsd_bond.auth_asym_id_2 
_pdbx_validate_rmsd_bond.auth_comp_id_2 
_pdbx_validate_rmsd_bond.auth_seq_id_2 
_pdbx_validate_rmsd_bond.PDB_ins_code_2 
_pdbx_validate_rmsd_bond.label_alt_id_2 
_pdbx_validate_rmsd_bond.bond_value 
_pdbx_validate_rmsd_bond.bond_target_value 
_pdbx_validate_rmsd_bond.bond_deviation 
_pdbx_validate_rmsd_bond.bond_standard_deviation 
_pdbx_validate_rmsd_bond.linker_flag 
1 1 CD A GLU 22  ? ? OE2 A GLU 22  ? ? 1.318 1.252 0.066 0.011 N 
2 1 CD A GLU 108 ? ? OE2 A GLU 108 ? ? 1.321 1.252 0.069 0.011 N 
# 
loop_
_pdbx_validate_rmsd_angle.id 
_pdbx_validate_rmsd_angle.PDB_model_num 
_pdbx_validate_rmsd_angle.auth_atom_id_1 
_pdbx_validate_rmsd_angle.auth_asym_id_1 
_pdbx_validate_rmsd_angle.auth_comp_id_1 
_pdbx_validate_rmsd_angle.auth_seq_id_1 
_pdbx_validate_rmsd_angle.PDB_ins_code_1 
_pdbx_validate_rmsd_angle.label_alt_id_1 
_pdbx_validate_rmsd_angle.auth_atom_id_2 
_pdbx_validate_rmsd_angle.auth_asym_id_2 
_pdbx_validate_rmsd_angle.auth_comp_id_2 
_pdbx_validate_rmsd_angle.auth_seq_id_2 
_pdbx_validate_rmsd_angle.PDB_ins_code_2 
_pdbx_validate_rmsd_angle.label_alt_id_2 
_pdbx_validate_rmsd_angle.auth_atom_id_3 
_pdbx_validate_rmsd_angle.auth_asym_id_3 
_pdbx_validate_rmsd_angle.auth_comp_id_3 
_pdbx_validate_rmsd_angle.auth_seq_id_3 
_pdbx_validate_rmsd_angle.PDB_ins_code_3 
_pdbx_validate_rmsd_angle.label_alt_id_3 
_pdbx_validate_rmsd_angle.angle_value 
_pdbx_validate_rmsd_angle.angle_target_value 
_pdbx_validate_rmsd_angle.angle_deviation 
_pdbx_validate_rmsd_angle.angle_standard_deviation 
_pdbx_validate_rmsd_angle.linker_flag 
1  1 NE A ARG 8   ? ? CZ A ARG 8   ? ? NH1 A ARG 8   ? ? 123.97 120.30 3.67   0.50 N 
2  1 CB A ASP 10  ? ? CG A ASP 10  ? ? OD2 A ASP 10  ? ? 112.32 118.30 -5.98  0.90 N 
3  1 CB A ASP 47  ? ? CG A ASP 47  ? ? OD1 A ASP 47  ? ? 128.19 118.30 9.89   0.90 N 
4  1 CB A ASP 47  ? ? CG A ASP 47  ? ? OD2 A ASP 47  ? ? 108.21 118.30 -10.09 0.90 N 
5  1 NE A ARG 52  ? ? CZ A ARG 52  ? ? NH2 A ARG 52  ? ? 117.23 120.30 -3.07  0.50 N 
6  1 CB A ASP 61  ? ? CG A ASP 61  ? ? OD1 A ASP 61  ? ? 123.77 118.30 5.47   0.90 N 
7  1 CB A ASP 72  ? ? CG A ASP 72  ? ? OD2 A ASP 72  ? ? 112.67 118.30 -5.63  0.90 N 
8  1 NE A ARG 80  ? ? CZ A ARG 80  ? ? NH1 A ARG 80  ? ? 123.90 120.30 3.60   0.50 N 
9  1 CB A ASP 89  ? ? CG A ASP 89  ? ? OD2 A ASP 89  ? ? 108.93 118.30 -9.37  0.90 N 
10 1 CB A ALA 112 ? ? CA A ALA 112 ? ? C   A ALA 112 ? ? 119.40 110.10 9.30   1.50 N 
11 1 NE A ARG 125 ? ? CZ A ARG 125 ? ? NH1 A ARG 125 ? ? 124.08 120.30 3.78   0.50 N 
12 1 CB A ASP 127 ? ? CG A ASP 127 ? ? OD1 A ASP 127 ? ? 124.54 118.30 6.24   0.90 N 
13 1 CB A ASP 127 ? ? CG A ASP 127 ? ? OD2 A ASP 127 ? ? 112.40 118.30 -5.90  0.90 N 
14 1 NE A ARG 148 ? ? CZ A ARG 148 ? ? NH1 A ARG 148 ? ? 123.92 120.30 3.62   0.50 N 
15 1 CB A ASP 159 ? ? CG A ASP 159 ? ? OD1 A ASP 159 ? ? 123.88 118.30 5.58   0.90 N 
16 1 CB A ASP 159 ? ? CG A ASP 159 ? ? OD2 A ASP 159 ? ? 112.50 118.30 -5.80  0.90 N 
# 
loop_
_pdbx_validate_torsion.id 
_pdbx_validate_torsion.PDB_model_num 
_pdbx_validate_torsion.auth_comp_id 
_pdbx_validate_torsion.auth_asym_id 
_pdbx_validate_torsion.auth_seq_id 
_pdbx_validate_torsion.PDB_ins_code 
_pdbx_validate_torsion.label_alt_id 
_pdbx_validate_torsion.phi 
_pdbx_validate_torsion.psi 
1 1 ILE A 29  ? ? -103.96 76.43 
2 1 PHE A 114 ? ? -90.03  43.80 
# 
loop_
_pdbx_unobs_or_zero_occ_residues.id 
_pdbx_unobs_or_zero_occ_residues.PDB_model_num 
_pdbx_unobs_or_zero_occ_residues.polymer_flag 
_pdbx_unobs_or_zero_occ_residues.occupancy_flag 
_pdbx_unobs_or_zero_occ_residues.auth_asym_id 
_pdbx_unobs_or_zero_occ_residues.auth_comp_id 
_pdbx_unobs_or_zero_occ_residues.auth_seq_id 
_pdbx_unobs_or_zero_occ_residues.PDB_ins_code 
_pdbx_unobs_or_zero_occ_residues.label_asym_id 
_pdbx_unobs_or_zero_occ_residues.label_comp_id 
_pdbx_unobs_or_zero_occ_residues.label_seq_id 
1 1 Y 1 A ASN 163 ? A ASN 163 
2 1 Y 1 A LEU 164 ? A LEU 164 
3 1 N 0 A HOH 209 ? H HOH ?   
# 
loop_
_chem_comp_atom.comp_id 
_chem_comp_atom.atom_id 
_chem_comp_atom.type_symbol 
_chem_comp_atom.pdbx_aromatic_flag 
_chem_comp_atom.pdbx_stereo_config 
_chem_comp_atom.pdbx_ordinal 
ALA N    N  N N 1   
ALA CA   C  N S 2   
ALA C    C  N N 3   
ALA O    O  N N 4   
ALA CB   C  N N 5   
ALA OXT  O  N N 6   
ALA H    H  N N 7   
ALA H2   H  N N 8   
ALA HA   H  N N 9   
ALA HB1  H  N N 10  
ALA HB2  H  N N 11  
ALA HB3  H  N N 12  
ALA HXT  H  N N 13  
ARG N    N  N N 14  
ARG CA   C  N S 15  
ARG C    C  N N 16  
ARG O    O  N N 17  
ARG CB   C  N N 18  
ARG CG   C  N N 19  
ARG CD   C  N N 20  
ARG NE   N  N N 21  
ARG CZ   C  N N 22  
ARG NH1  N  N N 23  
ARG NH2  N  N N 24  
ARG OXT  O  N N 25  
ARG H    H  N N 26  
ARG H2   H  N N 27  
ARG HA   H  N N 28  
ARG HB2  H  N N 29  
ARG HB3  H  N N 30  
ARG HG2  H  N N 31  
ARG HG3  H  N N 32  
ARG HD2  H  N N 33  
ARG HD3  H  N N 34  
ARG HE   H  N N 35  
ARG HH11 H  N N 36  
ARG HH12 H  N N 37  
ARG HH21 H  N N 38  
ARG HH22 H  N N 39  
ARG HXT  H  N N 40  
ASN N    N  N N 41  
ASN CA   C  N S 42  
ASN C    C  N N 43  
ASN O    O  N N 44  
ASN CB   C  N N 45  
ASN CG   C  N N 46  
ASN OD1  O  N N 47  
ASN ND2  N  N N 48  
ASN OXT  O  N N 49  
ASN H    H  N N 50  
ASN H2   H  N N 51  
ASN HA   H  N N 52  
ASN HB2  H  N N 53  
ASN HB3  H  N N 54  
ASN HD21 H  N N 55  
ASN HD22 H  N N 56  
ASN HXT  H  N N 57  
ASP N    N  N N 58  
ASP CA   C  N S 59  
ASP C    C  N N 60  
ASP O    O  N N 61  
ASP CB   C  N N 62  
ASP CG   C  N N 63  
ASP OD1  O  N N 64  
ASP OD2  O  N N 65  
ASP OXT  O  N N 66  
ASP H    H  N N 67  
ASP H2   H  N N 68  
ASP HA   H  N N 69  
ASP HB2  H  N N 70  
ASP HB3  H  N N 71  
ASP HD2  H  N N 72  
ASP HXT  H  N N 73  
BME C1   C  N N 74  
BME C2   C  N N 75  
BME O1   O  N N 76  
BME S2   S  N N 77  
BME H11  H  N N 78  
BME H12  H  N N 79  
BME H21  H  N N 80  
BME H22  H  N N 81  
BME HO1  H  N N 82  
BME HS2  H  N N 83  
CL  CL   CL N N 84  
CYS N    N  N N 85  
CYS CA   C  N R 86  
CYS C    C  N N 87  
CYS O    O  N N 88  
CYS CB   C  N N 89  
CYS SG   S  N N 90  
CYS OXT  O  N N 91  
CYS H    H  N N 92  
CYS H2   H  N N 93  
CYS HA   H  N N 94  
CYS HB2  H  N N 95  
CYS HB3  H  N N 96  
CYS HG   H  N N 97  
CYS HXT  H  N N 98  
GLN N    N  N N 99  
GLN CA   C  N S 100 
GLN C    C  N N 101 
GLN O    O  N N 102 
GLN CB   C  N N 103 
GLN CG   C  N N 104 
GLN CD   C  N N 105 
GLN OE1  O  N N 106 
GLN NE2  N  N N 107 
GLN OXT  O  N N 108 
GLN H    H  N N 109 
GLN H2   H  N N 110 
GLN HA   H  N N 111 
GLN HB2  H  N N 112 
GLN HB3  H  N N 113 
GLN HG2  H  N N 114 
GLN HG3  H  N N 115 
GLN HE21 H  N N 116 
GLN HE22 H  N N 117 
GLN HXT  H  N N 118 
GLU N    N  N N 119 
GLU CA   C  N S 120 
GLU C    C  N N 121 
GLU O    O  N N 122 
GLU CB   C  N N 123 
GLU CG   C  N N 124 
GLU CD   C  N N 125 
GLU OE1  O  N N 126 
GLU OE2  O  N N 127 
GLU OXT  O  N N 128 
GLU H    H  N N 129 
GLU H2   H  N N 130 
GLU HA   H  N N 131 
GLU HB2  H  N N 132 
GLU HB3  H  N N 133 
GLU HG2  H  N N 134 
GLU HG3  H  N N 135 
GLU HE2  H  N N 136 
GLU HXT  H  N N 137 
GLY N    N  N N 138 
GLY CA   C  N N 139 
GLY C    C  N N 140 
GLY O    O  N N 141 
GLY OXT  O  N N 142 
GLY H    H  N N 143 
GLY H2   H  N N 144 
GLY HA2  H  N N 145 
GLY HA3  H  N N 146 
GLY HXT  H  N N 147 
HIS N    N  N N 148 
HIS CA   C  N S 149 
HIS C    C  N N 150 
HIS O    O  N N 151 
HIS CB   C  N N 152 
HIS CG   C  Y N 153 
HIS ND1  N  Y N 154 
HIS CD2  C  Y N 155 
HIS CE1  C  Y N 156 
HIS NE2  N  Y N 157 
HIS OXT  O  N N 158 
HIS H    H  N N 159 
HIS H2   H  N N 160 
HIS HA   H  N N 161 
HIS HB2  H  N N 162 
HIS HB3  H  N N 163 
HIS HD1  H  N N 164 
HIS HD2  H  N N 165 
HIS HE1  H  N N 166 
HIS HE2  H  N N 167 
HIS HXT  H  N N 168 
HOH O    O  N N 169 
HOH H1   H  N N 170 
HOH H2   H  N N 171 
ILE N    N  N N 172 
ILE CA   C  N S 173 
ILE C    C  N N 174 
ILE O    O  N N 175 
ILE CB   C  N S 176 
ILE CG1  C  N N 177 
ILE CG2  C  N N 178 
ILE CD1  C  N N 179 
ILE OXT  O  N N 180 
ILE H    H  N N 181 
ILE H2   H  N N 182 
ILE HA   H  N N 183 
ILE HB   H  N N 184 
ILE HG12 H  N N 185 
ILE HG13 H  N N 186 
ILE HG21 H  N N 187 
ILE HG22 H  N N 188 
ILE HG23 H  N N 189 
ILE HD11 H  N N 190 
ILE HD12 H  N N 191 
ILE HD13 H  N N 192 
ILE HXT  H  N N 193 
LEU N    N  N N 194 
LEU CA   C  N S 195 
LEU C    C  N N 196 
LEU O    O  N N 197 
LEU CB   C  N N 198 
LEU CG   C  N N 199 
LEU CD1  C  N N 200 
LEU CD2  C  N N 201 
LEU OXT  O  N N 202 
LEU H    H  N N 203 
LEU H2   H  N N 204 
LEU HA   H  N N 205 
LEU HB2  H  N N 206 
LEU HB3  H  N N 207 
LEU HG   H  N N 208 
LEU HD11 H  N N 209 
LEU HD12 H  N N 210 
LEU HD13 H  N N 211 
LEU HD21 H  N N 212 
LEU HD22 H  N N 213 
LEU HD23 H  N N 214 
LEU HXT  H  N N 215 
LYS N    N  N N 216 
LYS CA   C  N S 217 
LYS C    C  N N 218 
LYS O    O  N N 219 
LYS CB   C  N N 220 
LYS CG   C  N N 221 
LYS CD   C  N N 222 
LYS CE   C  N N 223 
LYS NZ   N  N N 224 
LYS OXT  O  N N 225 
LYS H    H  N N 226 
LYS H2   H  N N 227 
LYS HA   H  N N 228 
LYS HB2  H  N N 229 
LYS HB3  H  N N 230 
LYS HG2  H  N N 231 
LYS HG3  H  N N 232 
LYS HD2  H  N N 233 
LYS HD3  H  N N 234 
LYS HE2  H  N N 235 
LYS HE3  H  N N 236 
LYS HZ1  H  N N 237 
LYS HZ2  H  N N 238 
LYS HZ3  H  N N 239 
LYS HXT  H  N N 240 
MET N    N  N N 241 
MET CA   C  N S 242 
MET C    C  N N 243 
MET O    O  N N 244 
MET CB   C  N N 245 
MET CG   C  N N 246 
MET SD   S  N N 247 
MET CE   C  N N 248 
MET OXT  O  N N 249 
MET H    H  N N 250 
MET H2   H  N N 251 
MET HA   H  N N 252 
MET HB2  H  N N 253 
MET HB3  H  N N 254 
MET HG2  H  N N 255 
MET HG3  H  N N 256 
MET HE1  H  N N 257 
MET HE2  H  N N 258 
MET HE3  H  N N 259 
MET HXT  H  N N 260 
NYL C1   C  Y N 261 
NYL C2   C  Y N 262 
NYL C3   C  Y N 263 
NYL N4   N  N N 264 
NYL C5   C  Y N 265 
NYL C6   C  Y N 266 
NYL C7   C  Y N 267 
NYL C13  C  N N 268 
NYL C15  C  N N 269 
NYL C16  C  N N 270 
NYL HC2  H  N N 271 
NYL HC3  H  N N 272 
NYL HN4  H  N N 273 
NYL HC5  H  N N 274 
NYL HC6  H  N N 275 
NYL HC7  H  N N 276 
NYL H131 H  N N 277 
NYL H132 H  N N 278 
NYL H15  H  N N 279 
NYL H161 H  N N 280 
NYL H162 H  N N 281 
PHE N    N  N N 282 
PHE CA   C  N S 283 
PHE C    C  N N 284 
PHE O    O  N N 285 
PHE CB   C  N N 286 
PHE CG   C  Y N 287 
PHE CD1  C  Y N 288 
PHE CD2  C  Y N 289 
PHE CE1  C  Y N 290 
PHE CE2  C  Y N 291 
PHE CZ   C  Y N 292 
PHE OXT  O  N N 293 
PHE H    H  N N 294 
PHE H2   H  N N 295 
PHE HA   H  N N 296 
PHE HB2  H  N N 297 
PHE HB3  H  N N 298 
PHE HD1  H  N N 299 
PHE HD2  H  N N 300 
PHE HE1  H  N N 301 
PHE HE2  H  N N 302 
PHE HZ   H  N N 303 
PHE HXT  H  N N 304 
PRO N    N  N N 305 
PRO CA   C  N S 306 
PRO C    C  N N 307 
PRO O    O  N N 308 
PRO CB   C  N N 309 
PRO CG   C  N N 310 
PRO CD   C  N N 311 
PRO OXT  O  N N 312 
PRO H    H  N N 313 
PRO HA   H  N N 314 
PRO HB2  H  N N 315 
PRO HB3  H  N N 316 
PRO HG2  H  N N 317 
PRO HG3  H  N N 318 
PRO HD2  H  N N 319 
PRO HD3  H  N N 320 
PRO HXT  H  N N 321 
SER N    N  N N 322 
SER CA   C  N S 323 
SER C    C  N N 324 
SER O    O  N N 325 
SER CB   C  N N 326 
SER OG   O  N N 327 
SER OXT  O  N N 328 
SER H    H  N N 329 
SER H2   H  N N 330 
SER HA   H  N N 331 
SER HB2  H  N N 332 
SER HB3  H  N N 333 
SER HG   H  N N 334 
SER HXT  H  N N 335 
THR N    N  N N 336 
THR CA   C  N S 337 
THR C    C  N N 338 
THR O    O  N N 339 
THR CB   C  N R 340 
THR OG1  O  N N 341 
THR CG2  C  N N 342 
THR OXT  O  N N 343 
THR H    H  N N 344 
THR H2   H  N N 345 
THR HA   H  N N 346 
THR HB   H  N N 347 
THR HG1  H  N N 348 
THR HG21 H  N N 349 
THR HG22 H  N N 350 
THR HG23 H  N N 351 
THR HXT  H  N N 352 
TRP N    N  N N 353 
TRP CA   C  N S 354 
TRP C    C  N N 355 
TRP O    O  N N 356 
TRP CB   C  N N 357 
TRP CG   C  Y N 358 
TRP CD1  C  Y N 359 
TRP CD2  C  Y N 360 
TRP NE1  N  Y N 361 
TRP CE2  C  Y N 362 
TRP CE3  C  Y N 363 
TRP CZ2  C  Y N 364 
TRP CZ3  C  Y N 365 
TRP CH2  C  Y N 366 
TRP OXT  O  N N 367 
TRP H    H  N N 368 
TRP H2   H  N N 369 
TRP HA   H  N N 370 
TRP HB2  H  N N 371 
TRP HB3  H  N N 372 
TRP HD1  H  N N 373 
TRP HE1  H  N N 374 
TRP HE3  H  N N 375 
TRP HZ2  H  N N 376 
TRP HZ3  H  N N 377 
TRP HH2  H  N N 378 
TRP HXT  H  N N 379 
TYR N    N  N N 380 
TYR CA   C  N S 381 
TYR C    C  N N 382 
TYR O    O  N N 383 
TYR CB   C  N N 384 
TYR CG   C  Y N 385 
TYR CD1  C  Y N 386 
TYR CD2  C  Y N 387 
TYR CE1  C  Y N 388 
TYR CE2  C  Y N 389 
TYR CZ   C  Y N 390 
TYR OH   O  N N 391 
TYR OXT  O  N N 392 
TYR H    H  N N 393 
TYR H2   H  N N 394 
TYR HA   H  N N 395 
TYR HB2  H  N N 396 
TYR HB3  H  N N 397 
TYR HD1  H  N N 398 
TYR HD2  H  N N 399 
TYR HE1  H  N N 400 
TYR HE2  H  N N 401 
TYR HH   H  N N 402 
TYR HXT  H  N N 403 
VAL N    N  N N 404 
VAL CA   C  N S 405 
VAL C    C  N N 406 
VAL O    O  N N 407 
VAL CB   C  N N 408 
VAL CG1  C  N N 409 
VAL CG2  C  N N 410 
VAL OXT  O  N N 411 
VAL H    H  N N 412 
VAL H2   H  N N 413 
VAL HA   H  N N 414 
VAL HB   H  N N 415 
VAL HG11 H  N N 416 
VAL HG12 H  N N 417 
VAL HG13 H  N N 418 
VAL HG21 H  N N 419 
VAL HG22 H  N N 420 
VAL HG23 H  N N 421 
VAL HXT  H  N N 422 
# 
loop_
_chem_comp_bond.comp_id 
_chem_comp_bond.atom_id_1 
_chem_comp_bond.atom_id_2 
_chem_comp_bond.value_order 
_chem_comp_bond.pdbx_aromatic_flag 
_chem_comp_bond.pdbx_stereo_config 
_chem_comp_bond.pdbx_ordinal 
ALA N   CA   sing N N 1   
ALA N   H    sing N N 2   
ALA N   H2   sing N N 3   
ALA CA  C    sing N N 4   
ALA CA  CB   sing N N 5   
ALA CA  HA   sing N N 6   
ALA C   O    doub N N 7   
ALA C   OXT  sing N N 8   
ALA CB  HB1  sing N N 9   
ALA CB  HB2  sing N N 10  
ALA CB  HB3  sing N N 11  
ALA OXT HXT  sing N N 12  
ARG N   CA   sing N N 13  
ARG N   H    sing N N 14  
ARG N   H2   sing N N 15  
ARG CA  C    sing N N 16  
ARG CA  CB   sing N N 17  
ARG CA  HA   sing N N 18  
ARG C   O    doub N N 19  
ARG C   OXT  sing N N 20  
ARG CB  CG   sing N N 21  
ARG CB  HB2  sing N N 22  
ARG CB  HB3  sing N N 23  
ARG CG  CD   sing N N 24  
ARG CG  HG2  sing N N 25  
ARG CG  HG3  sing N N 26  
ARG CD  NE   sing N N 27  
ARG CD  HD2  sing N N 28  
ARG CD  HD3  sing N N 29  
ARG NE  CZ   sing N N 30  
ARG NE  HE   sing N N 31  
ARG CZ  NH1  sing N N 32  
ARG CZ  NH2  doub N N 33  
ARG NH1 HH11 sing N N 34  
ARG NH1 HH12 sing N N 35  
ARG NH2 HH21 sing N N 36  
ARG NH2 HH22 sing N N 37  
ARG OXT HXT  sing N N 38  
ASN N   CA   sing N N 39  
ASN N   H    sing N N 40  
ASN N   H2   sing N N 41  
ASN CA  C    sing N N 42  
ASN CA  CB   sing N N 43  
ASN CA  HA   sing N N 44  
ASN C   O    doub N N 45  
ASN C   OXT  sing N N 46  
ASN CB  CG   sing N N 47  
ASN CB  HB2  sing N N 48  
ASN CB  HB3  sing N N 49  
ASN CG  OD1  doub N N 50  
ASN CG  ND2  sing N N 51  
ASN ND2 HD21 sing N N 52  
ASN ND2 HD22 sing N N 53  
ASN OXT HXT  sing N N 54  
ASP N   CA   sing N N 55  
ASP N   H    sing N N 56  
ASP N   H2   sing N N 57  
ASP CA  C    sing N N 58  
ASP CA  CB   sing N N 59  
ASP CA  HA   sing N N 60  
ASP C   O    doub N N 61  
ASP C   OXT  sing N N 62  
ASP CB  CG   sing N N 63  
ASP CB  HB2  sing N N 64  
ASP CB  HB3  sing N N 65  
ASP CG  OD1  doub N N 66  
ASP CG  OD2  sing N N 67  
ASP OD2 HD2  sing N N 68  
ASP OXT HXT  sing N N 69  
BME C1  C2   sing N N 70  
BME C1  O1   sing N N 71  
BME C1  H11  sing N N 72  
BME C1  H12  sing N N 73  
BME C2  S2   sing N N 74  
BME C2  H21  sing N N 75  
BME C2  H22  sing N N 76  
BME O1  HO1  sing N N 77  
BME S2  HS2  sing N N 78  
CYS N   CA   sing N N 79  
CYS N   H    sing N N 80  
CYS N   H2   sing N N 81  
CYS CA  C    sing N N 82  
CYS CA  CB   sing N N 83  
CYS CA  HA   sing N N 84  
CYS C   O    doub N N 85  
CYS C   OXT  sing N N 86  
CYS CB  SG   sing N N 87  
CYS CB  HB2  sing N N 88  
CYS CB  HB3  sing N N 89  
CYS SG  HG   sing N N 90  
CYS OXT HXT  sing N N 91  
GLN N   CA   sing N N 92  
GLN N   H    sing N N 93  
GLN N   H2   sing N N 94  
GLN CA  C    sing N N 95  
GLN CA  CB   sing N N 96  
GLN CA  HA   sing N N 97  
GLN C   O    doub N N 98  
GLN C   OXT  sing N N 99  
GLN CB  CG   sing N N 100 
GLN CB  HB2  sing N N 101 
GLN CB  HB3  sing N N 102 
GLN CG  CD   sing N N 103 
GLN CG  HG2  sing N N 104 
GLN CG  HG3  sing N N 105 
GLN CD  OE1  doub N N 106 
GLN CD  NE2  sing N N 107 
GLN NE2 HE21 sing N N 108 
GLN NE2 HE22 sing N N 109 
GLN OXT HXT  sing N N 110 
GLU N   CA   sing N N 111 
GLU N   H    sing N N 112 
GLU N   H2   sing N N 113 
GLU CA  C    sing N N 114 
GLU CA  CB   sing N N 115 
GLU CA  HA   sing N N 116 
GLU C   O    doub N N 117 
GLU C   OXT  sing N N 118 
GLU CB  CG   sing N N 119 
GLU CB  HB2  sing N N 120 
GLU CB  HB3  sing N N 121 
GLU CG  CD   sing N N 122 
GLU CG  HG2  sing N N 123 
GLU CG  HG3  sing N N 124 
GLU CD  OE1  doub N N 125 
GLU CD  OE2  sing N N 126 
GLU OE2 HE2  sing N N 127 
GLU OXT HXT  sing N N 128 
GLY N   CA   sing N N 129 
GLY N   H    sing N N 130 
GLY N   H2   sing N N 131 
GLY CA  C    sing N N 132 
GLY CA  HA2  sing N N 133 
GLY CA  HA3  sing N N 134 
GLY C   O    doub N N 135 
GLY C   OXT  sing N N 136 
GLY OXT HXT  sing N N 137 
HIS N   CA   sing N N 138 
HIS N   H    sing N N 139 
HIS N   H2   sing N N 140 
HIS CA  C    sing N N 141 
HIS CA  CB   sing N N 142 
HIS CA  HA   sing N N 143 
HIS C   O    doub N N 144 
HIS C   OXT  sing N N 145 
HIS CB  CG   sing N N 146 
HIS CB  HB2  sing N N 147 
HIS CB  HB3  sing N N 148 
HIS CG  ND1  sing Y N 149 
HIS CG  CD2  doub Y N 150 
HIS ND1 CE1  doub Y N 151 
HIS ND1 HD1  sing N N 152 
HIS CD2 NE2  sing Y N 153 
HIS CD2 HD2  sing N N 154 
HIS CE1 NE2  sing Y N 155 
HIS CE1 HE1  sing N N 156 
HIS NE2 HE2  sing N N 157 
HIS OXT HXT  sing N N 158 
HOH O   H1   sing N N 159 
HOH O   H2   sing N N 160 
ILE N   CA   sing N N 161 
ILE N   H    sing N N 162 
ILE N   H2   sing N N 163 
ILE CA  C    sing N N 164 
ILE CA  CB   sing N N 165 
ILE CA  HA   sing N N 166 
ILE C   O    doub N N 167 
ILE C   OXT  sing N N 168 
ILE CB  CG1  sing N N 169 
ILE CB  CG2  sing N N 170 
ILE CB  HB   sing N N 171 
ILE CG1 CD1  sing N N 172 
ILE CG1 HG12 sing N N 173 
ILE CG1 HG13 sing N N 174 
ILE CG2 HG21 sing N N 175 
ILE CG2 HG22 sing N N 176 
ILE CG2 HG23 sing N N 177 
ILE CD1 HD11 sing N N 178 
ILE CD1 HD12 sing N N 179 
ILE CD1 HD13 sing N N 180 
ILE OXT HXT  sing N N 181 
LEU N   CA   sing N N 182 
LEU N   H    sing N N 183 
LEU N   H2   sing N N 184 
LEU CA  C    sing N N 185 
LEU CA  CB   sing N N 186 
LEU CA  HA   sing N N 187 
LEU C   O    doub N N 188 
LEU C   OXT  sing N N 189 
LEU CB  CG   sing N N 190 
LEU CB  HB2  sing N N 191 
LEU CB  HB3  sing N N 192 
LEU CG  CD1  sing N N 193 
LEU CG  CD2  sing N N 194 
LEU CG  HG   sing N N 195 
LEU CD1 HD11 sing N N 196 
LEU CD1 HD12 sing N N 197 
LEU CD1 HD13 sing N N 198 
LEU CD2 HD21 sing N N 199 
LEU CD2 HD22 sing N N 200 
LEU CD2 HD23 sing N N 201 
LEU OXT HXT  sing N N 202 
LYS N   CA   sing N N 203 
LYS N   H    sing N N 204 
LYS N   H2   sing N N 205 
LYS CA  C    sing N N 206 
LYS CA  CB   sing N N 207 
LYS CA  HA   sing N N 208 
LYS C   O    doub N N 209 
LYS C   OXT  sing N N 210 
LYS CB  CG   sing N N 211 
LYS CB  HB2  sing N N 212 
LYS CB  HB3  sing N N 213 
LYS CG  CD   sing N N 214 
LYS CG  HG2  sing N N 215 
LYS CG  HG3  sing N N 216 
LYS CD  CE   sing N N 217 
LYS CD  HD2  sing N N 218 
LYS CD  HD3  sing N N 219 
LYS CE  NZ   sing N N 220 
LYS CE  HE2  sing N N 221 
LYS CE  HE3  sing N N 222 
LYS NZ  HZ1  sing N N 223 
LYS NZ  HZ2  sing N N 224 
LYS NZ  HZ3  sing N N 225 
LYS OXT HXT  sing N N 226 
MET N   CA   sing N N 227 
MET N   H    sing N N 228 
MET N   H2   sing N N 229 
MET CA  C    sing N N 230 
MET CA  CB   sing N N 231 
MET CA  HA   sing N N 232 
MET C   O    doub N N 233 
MET C   OXT  sing N N 234 
MET CB  CG   sing N N 235 
MET CB  HB2  sing N N 236 
MET CB  HB3  sing N N 237 
MET CG  SD   sing N N 238 
MET CG  HG2  sing N N 239 
MET CG  HG3  sing N N 240 
MET SD  CE   sing N N 241 
MET CE  HE1  sing N N 242 
MET CE  HE2  sing N N 243 
MET CE  HE3  sing N N 244 
MET OXT HXT  sing N N 245 
NYL C1  C2   doub Y N 246 
NYL C1  C3   sing Y N 247 
NYL C1  N4   sing N N 248 
NYL C2  C5   sing Y N 249 
NYL C2  HC2  sing N N 250 
NYL C3  C6   doub Y N 251 
NYL C3  HC3  sing N N 252 
NYL N4  C13  sing N N 253 
NYL N4  HN4  sing N N 254 
NYL C5  C7   doub Y N 255 
NYL C5  HC5  sing N N 256 
NYL C6  C7   sing Y N 257 
NYL C6  HC6  sing N N 258 
NYL C7  HC7  sing N N 259 
NYL C13 C15  sing N N 260 
NYL C13 H131 sing N N 261 
NYL C13 H132 sing N N 262 
NYL C15 C16  doub N N 263 
NYL C15 H15  sing N N 264 
NYL C16 H161 sing N N 265 
NYL C16 H162 sing N N 266 
PHE N   CA   sing N N 267 
PHE N   H    sing N N 268 
PHE N   H2   sing N N 269 
PHE CA  C    sing N N 270 
PHE CA  CB   sing N N 271 
PHE CA  HA   sing N N 272 
PHE C   O    doub N N 273 
PHE C   OXT  sing N N 274 
PHE CB  CG   sing N N 275 
PHE CB  HB2  sing N N 276 
PHE CB  HB3  sing N N 277 
PHE CG  CD1  doub Y N 278 
PHE CG  CD2  sing Y N 279 
PHE CD1 CE1  sing Y N 280 
PHE CD1 HD1  sing N N 281 
PHE CD2 CE2  doub Y N 282 
PHE CD2 HD2  sing N N 283 
PHE CE1 CZ   doub Y N 284 
PHE CE1 HE1  sing N N 285 
PHE CE2 CZ   sing Y N 286 
PHE CE2 HE2  sing N N 287 
PHE CZ  HZ   sing N N 288 
PHE OXT HXT  sing N N 289 
PRO N   CA   sing N N 290 
PRO N   CD   sing N N 291 
PRO N   H    sing N N 292 
PRO CA  C    sing N N 293 
PRO CA  CB   sing N N 294 
PRO CA  HA   sing N N 295 
PRO C   O    doub N N 296 
PRO C   OXT  sing N N 297 
PRO CB  CG   sing N N 298 
PRO CB  HB2  sing N N 299 
PRO CB  HB3  sing N N 300 
PRO CG  CD   sing N N 301 
PRO CG  HG2  sing N N 302 
PRO CG  HG3  sing N N 303 
PRO CD  HD2  sing N N 304 
PRO CD  HD3  sing N N 305 
PRO OXT HXT  sing N N 306 
SER N   CA   sing N N 307 
SER N   H    sing N N 308 
SER N   H2   sing N N 309 
SER CA  C    sing N N 310 
SER CA  CB   sing N N 311 
SER CA  HA   sing N N 312 
SER C   O    doub N N 313 
SER C   OXT  sing N N 314 
SER CB  OG   sing N N 315 
SER CB  HB2  sing N N 316 
SER CB  HB3  sing N N 317 
SER OG  HG   sing N N 318 
SER OXT HXT  sing N N 319 
THR N   CA   sing N N 320 
THR N   H    sing N N 321 
THR N   H2   sing N N 322 
THR CA  C    sing N N 323 
THR CA  CB   sing N N 324 
THR CA  HA   sing N N 325 
THR C   O    doub N N 326 
THR C   OXT  sing N N 327 
THR CB  OG1  sing N N 328 
THR CB  CG2  sing N N 329 
THR CB  HB   sing N N 330 
THR OG1 HG1  sing N N 331 
THR CG2 HG21 sing N N 332 
THR CG2 HG22 sing N N 333 
THR CG2 HG23 sing N N 334 
THR OXT HXT  sing N N 335 
TRP N   CA   sing N N 336 
TRP N   H    sing N N 337 
TRP N   H2   sing N N 338 
TRP CA  C    sing N N 339 
TRP CA  CB   sing N N 340 
TRP CA  HA   sing N N 341 
TRP C   O    doub N N 342 
TRP C   OXT  sing N N 343 
TRP CB  CG   sing N N 344 
TRP CB  HB2  sing N N 345 
TRP CB  HB3  sing N N 346 
TRP CG  CD1  doub Y N 347 
TRP CG  CD2  sing Y N 348 
TRP CD1 NE1  sing Y N 349 
TRP CD1 HD1  sing N N 350 
TRP CD2 CE2  doub Y N 351 
TRP CD2 CE3  sing Y N 352 
TRP NE1 CE2  sing Y N 353 
TRP NE1 HE1  sing N N 354 
TRP CE2 CZ2  sing Y N 355 
TRP CE3 CZ3  doub Y N 356 
TRP CE3 HE3  sing N N 357 
TRP CZ2 CH2  doub Y N 358 
TRP CZ2 HZ2  sing N N 359 
TRP CZ3 CH2  sing Y N 360 
TRP CZ3 HZ3  sing N N 361 
TRP CH2 HH2  sing N N 362 
TRP OXT HXT  sing N N 363 
TYR N   CA   sing N N 364 
TYR N   H    sing N N 365 
TYR N   H2   sing N N 366 
TYR CA  C    sing N N 367 
TYR CA  CB   sing N N 368 
TYR CA  HA   sing N N 369 
TYR C   O    doub N N 370 
TYR C   OXT  sing N N 371 
TYR CB  CG   sing N N 372 
TYR CB  HB2  sing N N 373 
TYR CB  HB3  sing N N 374 
TYR CG  CD1  doub Y N 375 
TYR CG  CD2  sing Y N 376 
TYR CD1 CE1  sing Y N 377 
TYR CD1 HD1  sing N N 378 
TYR CD2 CE2  doub Y N 379 
TYR CD2 HD2  sing N N 380 
TYR CE1 CZ   doub Y N 381 
TYR CE1 HE1  sing N N 382 
TYR CE2 CZ   sing Y N 383 
TYR CE2 HE2  sing N N 384 
TYR CZ  OH   sing N N 385 
TYR OH  HH   sing N N 386 
TYR OXT HXT  sing N N 387 
VAL N   CA   sing N N 388 
VAL N   H    sing N N 389 
VAL N   H2   sing N N 390 
VAL CA  C    sing N N 391 
VAL CA  CB   sing N N 392 
VAL CA  HA   sing N N 393 
VAL C   O    doub N N 394 
VAL C   OXT  sing N N 395 
VAL CB  CG1  sing N N 396 
VAL CB  CG2  sing N N 397 
VAL CB  HB   sing N N 398 
VAL CG1 HG11 sing N N 399 
VAL CG1 HG12 sing N N 400 
VAL CG1 HG13 sing N N 401 
VAL CG2 HG21 sing N N 402 
VAL CG2 HG22 sing N N 403 
VAL CG2 HG23 sing N N 404 
VAL OXT HXT  sing N N 405 
# 
loop_
_pdbx_entity_nonpoly.entity_id 
_pdbx_entity_nonpoly.name 
_pdbx_entity_nonpoly.comp_id 
2 'CHLORIDE ION'       CL  
3 BETA-MERCAPTOETHANOL BME 
4 N-ALLYL-ANILINE      NYL 
5 water                HOH 
# 
_pdbx_initial_refinement_model.id               1 
_pdbx_initial_refinement_model.entity_id_list   ? 
_pdbx_initial_refinement_model.type             'experimental model' 
_pdbx_initial_refinement_model.source_name      PDB 
_pdbx_initial_refinement_model.accession_code   1LGU 
_pdbx_initial_refinement_model.details          'PDB entry 1LGU' 
# 
